data_7Y86
# 
_entry.id   7Y86 
# 
_audit_conform.dict_name       mmcif_pdbx.dic 
_audit_conform.dict_version    5.380 
_audit_conform.dict_location   http://mmcif.pdb.org/dictionaries/ascii/mmcif_pdbx.dic 
# 
loop_
_database_2.database_id 
_database_2.database_code 
_database_2.pdbx_database_accession 
_database_2.pdbx_DOI 
PDB   7Y86         pdb_00007y86 10.2210/pdb7y86/pdb 
WWPDB D_1300030416 ?            ?                   
# 
_pdbx_database_status.status_code                     REL 
_pdbx_database_status.status_code_sf                  REL 
_pdbx_database_status.status_code_mr                  ? 
_pdbx_database_status.entry_id                        7Y86 
_pdbx_database_status.recvd_initial_deposition_date   2022-06-22 
_pdbx_database_status.SG_entry                        N 
_pdbx_database_status.deposit_site                    PDBJ 
_pdbx_database_status.process_site                    PDBJ 
_pdbx_database_status.status_code_cs                  ? 
_pdbx_database_status.status_code_nmr_data            ? 
_pdbx_database_status.methods_development_category    ? 
_pdbx_database_status.pdb_format_compatible           Y 
# 
loop_
_audit_author.name 
_audit_author.pdbx_ordinal 
_audit_author.identifier_ORCID 
'Tang, J.S.' 1 ? 
'Ran, T.T.'  2 ? 
'Wang, W.W.' 3 ? 
'Fan, H.J.'  4 ? 
# 
_citation.abstract                  ? 
_citation.abstract_id_CAS           ? 
_citation.book_id_ISBN              ? 
_citation.book_publisher            ? 
_citation.book_publisher_city       ? 
_citation.book_title                ? 
_citation.coordinate_linkage        ? 
_citation.country                   UK 
_citation.database_id_Medline       ? 
_citation.details                   ? 
_citation.id                        primary 
_citation.journal_abbrev            'Nat Commun' 
_citation.journal_id_ASTM           ? 
_citation.journal_id_CSD            ? 
_citation.journal_id_ISSN           2041-1723 
_citation.journal_full              ? 
_citation.journal_issue             ? 
_citation.journal_volume            14 
_citation.language                  ? 
_citation.page_first                2480 
_citation.page_last                 2480 
_citation.title                     'A link between STK signalling and capsular polysaccharide synthesis in Streptococcus suis.' 
_citation.year                      2023 
_citation.database_id_CSD           ? 
_citation.pdbx_database_id_DOI      10.1038/s41467-023-38210-4 
_citation.pdbx_database_id_PubMed   37120581 
_citation.pdbx_database_id_patent   ? 
_citation.unpublished_flag          ? 
# 
loop_
_citation_author.citation_id 
_citation_author.name 
_citation_author.ordinal 
_citation_author.identifier_ORCID 
primary 'Tang, J.' 1 0000-0002-7188-8858 
primary 'Guo, M.'  2 0009-0002-2095-3258 
primary 'Chen, M.' 3 ?                   
primary 'Xu, B.'   4 ?                   
primary 'Ran, T.'  5 ?                   
primary 'Wang, W.' 6 ?                   
primary 'Ma, Z.'   7 ?                   
primary 'Lin, H.'  8 ?                   
primary 'Fan, H.'  9 0000-0002-3001-0133 
# 
_cell.angle_alpha                  90.000 
_cell.angle_alpha_esd              ? 
_cell.angle_beta                   90.000 
_cell.angle_beta_esd               ? 
_cell.angle_gamma                  90.000 
_cell.angle_gamma_esd              ? 
_cell.entry_id                     7Y86 
_cell.details                      ? 
_cell.formula_units_Z              ? 
_cell.length_a                     44.958 
_cell.length_a_esd                 ? 
_cell.length_b                     49.082 
_cell.length_b_esd                 ? 
_cell.length_c                     102.581 
_cell.length_c_esd                 ? 
_cell.volume                       226358.164 
_cell.volume_esd                   ? 
_cell.Z_PDB                        8 
_cell.reciprocal_angle_alpha       ? 
_cell.reciprocal_angle_beta        ? 
_cell.reciprocal_angle_gamma       ? 
_cell.reciprocal_angle_alpha_esd   ? 
_cell.reciprocal_angle_beta_esd    ? 
_cell.reciprocal_angle_gamma_esd   ? 
_cell.reciprocal_length_a          ? 
_cell.reciprocal_length_b          ? 
_cell.reciprocal_length_c          ? 
_cell.reciprocal_length_a_esd      ? 
_cell.reciprocal_length_b_esd      ? 
_cell.reciprocal_length_c_esd      ? 
_cell.pdbx_unique_axis             ? 
_cell.pdbx_esd_method              ? 
# 
_symmetry.entry_id                         7Y86 
_symmetry.cell_setting                     ? 
_symmetry.Int_Tables_number                19 
_symmetry.space_group_name_Hall            'P 2ac 2ab' 
_symmetry.space_group_name_H-M             'P 21 21 21' 
_symmetry.pdbx_full_space_group_name_H-M   ? 
# 
loop_
_entity.id 
_entity.type 
_entity.src_method 
_entity.pdbx_description 
_entity.formula_weight 
_entity.pdbx_number_of_molecules 
_entity.pdbx_ec 
_entity.pdbx_mutation 
_entity.pdbx_fragment 
_entity.details 
1 polymer man 'UPF0297 protein A7J08_00425' 10499.669 2   ? ? ? ? 
2 water   nat water                         18.015    234 ? ? ? ? 
# 
_entity_poly.entity_id                      1 
_entity_poly.type                           'polypeptide(L)' 
_entity_poly.nstd_linkage                   no 
_entity_poly.nstd_monomer                   no 
_entity_poly.pdbx_seq_one_letter_code       
;GMGFEEEEVRFRLDDTDKQEISKTLTSVYRSLEEKGYNPINQIIGYVLSGDPAYIPRYNDARNQIRKHERDEIIEELVRY
YLKGNGIDL
;
_entity_poly.pdbx_seq_one_letter_code_can   
;GMGFEEEEVRFRLDDTDKQEISKTLTSVYRSLEEKGYNPINQIIGYVLSGDPAYIPRYNDARNQIRKHERDEIIEELVRY
YLKGNGIDL
;
_entity_poly.pdbx_strand_id                 A,B 
_entity_poly.pdbx_target_identifier         ? 
# 
loop_
_entity_poly_seq.entity_id 
_entity_poly_seq.num 
_entity_poly_seq.mon_id 
_entity_poly_seq.hetero 
1 1  GLY n 
1 2  MET n 
1 3  GLY n 
1 4  PHE n 
1 5  GLU n 
1 6  GLU n 
1 7  GLU n 
1 8  GLU n 
1 9  VAL n 
1 10 ARG n 
1 11 PHE n 
1 12 ARG n 
1 13 LEU n 
1 14 ASP n 
1 15 ASP n 
1 16 THR n 
1 17 ASP n 
1 18 LYS n 
1 19 GLN n 
1 20 GLU n 
1 21 ILE n 
1 22 SER n 
1 23 LYS n 
1 24 THR n 
1 25 LEU n 
1 26 THR n 
1 27 SER n 
1 28 VAL n 
1 29 TYR n 
1 30 ARG n 
1 31 SER n 
1 32 LEU n 
1 33 GLU n 
1 34 GLU n 
1 35 LYS n 
1 36 GLY n 
1 37 TYR n 
1 38 ASN n 
1 39 PRO n 
1 40 ILE n 
1 41 ASN n 
1 42 GLN n 
1 43 ILE n 
1 44 ILE n 
1 45 GLY n 
1 46 TYR n 
1 47 VAL n 
1 48 LEU n 
1 49 SER n 
1 50 GLY n 
1 51 ASP n 
1 52 PRO n 
1 53 ALA n 
1 54 TYR n 
1 55 ILE n 
1 56 PRO n 
1 57 ARG n 
1 58 TYR n 
1 59 ASN n 
1 60 ASP n 
1 61 ALA n 
1 62 ARG n 
1 63 ASN n 
1 64 GLN n 
1 65 ILE n 
1 66 ARG n 
1 67 LYS n 
1 68 HIS n 
1 69 GLU n 
1 70 ARG n 
1 71 ASP n 
1 72 GLU n 
1 73 ILE n 
1 74 ILE n 
1 75 GLU n 
1 76 GLU n 
1 77 LEU n 
1 78 VAL n 
1 79 ARG n 
1 80 TYR n 
1 81 TYR n 
1 82 LEU n 
1 83 LYS n 
1 84 GLY n 
1 85 ASN n 
1 86 GLY n 
1 87 ILE n 
1 88 ASP n 
1 89 LEU n 
# 
_entity_src_gen.entity_id                          1 
_entity_src_gen.pdbx_src_id                        1 
_entity_src_gen.pdbx_alt_source_flag               sample 
_entity_src_gen.pdbx_seq_type                      'Biological sequence' 
_entity_src_gen.pdbx_beg_seq_num                   1 
_entity_src_gen.pdbx_end_seq_num                   89 
_entity_src_gen.gene_src_common_name               ? 
_entity_src_gen.gene_src_genus                     ? 
_entity_src_gen.pdbx_gene_src_gene                 
;A7J08_00425, APQ97_00335, BKM67_00415, DAT299_00590, DAT300_00590, DF184_00385, DP112_00390, E8L09_09180, E8M06_00415, EI993_07725, ERS132356_01127, ERS132370_01942, ERS132372_02013, ERS132374_01629, ERS132389_01056, ERS132393_01831, ERS132399_01807, ERS132406_01864, ERS132410_02099, ERS132417_01758, ERS132421_02063, ERS132427_01991, ERS132440_00037, ERS132441_01121, ERS132442_01629, ERS132444_01898, ERS132452_01291, ERS132453_01607, ERS132457_01187, ERS132462_01903, ERS132522_01747, ERS132536_02055, ERS132551_01632, ERS156295_01913, FAJ36_09955, FAJ40_03240, FH688_09640, FH691_09925, FH692_09625, FH693_09180, HU146_07120, I5V48_00400, JZY07_00375, XK26_09590
;
_entity_src_gen.gene_src_species                   ? 
_entity_src_gen.gene_src_strain                    ? 
_entity_src_gen.gene_src_tissue                    ? 
_entity_src_gen.gene_src_tissue_fraction           ? 
_entity_src_gen.gene_src_details                   ? 
_entity_src_gen.pdbx_gene_src_fragment             ? 
_entity_src_gen.pdbx_gene_src_scientific_name      'Streptococcus suis' 
_entity_src_gen.pdbx_gene_src_ncbi_taxonomy_id     1307 
_entity_src_gen.pdbx_gene_src_variant              ? 
_entity_src_gen.pdbx_gene_src_cell_line            ? 
_entity_src_gen.pdbx_gene_src_atcc                 ? 
_entity_src_gen.pdbx_gene_src_organ                ? 
_entity_src_gen.pdbx_gene_src_organelle            ? 
_entity_src_gen.pdbx_gene_src_cell                 ? 
_entity_src_gen.pdbx_gene_src_cellular_location    ? 
_entity_src_gen.host_org_common_name               ? 
_entity_src_gen.pdbx_host_org_scientific_name      'Escherichia coli B' 
_entity_src_gen.pdbx_host_org_ncbi_taxonomy_id     37762 
_entity_src_gen.host_org_genus                     ? 
_entity_src_gen.pdbx_host_org_gene                 ? 
_entity_src_gen.pdbx_host_org_organ                ? 
_entity_src_gen.host_org_species                   ? 
_entity_src_gen.pdbx_host_org_tissue               ? 
_entity_src_gen.pdbx_host_org_tissue_fraction      ? 
_entity_src_gen.pdbx_host_org_strain               ? 
_entity_src_gen.pdbx_host_org_variant              ? 
_entity_src_gen.pdbx_host_org_cell_line            ? 
_entity_src_gen.pdbx_host_org_atcc                 ? 
_entity_src_gen.pdbx_host_org_culture_collection   ? 
_entity_src_gen.pdbx_host_org_cell                 ? 
_entity_src_gen.pdbx_host_org_organelle            ? 
_entity_src_gen.pdbx_host_org_cellular_location    ? 
_entity_src_gen.pdbx_host_org_vector_type          ? 
_entity_src_gen.pdbx_host_org_vector               ? 
_entity_src_gen.host_org_details                   ? 
_entity_src_gen.expression_system_id               ? 
_entity_src_gen.plasmid_name                       ? 
_entity_src_gen.plasmid_details                    ? 
_entity_src_gen.pdbx_description                   ? 
# 
_struct_ref.id                         1 
_struct_ref.db_name                    UNP 
_struct_ref.db_code                    A0A0K2E3A3_STRSU 
_struct_ref.pdbx_db_accession          A0A0K2E3A3 
_struct_ref.pdbx_db_isoform            ? 
_struct_ref.entity_id                  1 
_struct_ref.pdbx_seq_one_letter_code   
;VRFRLDDTDKQEISKTLTSVYRSLEEKGYNPINQIIGYVLSGDPAYIPRYNDARNQIRKHERDEIIEELVRYYLKGNGID
L
;
_struct_ref.pdbx_align_begin           8 
# 
loop_
_struct_ref_seq.align_id 
_struct_ref_seq.ref_id 
_struct_ref_seq.pdbx_PDB_id_code 
_struct_ref_seq.pdbx_strand_id 
_struct_ref_seq.seq_align_beg 
_struct_ref_seq.pdbx_seq_align_beg_ins_code 
_struct_ref_seq.seq_align_end 
_struct_ref_seq.pdbx_seq_align_end_ins_code 
_struct_ref_seq.pdbx_db_accession 
_struct_ref_seq.db_align_beg 
_struct_ref_seq.pdbx_db_align_beg_ins_code 
_struct_ref_seq.db_align_end 
_struct_ref_seq.pdbx_db_align_end_ins_code 
_struct_ref_seq.pdbx_auth_seq_align_beg 
_struct_ref_seq.pdbx_auth_seq_align_end 
1 1 7Y86 A 9 ? 89 ? A0A0K2E3A3 8 ? 88 ? 8 88 
2 1 7Y86 B 9 ? 89 ? A0A0K2E3A3 8 ? 88 ? 8 88 
# 
loop_
_struct_ref_seq_dif.align_id 
_struct_ref_seq_dif.pdbx_pdb_id_code 
_struct_ref_seq_dif.mon_id 
_struct_ref_seq_dif.pdbx_pdb_strand_id 
_struct_ref_seq_dif.seq_num 
_struct_ref_seq_dif.pdbx_pdb_ins_code 
_struct_ref_seq_dif.pdbx_seq_db_name 
_struct_ref_seq_dif.pdbx_seq_db_accession_code 
_struct_ref_seq_dif.db_mon_id 
_struct_ref_seq_dif.pdbx_seq_db_seq_num 
_struct_ref_seq_dif.details 
_struct_ref_seq_dif.pdbx_auth_seq_num 
_struct_ref_seq_dif.pdbx_ordinal 
1 7Y86 GLY A 1 ? UNP A0A0K2E3A3 ? ? 'expression tag' 0 1  
1 7Y86 MET A 2 ? UNP A0A0K2E3A3 ? ? 'expression tag' 1 2  
1 7Y86 GLY A 3 ? UNP A0A0K2E3A3 ? ? 'expression tag' 2 3  
1 7Y86 PHE A 4 ? UNP A0A0K2E3A3 ? ? 'expression tag' 3 4  
1 7Y86 GLU A 5 ? UNP A0A0K2E3A3 ? ? 'expression tag' 4 5  
1 7Y86 GLU A 6 ? UNP A0A0K2E3A3 ? ? 'expression tag' 5 6  
1 7Y86 GLU A 7 ? UNP A0A0K2E3A3 ? ? 'expression tag' 6 7  
1 7Y86 GLU A 8 ? UNP A0A0K2E3A3 ? ? 'expression tag' 7 8  
2 7Y86 GLY B 1 ? UNP A0A0K2E3A3 ? ? 'expression tag' 0 9  
2 7Y86 MET B 2 ? UNP A0A0K2E3A3 ? ? 'expression tag' 1 10 
2 7Y86 GLY B 3 ? UNP A0A0K2E3A3 ? ? 'expression tag' 2 11 
2 7Y86 PHE B 4 ? UNP A0A0K2E3A3 ? ? 'expression tag' 3 12 
2 7Y86 GLU B 5 ? UNP A0A0K2E3A3 ? ? 'expression tag' 4 13 
2 7Y86 GLU B 6 ? UNP A0A0K2E3A3 ? ? 'expression tag' 5 14 
2 7Y86 GLU B 7 ? UNP A0A0K2E3A3 ? ? 'expression tag' 6 15 
2 7Y86 GLU B 8 ? UNP A0A0K2E3A3 ? ? 'expression tag' 7 16 
# 
loop_
_chem_comp.id 
_chem_comp.type 
_chem_comp.mon_nstd_flag 
_chem_comp.name 
_chem_comp.pdbx_synonyms 
_chem_comp.formula 
_chem_comp.formula_weight 
ALA 'L-peptide linking' y ALANINE         ? 'C3 H7 N O2'     89.093  
ARG 'L-peptide linking' y ARGININE        ? 'C6 H15 N4 O2 1' 175.209 
ASN 'L-peptide linking' y ASPARAGINE      ? 'C4 H8 N2 O3'    132.118 
ASP 'L-peptide linking' y 'ASPARTIC ACID' ? 'C4 H7 N O4'     133.103 
GLN 'L-peptide linking' y GLUTAMINE       ? 'C5 H10 N2 O3'   146.144 
GLU 'L-peptide linking' y 'GLUTAMIC ACID' ? 'C5 H9 N O4'     147.129 
GLY 'peptide linking'   y GLYCINE         ? 'C2 H5 N O2'     75.067  
HIS 'L-peptide linking' y HISTIDINE       ? 'C6 H10 N3 O2 1' 156.162 
HOH non-polymer         . WATER           ? 'H2 O'           18.015  
ILE 'L-peptide linking' y ISOLEUCINE      ? 'C6 H13 N O2'    131.173 
LEU 'L-peptide linking' y LEUCINE         ? 'C6 H13 N O2'    131.173 
LYS 'L-peptide linking' y LYSINE          ? 'C6 H15 N2 O2 1' 147.195 
MET 'L-peptide linking' y METHIONINE      ? 'C5 H11 N O2 S'  149.211 
PHE 'L-peptide linking' y PHENYLALANINE   ? 'C9 H11 N O2'    165.189 
PRO 'L-peptide linking' y PROLINE         ? 'C5 H9 N O2'     115.130 
SER 'L-peptide linking' y SERINE          ? 'C3 H7 N O3'     105.093 
THR 'L-peptide linking' y THREONINE       ? 'C4 H9 N O3'     119.119 
TYR 'L-peptide linking' y TYROSINE        ? 'C9 H11 N O3'    181.189 
VAL 'L-peptide linking' y VALINE          ? 'C5 H11 N O2'    117.146 
# 
_exptl.absorpt_coefficient_mu     ? 
_exptl.absorpt_correction_T_max   ? 
_exptl.absorpt_correction_T_min   ? 
_exptl.absorpt_correction_type    ? 
_exptl.absorpt_process_details    ? 
_exptl.entry_id                   7Y86 
_exptl.crystals_number            1 
_exptl.details                    ? 
_exptl.method                     'X-RAY DIFFRACTION' 
_exptl.method_details             ? 
# 
_exptl_crystal.colour                       ? 
_exptl_crystal.density_diffrn               ? 
_exptl_crystal.density_Matthews             2.69 
_exptl_crystal.density_method               ? 
_exptl_crystal.density_percent_sol          54.36 
_exptl_crystal.description                  ? 
_exptl_crystal.F_000                        ? 
_exptl_crystal.id                           1 
_exptl_crystal.preparation                  ? 
_exptl_crystal.size_max                     ? 
_exptl_crystal.size_mid                     ? 
_exptl_crystal.size_min                     ? 
_exptl_crystal.size_rad                     ? 
_exptl_crystal.colour_lustre                ? 
_exptl_crystal.colour_modifier              ? 
_exptl_crystal.colour_primary               ? 
_exptl_crystal.density_meas                 ? 
_exptl_crystal.density_meas_esd             ? 
_exptl_crystal.density_meas_gt              ? 
_exptl_crystal.density_meas_lt              ? 
_exptl_crystal.density_meas_temp            ? 
_exptl_crystal.density_meas_temp_esd        ? 
_exptl_crystal.density_meas_temp_gt         ? 
_exptl_crystal.density_meas_temp_lt         ? 
_exptl_crystal.pdbx_crystal_image_url       ? 
_exptl_crystal.pdbx_crystal_image_format    ? 
_exptl_crystal.pdbx_mosaicity               ? 
_exptl_crystal.pdbx_mosaicity_esd           ? 
_exptl_crystal.pdbx_mosaic_method           ? 
_exptl_crystal.pdbx_mosaic_block_size       ? 
_exptl_crystal.pdbx_mosaic_block_size_esd   ? 
# 
_exptl_crystal_grow.apparatus       ? 
_exptl_crystal_grow.atmosphere      ? 
_exptl_crystal_grow.crystal_id      1 
_exptl_crystal_grow.details         ? 
_exptl_crystal_grow.method          'VAPOR DIFFUSION, SITTING DROP' 
_exptl_crystal_grow.method_ref      ? 
_exptl_crystal_grow.pH              ? 
_exptl_crystal_grow.pressure        ? 
_exptl_crystal_grow.pressure_esd    ? 
_exptl_crystal_grow.seeding         ? 
_exptl_crystal_grow.seeding_ref     ? 
_exptl_crystal_grow.temp            277 
_exptl_crystal_grow.temp_details    ? 
_exptl_crystal_grow.temp_esd        ? 
_exptl_crystal_grow.time            ? 
_exptl_crystal_grow.pdbx_details    PEG 
_exptl_crystal_grow.pdbx_pH_range   ? 
# 
_diffrn.ambient_environment              ? 
_diffrn.ambient_temp                     100 
_diffrn.ambient_temp_details             ? 
_diffrn.ambient_temp_esd                 ? 
_diffrn.crystal_id                       1 
_diffrn.crystal_support                  ? 
_diffrn.crystal_treatment                ? 
_diffrn.details                          ? 
_diffrn.id                               1 
_diffrn.ambient_pressure                 ? 
_diffrn.ambient_pressure_esd             ? 
_diffrn.ambient_pressure_gt              ? 
_diffrn.ambient_pressure_lt              ? 
_diffrn.ambient_temp_gt                  ? 
_diffrn.ambient_temp_lt                  ? 
_diffrn.pdbx_serial_crystal_experiment   N 
# 
_diffrn_detector.details                      ? 
_diffrn_detector.detector                     PIXEL 
_diffrn_detector.diffrn_id                    1 
_diffrn_detector.type                         'DECTRIS EIGER X 16M' 
_diffrn_detector.area_resol_mean              ? 
_diffrn_detector.dtime                        ? 
_diffrn_detector.pdbx_frames_total            ? 
_diffrn_detector.pdbx_collection_time_total   ? 
_diffrn_detector.pdbx_collection_date         2022-01-14 
_diffrn_detector.pdbx_frequency               ? 
# 
_diffrn_radiation.collimation                      ? 
_diffrn_radiation.diffrn_id                        1 
_diffrn_radiation.filter_edge                      ? 
_diffrn_radiation.inhomogeneity                    ? 
_diffrn_radiation.monochromator                    ? 
_diffrn_radiation.polarisn_norm                    ? 
_diffrn_radiation.polarisn_ratio                   ? 
_diffrn_radiation.probe                            ? 
_diffrn_radiation.type                             ? 
_diffrn_radiation.xray_symbol                      ? 
_diffrn_radiation.wavelength_id                    1 
_diffrn_radiation.pdbx_monochromatic_or_laue_m_l   M 
_diffrn_radiation.pdbx_wavelength_list             ? 
_diffrn_radiation.pdbx_wavelength                  ? 
_diffrn_radiation.pdbx_diffrn_protocol             'SINGLE WAVELENGTH' 
_diffrn_radiation.pdbx_analyzer                    ? 
_diffrn_radiation.pdbx_scattering_type             x-ray 
# 
_diffrn_radiation_wavelength.id           1 
_diffrn_radiation_wavelength.wavelength   0.97918 
_diffrn_radiation_wavelength.wt           1.0 
# 
_diffrn_source.current                     ? 
_diffrn_source.details                     ? 
_diffrn_source.diffrn_id                   1 
_diffrn_source.power                       ? 
_diffrn_source.size                        ? 
_diffrn_source.source                      SYNCHROTRON 
_diffrn_source.target                      ? 
_diffrn_source.type                        'SSRF BEAMLINE BL02U1' 
_diffrn_source.voltage                     ? 
_diffrn_source.take-off_angle              ? 
_diffrn_source.pdbx_wavelength_list        0.97918 
_diffrn_source.pdbx_wavelength             ? 
_diffrn_source.pdbx_synchrotron_beamline   BL02U1 
_diffrn_source.pdbx_synchrotron_site       SSRF 
# 
_reflns.B_iso_Wilson_estimate                          ? 
_reflns.entry_id                                       7Y86 
_reflns.data_reduction_details                         ? 
_reflns.data_reduction_method                          ? 
_reflns.d_resolution_high                              1.50 
_reflns.d_resolution_low                               102 
_reflns.details                                        ? 
_reflns.limit_h_max                                    ? 
_reflns.limit_h_min                                    ? 
_reflns.limit_k_max                                    ? 
_reflns.limit_k_min                                    ? 
_reflns.limit_l_max                                    ? 
_reflns.limit_l_min                                    ? 
_reflns.number_all                                     ? 
_reflns.number_obs                                     36862 
_reflns.observed_criterion                             ? 
_reflns.observed_criterion_F_max                       ? 
_reflns.observed_criterion_F_min                       ? 
_reflns.observed_criterion_I_max                       ? 
_reflns.observed_criterion_I_min                       ? 
_reflns.observed_criterion_sigma_F                     ? 
_reflns.observed_criterion_sigma_I                     ? 
_reflns.percent_possible_obs                           99.2 
_reflns.R_free_details                                 ? 
_reflns.Rmerge_F_all                                   ? 
_reflns.Rmerge_F_obs                                   ? 
_reflns.Friedel_coverage                               ? 
_reflns.number_gt                                      ? 
_reflns.threshold_expression                           ? 
_reflns.pdbx_redundancy                                11.1 
_reflns.pdbx_Rmerge_I_obs                              ? 
_reflns.pdbx_Rmerge_I_all                              ? 
_reflns.pdbx_Rsym_value                                ? 
_reflns.pdbx_netI_over_av_sigmaI                       ? 
_reflns.pdbx_netI_over_sigmaI                          9.9 
_reflns.pdbx_res_netI_over_av_sigmaI_2                 ? 
_reflns.pdbx_res_netI_over_sigmaI_2                    ? 
_reflns.pdbx_chi_squared                               ? 
_reflns.pdbx_scaling_rejects                           ? 
_reflns.pdbx_d_res_high_opt                            ? 
_reflns.pdbx_d_res_low_opt                             ? 
_reflns.pdbx_d_res_opt_method                          ? 
_reflns.phase_calculation_details                      ? 
_reflns.pdbx_Rrim_I_all                                ? 
_reflns.pdbx_Rpim_I_all                                0.036 
_reflns.pdbx_d_opt                                     ? 
_reflns.pdbx_number_measured_all                       ? 
_reflns.pdbx_diffrn_id                                 1 
_reflns.pdbx_ordinal                                   1 
_reflns.pdbx_CC_half                                   0.998 
_reflns.pdbx_CC_star                                   ? 
_reflns.pdbx_R_split                                   ? 
_reflns.pdbx_aniso_diffraction_limit_axis_1_ortho[1]   ? 
_reflns.pdbx_aniso_diffraction_limit_axis_1_ortho[2]   ? 
_reflns.pdbx_aniso_diffraction_limit_axis_1_ortho[3]   ? 
_reflns.pdbx_aniso_diffraction_limit_axis_2_ortho[1]   ? 
_reflns.pdbx_aniso_diffraction_limit_axis_2_ortho[2]   ? 
_reflns.pdbx_aniso_diffraction_limit_axis_2_ortho[3]   ? 
_reflns.pdbx_aniso_diffraction_limit_axis_3_ortho[1]   ? 
_reflns.pdbx_aniso_diffraction_limit_axis_3_ortho[2]   ? 
_reflns.pdbx_aniso_diffraction_limit_axis_3_ortho[3]   ? 
_reflns.pdbx_aniso_diffraction_limit_1                 ? 
_reflns.pdbx_aniso_diffraction_limit_2                 ? 
_reflns.pdbx_aniso_diffraction_limit_3                 ? 
_reflns.pdbx_aniso_B_tensor_eigenvector_1_ortho[1]     ? 
_reflns.pdbx_aniso_B_tensor_eigenvector_1_ortho[2]     ? 
_reflns.pdbx_aniso_B_tensor_eigenvector_1_ortho[3]     ? 
_reflns.pdbx_aniso_B_tensor_eigenvector_2_ortho[1]     ? 
_reflns.pdbx_aniso_B_tensor_eigenvector_2_ortho[2]     ? 
_reflns.pdbx_aniso_B_tensor_eigenvector_2_ortho[3]     ? 
_reflns.pdbx_aniso_B_tensor_eigenvector_3_ortho[1]     ? 
_reflns.pdbx_aniso_B_tensor_eigenvector_3_ortho[2]     ? 
_reflns.pdbx_aniso_B_tensor_eigenvector_3_ortho[3]     ? 
_reflns.pdbx_aniso_B_tensor_eigenvalue_1               ? 
_reflns.pdbx_aniso_B_tensor_eigenvalue_2               ? 
_reflns.pdbx_aniso_B_tensor_eigenvalue_3               ? 
_reflns.pdbx_orthogonalization_convention              ? 
_reflns.pdbx_percent_possible_ellipsoidal              ? 
_reflns.pdbx_percent_possible_spherical                ? 
_reflns.pdbx_percent_possible_ellipsoidal_anomalous    ? 
_reflns.pdbx_percent_possible_spherical_anomalous      ? 
_reflns.pdbx_redundancy_anomalous                      ? 
_reflns.pdbx_CC_half_anomalous                         ? 
_reflns.pdbx_absDiff_over_sigma_anomalous              ? 
_reflns.pdbx_percent_possible_anomalous                ? 
_reflns.pdbx_observed_signal_threshold                 ? 
_reflns.pdbx_signal_type                               ? 
_reflns.pdbx_signal_details                            ? 
_reflns.pdbx_signal_software_id                        ? 
_reflns.pdbx_CC_split_method                           ? 
# 
_reflns_shell.d_res_high                                    1.50 
_reflns_shell.d_res_low                                     1.54 
_reflns_shell.meanI_over_sigI_all                           ? 
_reflns_shell.meanI_over_sigI_obs                           0.9 
_reflns_shell.number_measured_all                           ? 
_reflns_shell.number_measured_obs                           ? 
_reflns_shell.number_possible                               ? 
_reflns_shell.number_unique_all                             ? 
_reflns_shell.number_unique_obs                             2442 
_reflns_shell.percent_possible_all                          ? 
_reflns_shell.percent_possible_obs                          ? 
_reflns_shell.Rmerge_F_all                                  ? 
_reflns_shell.Rmerge_F_obs                                  ? 
_reflns_shell.Rmerge_I_all                                  ? 
_reflns_shell.Rmerge_I_obs                                  ? 
_reflns_shell.meanI_over_sigI_gt                            ? 
_reflns_shell.meanI_over_uI_all                             ? 
_reflns_shell.meanI_over_uI_gt                              ? 
_reflns_shell.number_measured_gt                            ? 
_reflns_shell.number_unique_gt                              ? 
_reflns_shell.percent_possible_gt                           ? 
_reflns_shell.Rmerge_F_gt                                   ? 
_reflns_shell.Rmerge_I_gt                                   ? 
_reflns_shell.pdbx_redundancy                               ? 
_reflns_shell.pdbx_Rsym_value                               ? 
_reflns_shell.pdbx_chi_squared                              ? 
_reflns_shell.pdbx_netI_over_sigmaI_all                     ? 
_reflns_shell.pdbx_netI_over_sigmaI_obs                     ? 
_reflns_shell.pdbx_Rrim_I_all                               ? 
_reflns_shell.pdbx_Rpim_I_all                               0.773 
_reflns_shell.pdbx_rejects                                  ? 
_reflns_shell.pdbx_ordinal                                  1 
_reflns_shell.pdbx_diffrn_id                                1 
_reflns_shell.pdbx_CC_half                                  0.29 
_reflns_shell.pdbx_CC_star                                  ? 
_reflns_shell.pdbx_R_split                                  ? 
_reflns_shell.pdbx_percent_possible_ellipsoidal             ? 
_reflns_shell.pdbx_percent_possible_spherical               ? 
_reflns_shell.pdbx_percent_possible_ellipsoidal_anomalous   ? 
_reflns_shell.pdbx_percent_possible_spherical_anomalous     ? 
_reflns_shell.pdbx_redundancy_anomalous                     ? 
_reflns_shell.pdbx_CC_half_anomalous                        ? 
_reflns_shell.pdbx_absDiff_over_sigma_anomalous             ? 
_reflns_shell.pdbx_percent_possible_anomalous               ? 
# 
_refine.aniso_B[1][1]                            ? 
_refine.aniso_B[1][2]                            ? 
_refine.aniso_B[1][3]                            ? 
_refine.aniso_B[2][2]                            ? 
_refine.aniso_B[2][3]                            ? 
_refine.aniso_B[3][3]                            ? 
_refine.B_iso_max                                ? 
_refine.B_iso_mean                               25.27 
_refine.B_iso_min                                ? 
_refine.correlation_coeff_Fo_to_Fc               ? 
_refine.correlation_coeff_Fo_to_Fc_free          ? 
_refine.details                                  ? 
_refine.diff_density_max                         ? 
_refine.diff_density_max_esd                     ? 
_refine.diff_density_min                         ? 
_refine.diff_density_min_esd                     ? 
_refine.diff_density_rms                         ? 
_refine.diff_density_rms_esd                     ? 
_refine.entry_id                                 7Y86 
_refine.pdbx_refine_id                           'X-RAY DIFFRACTION' 
_refine.ls_abs_structure_details                 ? 
_refine.ls_abs_structure_Flack                   ? 
_refine.ls_abs_structure_Flack_esd               ? 
_refine.ls_abs_structure_Rogers                  ? 
_refine.ls_abs_structure_Rogers_esd              ? 
_refine.ls_d_res_high                            1.50 
_refine.ls_d_res_low                             28.06 
_refine.ls_extinction_coef                       ? 
_refine.ls_extinction_coef_esd                   ? 
_refine.ls_extinction_expression                 ? 
_refine.ls_extinction_method                     ? 
_refine.ls_goodness_of_fit_all                   ? 
_refine.ls_goodness_of_fit_all_esd               ? 
_refine.ls_goodness_of_fit_obs                   ? 
_refine.ls_goodness_of_fit_obs_esd               ? 
_refine.ls_hydrogen_treatment                    ? 
_refine.ls_matrix_type                           ? 
_refine.ls_number_constraints                    ? 
_refine.ls_number_parameters                     ? 
_refine.ls_number_reflns_all                     ? 
_refine.ls_number_reflns_obs                     36761 
_refine.ls_number_reflns_R_free                  ? 
_refine.ls_number_reflns_R_work                  ? 
_refine.ls_number_restraints                     ? 
_refine.ls_percent_reflns_obs                    98.95 
_refine.ls_percent_reflns_R_free                 ? 
_refine.ls_R_factor_all                          ? 
_refine.ls_R_factor_obs                          ? 
_refine.ls_R_factor_R_free                       0.2168 
_refine.ls_R_factor_R_free_error                 ? 
_refine.ls_R_factor_R_free_error_details         ? 
_refine.ls_R_factor_R_work                       0.1936 
_refine.ls_R_Fsqd_factor_obs                     ? 
_refine.ls_R_I_factor_obs                        ? 
_refine.ls_redundancy_reflns_all                 ? 
_refine.ls_redundancy_reflns_obs                 ? 
_refine.ls_restrained_S_all                      ? 
_refine.ls_restrained_S_obs                      ? 
_refine.ls_shift_over_esd_max                    ? 
_refine.ls_shift_over_esd_mean                   ? 
_refine.ls_structure_factor_coef                 ? 
_refine.ls_weighting_details                     ? 
_refine.ls_weighting_scheme                      ? 
_refine.ls_wR_factor_all                         ? 
_refine.ls_wR_factor_obs                         ? 
_refine.ls_wR_factor_R_free                      ? 
_refine.ls_wR_factor_R_work                      ? 
_refine.occupancy_max                            ? 
_refine.occupancy_min                            ? 
_refine.solvent_model_details                    ? 
_refine.solvent_model_param_bsol                 ? 
_refine.solvent_model_param_ksol                 ? 
_refine.pdbx_R_complete                          ? 
_refine.ls_R_factor_gt                           ? 
_refine.ls_goodness_of_fit_gt                    ? 
_refine.ls_goodness_of_fit_ref                   ? 
_refine.ls_shift_over_su_max                     ? 
_refine.ls_shift_over_su_max_lt                  ? 
_refine.ls_shift_over_su_mean                    ? 
_refine.ls_shift_over_su_mean_lt                 ? 
_refine.pdbx_ls_sigma_I                          ? 
_refine.pdbx_ls_sigma_F                          ? 
_refine.pdbx_ls_sigma_Fsqd                       ? 
_refine.pdbx_data_cutoff_high_absF               ? 
_refine.pdbx_data_cutoff_high_rms_absF           ? 
_refine.pdbx_data_cutoff_low_absF                ? 
_refine.pdbx_isotropic_thermal_model             ? 
_refine.pdbx_ls_cross_valid_method               'FREE R-VALUE' 
_refine.pdbx_method_to_determine_struct          'MOLECULAR REPLACEMENT' 
_refine.pdbx_starting_model                      5us5 
_refine.pdbx_stereochemistry_target_values       'GeoStd + Monomer Library + CDL v1.2' 
_refine.pdbx_R_Free_selection_details            ? 
_refine.pdbx_stereochem_target_val_spec_case     ? 
_refine.pdbx_overall_ESU_R                       ? 
_refine.pdbx_overall_ESU_R_Free                  ? 
_refine.pdbx_solvent_vdw_probe_radii             ? 
_refine.pdbx_solvent_ion_probe_radii             ? 
_refine.pdbx_solvent_shrinkage_radii             ? 
_refine.pdbx_real_space_R                        ? 
_refine.pdbx_density_correlation                 ? 
_refine.pdbx_pd_number_of_powder_patterns        ? 
_refine.pdbx_pd_number_of_points                 ? 
_refine.pdbx_pd_meas_number_of_points            ? 
_refine.pdbx_pd_proc_ls_prof_R_factor            ? 
_refine.pdbx_pd_proc_ls_prof_wR_factor           ? 
_refine.pdbx_pd_Marquardt_correlation_coeff      ? 
_refine.pdbx_pd_Fsqrd_R_factor                   ? 
_refine.pdbx_pd_ls_matrix_band_width             ? 
_refine.pdbx_overall_phase_error                 ? 
_refine.pdbx_overall_SU_R_free_Cruickshank_DPI   ? 
_refine.pdbx_overall_SU_R_free_Blow_DPI          ? 
_refine.pdbx_overall_SU_R_Blow_DPI               ? 
_refine.pdbx_TLS_residual_ADP_flag               ? 
_refine.pdbx_diffrn_id                           1 
_refine.overall_SU_B                             ? 
_refine.overall_SU_ML                            ? 
_refine.overall_SU_R_Cruickshank_DPI             ? 
_refine.overall_SU_R_free                        ? 
_refine.overall_FOM_free_R_set                   ? 
_refine.overall_FOM_work_R_set                   ? 
_refine.pdbx_average_fsc_overall                 ? 
_refine.pdbx_average_fsc_work                    ? 
_refine.pdbx_average_fsc_free                    ? 
# 
_refine_hist.pdbx_refine_id                   'X-RAY DIFFRACTION' 
_refine_hist.cycle_id                         LAST 
_refine_hist.details                          ? 
_refine_hist.d_res_high                       1.50 
_refine_hist.d_res_low                        28.06 
_refine_hist.number_atoms_solvent             234 
_refine_hist.number_atoms_total               1606 
_refine_hist.number_reflns_all                ? 
_refine_hist.number_reflns_obs                ? 
_refine_hist.number_reflns_R_free             ? 
_refine_hist.number_reflns_R_work             ? 
_refine_hist.R_factor_all                     ? 
_refine_hist.R_factor_obs                     ? 
_refine_hist.R_factor_R_free                  ? 
_refine_hist.R_factor_R_work                  ? 
_refine_hist.pdbx_number_residues_total       ? 
_refine_hist.pdbx_B_iso_mean_ligand           ? 
_refine_hist.pdbx_B_iso_mean_solvent          ? 
_refine_hist.pdbx_number_atoms_protein        1372 
_refine_hist.pdbx_number_atoms_nucleic_acid   0 
_refine_hist.pdbx_number_atoms_ligand         0 
_refine_hist.pdbx_number_atoms_lipid          ? 
_refine_hist.pdbx_number_atoms_carb           ? 
_refine_hist.pdbx_pseudo_atom_details         ? 
# 
loop_
_refine_ls_restr.pdbx_refine_id 
_refine_ls_restr.criterion 
_refine_ls_restr.dev_ideal 
_refine_ls_restr.dev_ideal_target 
_refine_ls_restr.number 
_refine_ls_restr.rejects 
_refine_ls_restr.type 
_refine_ls_restr.weight 
_refine_ls_restr.pdbx_restraint_function 
'X-RAY DIFFRACTION' ? 0.0070  ? 1400 ? f_bond_d           ? ? 
'X-RAY DIFFRACTION' ? 0.8750  ? 1890 ? f_angle_d          ? ? 
'X-RAY DIFFRACTION' ? 0.0626  ? 202  ? f_chiral_restr     ? ? 
'X-RAY DIFFRACTION' ? 0.0043  ? 251  ? f_plane_restr      ? ? 
'X-RAY DIFFRACTION' ? 19.2640 ? 866  ? f_dihedral_angle_d ? ? 
# 
_struct.entry_id                     7Y86 
_struct.title                        'CcpS mutant' 
_struct.pdbx_model_details           ? 
_struct.pdbx_formula_weight          ? 
_struct.pdbx_formula_weight_method   ? 
_struct.pdbx_model_type_details      ? 
_struct.pdbx_CASP_flag               N 
# 
_struct_keywords.entry_id        7Y86 
_struct_keywords.text            'CcpS, mutant, GENE REGULATION' 
_struct_keywords.pdbx_keywords   'GENE REGULATION' 
# 
loop_
_struct_asym.id 
_struct_asym.pdbx_blank_PDB_chainid_flag 
_struct_asym.pdbx_modified 
_struct_asym.entity_id 
_struct_asym.details 
A N N 1 ? 
B N N 1 ? 
C N N 2 ? 
D N N 2 ? 
# 
loop_
_struct_conf.conf_type_id 
_struct_conf.id 
_struct_conf.pdbx_PDB_helix_id 
_struct_conf.beg_label_comp_id 
_struct_conf.beg_label_asym_id 
_struct_conf.beg_label_seq_id 
_struct_conf.pdbx_beg_PDB_ins_code 
_struct_conf.end_label_comp_id 
_struct_conf.end_label_asym_id 
_struct_conf.end_label_seq_id 
_struct_conf.pdbx_end_PDB_ins_code 
_struct_conf.beg_auth_comp_id 
_struct_conf.beg_auth_asym_id 
_struct_conf.beg_auth_seq_id 
_struct_conf.end_auth_comp_id 
_struct_conf.end_auth_asym_id 
_struct_conf.end_auth_seq_id 
_struct_conf.pdbx_PDB_helix_class 
_struct_conf.details 
_struct_conf.pdbx_PDB_helix_length 
HELX_P HELX_P1  AA1 GLU A 20 ? LYS A 35 ? GLU A 19 LYS A 34 1 ? 16 
HELX_P HELX_P2  AA2 ASN A 38 ? GLY A 50 ? ASN A 37 GLY A 49 1 ? 13 
HELX_P HELX_P3  AA3 ASP A 51 ? ILE A 55 ? ASP A 50 ILE A 54 5 ? 5  
HELX_P HELX_P4  AA4 ARG A 57 ? ASN A 59 ? ARG A 56 ASN A 58 5 ? 3  
HELX_P HELX_P5  AA5 ASP A 60 ? LYS A 67 ? ASP A 59 LYS A 66 1 ? 8  
HELX_P HELX_P6  AA6 GLU A 69 ? ASN A 85 ? GLU A 68 ASN A 84 1 ? 17 
HELX_P HELX_P7  AA7 GLU B 20 ? LYS B 35 ? GLU B 19 LYS B 34 1 ? 16 
HELX_P HELX_P8  AA8 ASN B 38 ? GLY B 50 ? ASN B 37 GLY B 49 1 ? 13 
HELX_P HELX_P9  AA9 ASP B 51 ? ILE B 55 ? ASP B 50 ILE B 54 5 ? 5  
HELX_P HELX_P10 AB1 ARG B 57 ? ASN B 59 ? ARG B 56 ASN B 58 5 ? 3  
HELX_P HELX_P11 AB2 ASP B 60 ? ARG B 66 ? ASP B 59 ARG B 65 1 ? 7  
HELX_P HELX_P12 AB3 GLU B 69 ? ASN B 85 ? GLU B 68 ASN B 84 1 ? 17 
# 
_struct_conf_type.id          HELX_P 
_struct_conf_type.criteria    ? 
_struct_conf_type.reference   ? 
# 
_atom_sites.entry_id                    7Y86 
_atom_sites.Cartn_transf_matrix[1][1]   ? 
_atom_sites.Cartn_transf_matrix[1][2]   ? 
_atom_sites.Cartn_transf_matrix[1][3]   ? 
_atom_sites.Cartn_transf_matrix[2][1]   ? 
_atom_sites.Cartn_transf_matrix[2][2]   ? 
_atom_sites.Cartn_transf_matrix[2][3]   ? 
_atom_sites.Cartn_transf_matrix[3][1]   ? 
_atom_sites.Cartn_transf_matrix[3][2]   ? 
_atom_sites.Cartn_transf_matrix[3][3]   ? 
_atom_sites.Cartn_transf_vector[1]      ? 
_atom_sites.Cartn_transf_vector[2]      ? 
_atom_sites.Cartn_transf_vector[3]      ? 
_atom_sites.fract_transf_matrix[1][1]   0.01386498 
_atom_sites.fract_transf_matrix[1][2]   0.00329006 
_atom_sites.fract_transf_matrix[1][3]   0.01707890 
_atom_sites.fract_transf_matrix[2][1]   -0.00247255 
_atom_sites.fract_transf_matrix[2][2]   -0.01939092 
_atom_sites.fract_transf_matrix[2][3]   0.00574271 
_atom_sites.fract_transf_matrix[3][1]   0.00753009 
_atom_sites.fract_transf_matrix[3][2]   -0.00262105 
_atom_sites.fract_transf_matrix[3][3]   -0.00560815 
_atom_sites.fract_transf_vector[1]      0.414740 
_atom_sites.fract_transf_vector[2]      0.024520 
_atom_sites.fract_transf_vector[3]      0.129798 
_atom_sites.solution_primary            ? 
_atom_sites.solution_secondary          ? 
_atom_sites.solution_hydrogens          ? 
_atom_sites.special_details             ? 
# 
loop_
_atom_type.symbol 
C 
N 
O 
# 
loop_
_atom_site.group_PDB 
_atom_site.id 
_atom_site.type_symbol 
_atom_site.label_atom_id 
_atom_site.label_alt_id 
_atom_site.label_comp_id 
_atom_site.label_asym_id 
_atom_site.label_entity_id 
_atom_site.label_seq_id 
_atom_site.pdbx_PDB_ins_code 
_atom_site.Cartn_x 
_atom_site.Cartn_y 
_atom_site.Cartn_z 
_atom_site.occupancy 
_atom_site.B_iso_or_equiv 
_atom_site.pdbx_formal_charge 
_atom_site.auth_seq_id 
_atom_site.auth_comp_id 
_atom_site.auth_asym_id 
_atom_site.auth_atom_id 
_atom_site.pdbx_PDB_model_num 
ATOM   1    N N   . VAL A 1 9  ? -18.68983 25.32182  19.05990  1.000 53.69000 ? 8   VAL A N   1 
ATOM   2    C CA  . VAL A 1 9  ? -18.09111 24.03159  18.71820  1.000 54.93000 ? 8   VAL A CA  1 
ATOM   3    C C   . VAL A 1 9  ? -16.78791 24.21679  17.94625  1.000 50.28000 ? 8   VAL A C   1 
ATOM   4    O O   . VAL A 1 9  ? -16.21265 23.24988  17.44802  1.000 52.04000 ? 8   VAL A O   1 
ATOM   5    C CB  . VAL A 1 9  ? -19.07161 23.16891  17.90916  1.000 57.51000 ? 8   VAL A CB  1 
ATOM   6    C CG1 . VAL A 1 9  ? -20.28384 22.81168  18.76022  1.000 64.15000 ? 8   VAL A CG1 1 
ATOM   7    C CG2 . VAL A 1 9  ? -19.49564 23.90173  16.64967  1.000 57.87000 ? 8   VAL A CG2 1 
ATOM   8    N N   . ARG A 1 10 ? -16.33297 25.47079  17.84588  1.000 48.96000 ? 9   ARG A N   1 
ATOM   9    C CA  . ARG A 1 10 ? -15.06279 25.75966  17.18626  1.000 44.87000 ? 9   ARG A CA  1 
ATOM   10   C C   . ARG A 1 10 ? -13.88695 25.11819  17.91419  1.000 45.54000 ? 9   ARG A C   1 
ATOM   11   O O   . ARG A 1 10 ? -12.89737 24.73639  17.27815  1.000 40.31000 ? 9   ARG A O   1 
ATOM   12   C CB  . ARG A 1 10 ? -14.84186 27.26909  17.09902  1.000 42.26000 ? 9   ARG A CB  1 
ATOM   13   C CG  . ARG A 1 10 ? -15.44443 27.95216  15.88205  1.000 44.48000 ? 9   ARG A CG  1 
ATOM   14   C CD  . ARG A 1 10 ? -15.06006 29.42647  15.87076  1.000 45.23000 ? 9   ARG A CD  1 
ATOM   15   N NE  . ARG A 1 10 ? -15.42946 30.07956  17.12580  1.000 46.04000 ? 9   ARG A NE  1 
ATOM   16   C CZ  . ARG A 1 10 ? -15.06612 31.30931  17.47173  1.000 43.10000 ? 9   ARG A CZ  1 
ATOM   17   N NH1 . ARG A 1 10 ? -14.31439 32.03694  16.65487  1.000 43.31000 ? 9   ARG A NH1 1 
ATOM   18   N NH2 . ARG A 1 10 ? -15.45481 31.81225  18.63721  1.000 41.16000 ? 9   ARG A NH2 1 
ATOM   19   N N   . PHE A 1 11 ? -13.96463 25.01485  19.23831  1.000 46.32000 ? 10  PHE A N   1 
ATOM   20   C CA  . PHE A 1 11 ? -12.86119 24.55079  20.07290  1.000 41.54000 ? 10  PHE A CA  1 
ATOM   21   C C   . PHE A 1 11 ? -13.13814 23.15092  20.61950  1.000 40.96000 ? 10  PHE A C   1 
ATOM   22   O O   . PHE A 1 11 ? -12.85269 22.84607  21.78142  1.000 40.36000 ? 10  PHE A O   1 
ATOM   23   C CB  . PHE A 1 11 ? -12.59999 25.55124  21.19711  1.000 37.45000 ? 10  PHE A CB  1 
ATOM   24   C CG  . PHE A 1 11 ? -12.69904 26.98958  20.75690  1.000 35.43000 ? 10  PHE A CG  1 
ATOM   25   C CD1 . PHE A 1 11 ? -11.95632 27.45403  19.67897  1.000 32.34000 ? 10  PHE A CD1 1 
ATOM   26   C CD2 . PHE A 1 11 ? -13.53965 27.87298  21.41240  1.000 38.01000 ? 10  PHE A CD2 1 
ATOM   27   C CE1 . PHE A 1 11 ? -12.05213 28.76918  19.26767  1.000 36.04000 ? 10  PHE A CE1 1 
ATOM   28   C CE2 . PHE A 1 11 ? -13.63831 29.19430  21.01004  1.000 37.05000 ? 10  PHE A CE2 1 
ATOM   29   C CZ  . PHE A 1 11 ? -12.89245 29.64384  19.93634  1.000 37.77000 ? 10  PHE A CZ  1 
ATOM   30   N N   . ARG A 1 12 ? -13.70855 22.28813  19.76668  1.000 43.64000 ? 11  ARG A N   1 
ATOM   31   C CA  . ARG A 1 12 ? -14.08503 20.92295  20.13213  1.000 41.73000 ? 11  ARG A CA  1 
ATOM   32   C C   . ARG A 1 12 ? -12.97922 19.90716  19.91718  1.000 39.64000 ? 11  ARG A C   1 
ATOM   33   O O   . ARG A 1 12 ? -12.95779 18.87804  20.60596  1.000 40.96000 ? 11  ARG A O   1 
ATOM   34   C CB  . ARG A 1 12 ? -15.29176 20.43049  19.31561  1.000 49.12000 ? 11  ARG A CB  1 
ATOM   35   C CG  . ARG A 1 12 ? -16.67394 20.85573  19.83352  1.000 54.68000 ? 11  ARG A CG  1 
ATOM   36   C CD  . ARG A 1 12 ? -16.78064 20.75795  21.37679  1.000 52.77000 ? 11  ARG A CD  1 
ATOM   37   N NE  . ARG A 1 12 ? -16.64486 22.07304  21.98739  1.000 54.87000 ? 11  ARG A NE  1 
ATOM   38   C CZ  . ARG A 1 12 ? -17.01120 22.38447  23.22893  1.000 55.15000 ? 11  ARG A CZ  1 
ATOM   39   N NH1 . ARG A 1 12 ? -16.82490 23.61284  23.67847  1.000 56.08000 ? 11  ARG A NH1 1 
ATOM   40   N NH2 . ARG A 1 12 ? -17.54143 21.45682  24.03343  1.000 53.98000 ? 11  ARG A NH2 1 
ATOM   41   N N   . LEU A 1 13 ? -12.10271 20.14176  18.94032  1.000 34.42000 ? 12  LEU A N   1 
ATOM   42   C CA  . LEU A 1 13 ? -11.13274 19.13822  18.50249  1.000 31.00000 ? 12  LEU A CA  1 
ATOM   43   C C   . LEU A 1 13 ? -9.96892  19.09820  19.49288  1.000 30.59000 ? 12  LEU A C   1 
ATOM   44   O O   . LEU A 1 13 ? -8.85393  19.55980  19.22552  1.000 24.56000 ? 12  LEU A O   1 
ATOM   45   C CB  . LEU A 1 13 ? -10.66339 19.43700  17.08452  1.000 31.73000 ? 12  LEU A CB  1 
ATOM   46   C CG  . LEU A 1 13 ? -11.74819 19.49724  16.00133  1.000 32.75000 ? 12  LEU A CG  1 
ATOM   47   C CD1 . LEU A 1 13 ? -11.12911 19.75765  14.64242  1.000 30.68000 ? 12  LEU A CD1 1 
ATOM   48   C CD2 . LEU A 1 13 ? -12.57011 18.21561  15.98167  1.000 34.30000 ? 12  LEU A CD2 1 
ATOM   49   N N   . ASP A 1 14 ? -10.25299 18.51358  20.66052  1.000 28.28000 ? 13  ASP A N   1 
ATOM   50   C CA  . ASP A 1 14 ? -9.30141  18.47599  21.76284  1.000 26.60000 ? 13  ASP A CA  1 
ATOM   51   C C   . ASP A 1 14 ? -8.40638  17.24805  21.73773  1.000 27.74000 ? 13  ASP A C   1 
ATOM   52   O O   . ASP A 1 14 ? -7.63202  17.04842  22.67783  1.000 33.49000 ? 13  ASP A O   1 
ATOM   53   C CB  . ASP A 1 14 ? -10.02829 18.54841  23.10998  1.000 30.09000 ? 13  ASP A CB  1 
ATOM   54   C CG  . ASP A 1 14 ? -11.18975 17.58198  23.21019  1.000 37.05000 ? 13  ASP A CG  1 
ATOM   55   O OD1 . ASP A 1 14 ? -11.04528 16.42269  22.77445  1.000 31.60000 ? 13  ASP A OD1 1 
ATOM   56   O OD2 . ASP A 1 14 ? -12.24892 17.98370  23.74521  1.000 43.75000 ? 13  ASP A OD2 1 
ATOM   57   N N   . ASP A 1 15 ? -8.49674  16.42094  20.69411  1.000 28.00000 ? 14  ASP A N   1 
ATOM   58   C CA  . ASP A 1 15 ? -7.63838  15.24504  20.54157  1.000 28.96000 ? 14  ASP A CA  1 
ATOM   59   C C   . ASP A 1 15 ? -7.19916  15.19468  19.08119  1.000 30.09000 ? 14  ASP A C   1 
ATOM   60   O O   . ASP A 1 15 ? -7.94629  14.72202  18.21723  1.000 35.20000 ? 14  ASP A O   1 
ATOM   61   C CB  . ASP A 1 15 ? -8.35796  13.96582  20.95021  1.000 31.68000 ? 14  ASP A CB  1 
ATOM   62   C CG  . ASP A 1 15 ? -7.45510  12.74548  20.89383  1.000 36.98000 ? 14  ASP A CG  1 
ATOM   63   O OD1 . ASP A 1 15 ? -6.26250  12.89178  20.54605  1.000 32.47000 ? 14  ASP A OD1 1 
ATOM   64   O OD2 . ASP A 1 15 ? -7.93711  11.63429  21.20225  1.000 42.50000 ? 14  ASP A OD2 1 
ATOM   65   N N   . THR A 1 16 ? -5.98646  15.67000  18.80999  1.000 23.01000 ? 15  THR A N   1 
ATOM   66   C CA  . THR A 1 16 ? -5.45285  15.69320  17.45415  1.000 21.23000 ? 15  THR A CA  1 
ATOM   67   C C   . THR A 1 16 ? -4.55806  14.49563  17.15901  1.000 17.65000 ? 15  THR A C   1 
ATOM   68   O O   . THR A 1 16 ? -3.84941  14.50445  16.14573  1.000 18.81000 ? 15  THR A O   1 
ATOM   69   C CB  . THR A 1 16 ? -4.69457  16.99810  17.19149  1.000 19.47000 ? 15  THR A CB  1 
ATOM   70   O OG1 . THR A 1 16 ? -3.60259  17.11398  18.12032  1.000 18.75000 ? 15  THR A OG1 1 
ATOM   71   C CG2 . THR A 1 16 ? -5.62929  18.20928  17.33801  1.000 20.69000 ? 15  THR A CG2 1 
ATOM   72   N N   . ASP A 1 17 ? -4.56434  13.47591  18.01304  1.000 21.85000 ? 16  ASP A N   1 
ATOM   73   C CA  . ASP A 1 17 ? -3.95780  12.20108  17.64509  1.000 21.52000 ? 16  ASP A CA  1 
ATOM   74   C C   . ASP A 1 17 ? -4.62322  11.66717  16.37888  1.000 20.46000 ? 16  ASP A C   1 
ATOM   75   O O   . ASP A 1 17 ? -5.83103  11.81744  16.18177  1.000 24.79000 ? 16  ASP A O   1 
ATOM   76   C CB  . ASP A 1 17 ? -4.10649  11.18655  18.78173  1.000 26.89000 ? 16  ASP A CB  1 
ATOM   77   C CG  . ASP A 1 17 ? -3.15844  11.45068  19.94341  1.000 31.51000 ? 16  ASP A CG  1 
ATOM   78   O OD1 . ASP A 1 17 ? -2.47461  12.49339  19.95189  1.000 30.25000 ? 16  ASP A OD1 1 
ATOM   79   O OD2 . ASP A 1 17 ? -3.10061  10.60368  20.86189  1.000 35.61000 ? 16  ASP A OD2 1 
ATOM   80   N N   . LYS A 1 18 ? -3.82616  11.05369  15.51268  1.000 21.41000 ? 17  LYS A N   1 
ATOM   81   C CA  . LYS A 1 18 ? -4.35891  10.55163  14.25504  1.000 20.48000 ? 17  LYS A CA  1 
ATOM   82   C C   . LYS A 1 18 ? -5.37547  9.44757   14.50636  1.000 22.47000 ? 17  LYS A C   1 
ATOM   83   O O   . LYS A 1 18 ? -5.23789  8.65537   15.44200  1.000 23.45000 ? 17  LYS A O   1 
ATOM   84   C CB  . LYS A 1 18 ? -3.22632  10.03019  13.37222  1.000 21.55000 ? 17  LYS A CB  1 
ATOM   85   C CG  . LYS A 1 18 ? -2.29922  11.11472  12.86388  1.000 21.87000 ? 17  LYS A CG  1 
ATOM   86   C CD  . LYS A 1 18 ? -1.14730  10.48911  12.11307  1.000 23.91000 ? 17  LYS A CD  1 
ATOM   87   C CE  . LYS A 1 18 ? -0.24155  11.51650  11.50544  1.000 27.03000 ? 17  LYS A CE  1 
ATOM   88   N NZ  . LYS A 1 18 ? 0.96721   10.87717  10.92080  1.000 29.89000 ? 17  LYS A NZ  1 
ATOM   89   N N   . GLN A 1 19 ? -6.41276  9.40206   13.67196  1.000 20.54000 ? 18  GLN A N   1 
ATOM   90   C CA  . GLN A 1 19 ? -7.36689  8.30956   13.74794  1.000 19.90000 ? 18  GLN A CA  1 
ATOM   91   C C   . GLN A 1 19 ? -6.86439  7.15002   12.89787  1.000 21.44000 ? 18  GLN A C   1 
ATOM   92   O O   . GLN A 1 19 ? -5.82457  7.23862   12.23982  1.000 22.20000 ? 18  GLN A O   1 
ATOM   93   C CB  . GLN A 1 19 ? -8.75371  8.76778   13.30733  1.000 26.74000 ? 18  GLN A CB  1 
ATOM   94   C CG  . GLN A 1 19 ? -8.85813  9.11884   11.84368  1.000 25.02000 ? 18  GLN A CG  1 
ATOM   95   C CD  . GLN A 1 19 ? -10.26612 9.53758   11.44870  1.000 27.88000 ? 18  GLN A CD  1 
ATOM   96   O OE1 . GLN A 1 19 ? -11.05228 9.99279   12.28184  1.000 30.56000 ? 18  GLN A OE1 1 
ATOM   97   N NE2 . GLN A 1 19 ? -10.58822 9.39128   10.17032  1.000 25.11000 ? 18  GLN A NE2 1 
ATOM   98   N N   . GLU A 1 20 ? -7.60386  6.04105   12.92909  1.000 22.99000 ? 19  GLU A N   1 
ATOM   99   C CA  . GLU A 1 20 ? -7.20557  4.85835   12.17589  1.000 21.82000 ? 19  GLU A CA  1 
ATOM   100  C C   . GLU A 1 20 ? -7.20588  5.14979   10.68348  1.000 17.96000 ? 19  GLU A C   1 
ATOM   101  O O   . GLU A 1 20 ? -8.11781  5.79194   10.15663  1.000 20.10000 ? 19  GLU A O   1 
ATOM   102  C CB  . GLU A 1 20 ? -8.14850  3.69147   12.46679  1.000 22.25000 ? 19  GLU A CB  1 
ATOM   103  C CG  . GLU A 1 20 ? -7.99615  3.07855   13.86514  1.000 26.44000 ? 19  GLU A CG  1 
ATOM   104  C CD  . GLU A 1 20 ? -6.74801  2.22069   14.02126  1.000 35.76000 ? 19  GLU A CD  1 
ATOM   105  O OE1 . GLU A 1 20 ? -6.42333  1.85504   15.17215  1.000 36.77000 ? 19  GLU A OE1 1 
ATOM   106  O OE2 . GLU A 1 20 ? -6.09163  1.90467   13.00618  1.000 32.72000 ? 19  GLU A OE2 1 
ATOM   107  N N   . ILE A 1 21 ? -6.16838  4.66440   9.99855   1.000 16.65000 ? 20  ILE A N   1 
ATOM   108  C CA  . ILE A 1 21 ? -6.09365  4.83443   8.55066   1.000 17.21000 ? 20  ILE A CA  1 
ATOM   109  C C   . ILE A 1 21 ? -7.29658  4.19347   7.87297   1.000 17.76000 ? 20  ILE A C   1 
ATOM   110  O O   . ILE A 1 21 ? -7.81769  4.72073   6.88165   1.000 16.25000 ? 20  ILE A O   1 
ATOM   111  C CB  . ILE A 1 21 ? -4.76629  4.27162   8.01649   1.000 16.45000 ? 20  ILE A CB  1 
ATOM   112  C CG1 . ILE A 1 21 ? -3.63351  5.22023   8.39364   1.000 18.00000 ? 20  ILE A CG1 1 
ATOM   113  C CG2 . ILE A 1 21 ? -4.81504  4.09713   6.48387   1.000 17.36000 ? 20  ILE A CG2 1 
ATOM   114  C CD1 . ILE A 1 21 ? -2.23420  4.60494   8.30216   1.000 20.53000 ? 20  ILE A CD1 1 
ATOM   115  N N   . SER A 1 22 ? -7.76789  3.06253   8.40312   1.000 18.19000 ? 21  SER A N   1 
ATOM   116  C CA  . SER A 1 22 ? -8.93637  2.41061   7.81678   1.000 16.99000 ? 21  SER A CA  1 
ATOM   117  C C   . SER A 1 22 ? -10.16906 3.30357   7.91356   1.000 18.63000 ? 21  SER A C   1 
ATOM   118  O O   . SER A 1 22 ? -10.99713 3.32702   6.99760   1.000 19.34000 ? 21  SER A O   1 
ATOM   119  C CB  . SER A 1 22 ? -9.18944  1.05777   8.48991   1.000 20.35000 ? 21  SER A CB  1 
ATOM   120  O OG  . SER A 1 22 ? -9.41661  1.20716   9.88281   1.000 22.14000 ? 21  SER A OG  1 
ATOM   121  N N   . LYS A 1 23 ? -10.29931 4.05772   9.00968   1.000 16.88000 ? 22  LYS A N   1 
ATOM   122  C CA  . LYS A 1 23 ? -11.42554 4.97779   9.15155   1.000 20.54000 ? 22  LYS A CA  1 
ATOM   123  C C   . LYS A 1 23 ? -11.33047 6.12261   8.14796   1.000 17.42000 ? 22  LYS A C   1 
ATOM   124  O O   . LYS A 1 23 ? -12.32926 6.48453   7.51377   1.000 18.82000 ? 22  LYS A O   1 
ATOM   125  C CB  . LYS A 1 23 ? -11.48162 5.50655   10.58643  1.000 21.55000 ? 22  LYS A CB  1 
ATOM   126  C CG  . LYS A 1 23 ? -12.72621 6.31503   10.96049  1.000 22.99000 ? 22  LYS A CG  1 
ATOM   127  C CD  . LYS A 1 23 ? -12.60552 6.79288   12.41665  1.000 27.50000 ? 22  LYS A CD  1 
ATOM   128  C CE  . LYS A 1 23 ? -13.80964 7.61690   12.84994  1.000 32.98000 ? 22  LYS A CE  1 
ATOM   129  N NZ  . LYS A 1 23 ? -13.96809 8.82975   12.01300  1.000 33.43000 ? 22  LYS A NZ  1 
ATOM   130  N N   . THR A 1 24 ? -10.13839 6.70236   7.98278   1.000 16.81000 ? 23  THR A N   1 
ATOM   131  C CA  . THR A 1 24 ? -9.95735  7.76403   6.99443   1.000 16.78000 ? 23  THR A CA  1 
ATOM   132  C C   . THR A 1 24 ? -10.27722 7.26910   5.58995   1.000 17.63000 ? 23  THR A C   1 
ATOM   133  O O   . THR A 1 24 ? -11.01064 7.92374   4.84154   1.000 18.05000 ? 23  THR A O   1 
ATOM   134  C CB  . THR A 1 24 ? -8.52524  8.29157   7.05079   1.000 18.69000 ? 23  THR A CB  1 
ATOM   135  O OG1 . THR A 1 24 ? -8.30846  8.93428   8.31383   1.000 17.72000 ? 23  THR A OG1 1 
ATOM   136  C CG2 . THR A 1 24 ? -8.26484  9.28084   5.91950   1.000 16.77000 ? 23  THR A CG2 1 
ATOM   137  N N   . LEU A 1 25 ? -9.73236  6.11141   5.20784   1.000 16.97000 ? 24  LEU A N   1 
ATOM   138  C CA  . LEU A 1 25 ? -9.92556  5.66610   3.83033   1.000 16.78000 ? 24  LEU A CA  1 
ATOM   139  C C   . LEU A 1 25 ? -11.36085 5.22214   3.57942   1.000 17.15000 ? 24  LEU A C   1 
ATOM   140  O O   . LEU A 1 25 ? -11.83037 5.30705   2.43999   1.000 17.88000 ? 24  LEU A O   1 
ATOM   141  C CB  . LEU A 1 25 ? -8.93224  4.55965   3.47020   1.000 15.72000 ? 24  LEU A CB  1 
ATOM   142  C CG  . LEU A 1 25 ? -7.46778  5.01616   3.39287   1.000 15.90000 ? 24  LEU A CG  1 
ATOM   143  C CD1 . LEU A 1 25 ? -6.54596  3.86285   3.02818   1.000 18.84000 ? 24  LEU A CD1 1 
ATOM   144  C CD2 . LEU A 1 25 ? -7.27458  6.16224   2.41094   1.000 18.77000 ? 24  LEU A CD2 1 
ATOM   145  N N   . THR A 1 26 ? -12.07468 4.76910   4.61606   1.000 19.04000 ? 25  THR A N   1 
ATOM   146  C CA  . THR A 1 26 ? -13.49851 4.48027   4.45751   1.000 19.35000 ? 25  THR A CA  1 
ATOM   147  C C   . THR A 1 26 ? -14.28225 5.74649   4.12051   1.000 19.33000 ? 25  THR A C   1 
ATOM   148  O O   . THR A 1 26 ? -15.08638 5.76303   3.17734   1.000 20.14000 ? 25  THR A O   1 
ATOM   149  C CB  . THR A 1 26 ? -14.04819 3.82574   5.72530   1.000 20.77000 ? 25  THR A CB  1 
ATOM   150  O OG1 . THR A 1 26 ? -13.41507 2.55258   5.91371   1.000 20.82000 ? 25  THR A OG1 1 
ATOM   151  C CG2 . THR A 1 26 ? -15.55482 3.62151   5.59682   1.000 24.41000 ? 25  THR A CG2 1 
ATOM   152  N N   . SER A 1 27 ? -14.03952 6.83008   4.86471   1.000 18.44000 ? 26  SER A N   1 
ATOM   153  C CA  . SER A 1 27 ? -14.76541 8.07121   4.62754   1.000 20.05000 ? 26  SER A CA  1 
ATOM   154  C C   . SER A 1 27 ? -14.38695 8.68391   3.28671   1.000 20.18000 ? 26  SER A C   1 
ATOM   155  O O   . SER A 1 27 ? -15.24259 9.22292   2.57773   1.000 20.19000 ? 26  SER A O   1 
ATOM   156  C CB  . SER A 1 27 ? -14.49554 9.05900   5.75887   1.000 22.39000 ? 26  SER A CB  1 
ATOM   157  O OG  . SER A 1 27 ? -15.23172 10.25103  5.53951   1.000 29.61000 ? 26  SER A OG  1 
ATOM   158  N N   . VAL A 1 28 ? -13.10477 8.60587   2.92245   1.000 17.42000 ? 27  VAL A N   1 
ATOM   159  C CA  . VAL A 1 28 ? -12.64213 9.14531   1.64720   1.000 18.73000 ? 27  VAL A CA  1 
ATOM   160  C C   . VAL A 1 28 ? -13.25515 8.38061   0.47928   1.000 15.33000 ? 27  VAL A C   1 
ATOM   161  O O   . VAL A 1 28 ? -13.67697 8.97817   -0.52283  1.000 17.39000 ? 27  VAL A O   1 
ATOM   162  C CB  . VAL A 1 28 ? -11.09888 9.12368   1.60712   1.000 15.71000 ? 27  VAL A CB  1 
ATOM   163  C CG1 . VAL A 1 28 ? -10.58775 9.33732   0.19639   1.000 17.91000 ? 27  VAL A CG1 1 
ATOM   164  C CG2 . VAL A 1 28 ? -10.53619 10.18425  2.56746   1.000 18.57000 ? 27  VAL A CG2 1 
ATOM   165  N N   . TYR A 1 29 ? -13.30379 7.04936   0.58247   1.000 17.25000 ? 28  TYR A N   1 
ATOM   166  C CA  . TYR A 1 29 ? -13.91071 6.22377   -0.45495  1.000 17.41000 ? 28  TYR A CA  1 
ATOM   167  C C   . TYR A 1 29 ? -15.37351 6.59914   -0.66164  1.000 17.54000 ? 28  TYR A C   1 
ATOM   168  O O   . TYR A 1 29 ? -15.82874 6.77730   -1.79938  1.000 18.03000 ? 28  TYR A O   1 
ATOM   169  C CB  . TYR A 1 29 ? -13.76555 4.74992   -0.05445  1.000 18.64000 ? 28  TYR A CB  1 
ATOM   170  C CG  . TYR A 1 29 ? -14.23636 3.73779   -1.06354  1.000 20.05000 ? 28  TYR A CG  1 
ATOM   171  C CD1 . TYR A 1 29 ? -15.58959 3.43985   -1.20473  1.000 21.45000 ? 28  TYR A CD1 1 
ATOM   172  C CD2 . TYR A 1 29 ? -13.32431 3.03494   -1.83787  1.000 20.04000 ? 28  TYR A CD2 1 
ATOM   173  C CE1 . TYR A 1 29 ? -16.01635 2.49689   -2.12095  1.000 26.02000 ? 28  TYR A CE1 1 
ATOM   174  C CE2 . TYR A 1 29 ? -13.74276 2.08757   -2.75478  1.000 24.43000 ? 28  TYR A CE2 1 
ATOM   175  C CZ  . TYR A 1 29 ? -15.08932 1.82620   -2.89020  1.000 27.60000 ? 28  TYR A CZ  1 
ATOM   176  O OH  . TYR A 1 29 ? -15.50643 0.88144   -3.80479  1.000 31.81000 ? 28  TYR A OH  1 
ATOM   177  N N   . ARG A 1 30 ? -16.11825 6.75049   0.43344   1.000 19.35000 ? 29  ARG A N   1 
ATOM   178  C CA  . ARG A 1 30 ? -17.54052 7.07403   0.32105   1.000 18.67000 ? 29  ARG A CA  1 
ATOM   179  C C   . ARG A 1 30 ? -17.74949 8.44332   -0.31096  1.000 20.79000 ? 29  ARG A C   1 
ATOM   180  O O   . ARG A 1 30 ? -18.63923 8.61751   -1.15248  1.000 20.27000 ? 29  ARG A O   1 
ATOM   181  C CB  . ARG A 1 30 ? -18.20276 6.99866   1.69369   1.000 21.47000 ? 29  ARG A CB  1 
ATOM   182  C CG  . ARG A 1 30 ? -18.59808 5.57904   2.08362   1.000 27.71000 ? 29  ARG A CG  1 
ATOM   183  C CD  . ARG A 1 30 ? -18.95250 5.45942   3.56000   1.000 35.21000 ? 29  ARG A CD  1 
ATOM   184  N NE  . ARG A 1 30 ? -19.03590 4.06230   3.98280   1.000 41.31000 ? 29  ARG A NE  1 
ATOM   185  C CZ  . ARG A 1 30 ? -19.14036 3.66458   5.24862   1.000 44.75000 ? 29  ARG A CZ  1 
ATOM   186  N NH1 . ARG A 1 30 ? -19.18038 4.56150   6.22707   1.000 43.85000 ? 29  ARG A NH1 1 
ATOM   187  N NH2 . ARG A 1 30 ? -19.20952 2.36922   5.53868   1.000 43.13000 ? 29  ARG A NH2 1 
ATOM   188  N N   . SER A 1 31 ? -16.92678 9.42220   0.06331   1.000 18.25000 ? 30  SER A N   1 
ATOM   189  C CA  . SER A 1 31 ? -17.07208 10.75333  -0.51405  1.000 17.71000 ? 30  SER A CA  1 
ATOM   190  C C   . SER A 1 31 ? -16.71901 10.75479  -1.99263  1.000 18.84000 ? 30  SER A C   1 
ATOM   191  O O   . SER A 1 31 ? -17.39192 11.41574  -2.79659  1.000 19.53000 ? 30  SER A O   1 
ATOM   192  C CB  . SER A 1 31 ? -16.20979 11.74525  0.26187   1.000 20.58000 ? 30  SER A CB  1 
ATOM   193  O OG  . SER A 1 31 ? -16.70660 11.85732  1.58652   1.000 22.91000 ? 30  SER A OG  1 
ATOM   194  N N   . LEU A 1 32 ? -15.67082 10.00938  -2.37308  1.000 17.31000 ? 31  LEU A N   1 
ATOM   195  C CA  . LEU A 1 32 ? -15.33800 9.86470   -3.78622  1.000 17.92000 ? 31  LEU A CA  1 
ATOM   196  C C   . LEU A 1 32 ? -16.51612 9.29622   -4.57747  1.000 16.62000 ? 31  LEU A C   1 
ATOM   197  O O   . LEU A 1 32 ? -16.83113 9.79186   -5.66488  1.000 17.81000 ? 31  LEU A O   1 
ATOM   198  C CB  . LEU A 1 32 ? -14.10073 8.96946   -3.93837  1.000 17.00000 ? 31  LEU A CB  1 
ATOM   199  C CG  . LEU A 1 32 ? -12.76437 9.67344   -3.71063  1.000 15.83000 ? 31  LEU A CG  1 
ATOM   200  C CD1 . LEU A 1 32 ? -11.67685 8.65870   -3.31966  1.000 17.52000 ? 31  LEU A CD1 1 
ATOM   201  C CD2 . LEU A 1 32 ? -12.36778 10.45578  -4.95691  1.000 16.26000 ? 31  LEU A CD2 1 
ATOM   202  N N   . GLU A 1 33 ? -17.17982 8.26789   -4.03202  1.000 17.95000 ? 32  GLU A N   1 
ATOM   203  C CA  . GLU A 1 33 ? -18.33190 7.66368   -4.70207  1.000 18.98000 ? 32  GLU A CA  1 
ATOM   204  C C   . GLU A 1 33 ? -19.47404 8.66198   -4.85278  1.000 19.52000 ? 32  GLU A C   1 
ATOM   205  O O   . GLU A 1 33 ? -20.11115 8.73414   -5.91230  1.000 21.13000 ? 32  GLU A O   1 
ATOM   206  C CB  . GLU A 1 33 ? -18.81631 6.44029   -3.92207  1.000 23.27000 ? 32  GLU A CB  1 
ATOM   207  C CG  . GLU A 1 33 ? -18.02552 5.17836   -4.15294  1.000 29.95000 ? 32  GLU A CG  1 
ATOM   208  C CD  . GLU A 1 33 ? -18.75921 3.92948   -3.69052  1.000 33.74000 ? 32  GLU A CD  1 
ATOM   209  O OE1 . GLU A 1 33 ? -18.83309 2.96047   -4.47534  1.000 40.37000 ? 32  GLU A OE1 1 
ATOM   210  O OE2 . GLU A 1 33 ? -19.25498 3.91939   -2.54375  1.000 37.58000 ? 32  GLU A OE2 1 
ATOM   211  N N   . GLU A 1 34 ? -19.75451 9.42851   -3.79728  1.000 18.53000 ? 33  GLU A N   1 
ATOM   212  C CA  . GLU A 1 34 ? -20.86083 10.38393  -3.85029  1.000 20.52000 ? 33  GLU A CA  1 
ATOM   213  C C   . GLU A 1 34 ? -20.64047 11.44688  -4.92030  1.000 21.35000 ? 33  GLU A C   1 
ATOM   214  O O   . GLU A 1 34 ? -21.60302 11.89544  -5.55500  1.000 20.63000 ? 33  GLU A O   1 
ATOM   215  C CB  . GLU A 1 34 ? -21.05825 11.02953  -2.47556  1.000 22.07000 ? 33  GLU A CB  1 
ATOM   216  C CG  . GLU A 1 34 ? -22.17172 12.08436  -2.41950  1.000 25.60000 ? 33  GLU A CG  1 
ATOM   217  C CD  . GLU A 1 34 ? -23.55917 11.49552  -2.57844  1.000 34.87000 ? 33  GLU A CD  1 
ATOM   218  O OE1 . GLU A 1 34 ? -24.45543 12.20860  -3.08611  1.000 37.41000 ? 33  GLU A OE1 1 
ATOM   219  O OE2 . GLU A 1 34 ? -23.75661 10.32354  -2.20021  1.000 30.87000 ? 33  GLU A OE2 1 
ATOM   220  N N   . LYS A 1 35 ? -19.38944 11.85126  -5.15555  1.000 17.33000 ? 34  LYS A N   1 
ATOM   221  C CA  . LYS A 1 35 ? -19.05903 12.85733  -6.15026  1.000 16.64000 ? 34  LYS A CA  1 
ATOM   222  C C   . LYS A 1 35 ? -18.88934 12.28986  -7.56051  1.000 16.78000 ? 34  LYS A C   1 
ATOM   223  O O   . LYS A 1 35 ? -18.48480 13.02813  -8.46613  1.000 18.62000 ? 34  LYS A O   1 
ATOM   224  C CB  . LYS A 1 35 ? -17.79224 13.61881  -5.72995  1.000 17.22000 ? 34  LYS A CB  1 
ATOM   225  C CG  . LYS A 1 35 ? -17.97101 14.45959  -4.45093  1.000 17.16000 ? 34  LYS A CG  1 
ATOM   226  C CD  . LYS A 1 35 ? -18.97562 15.60848  -4.62640  1.000 17.69000 ? 34  LYS A CD  1 
ATOM   227  C CE  . LYS A 1 35 ? -20.35273 15.25384  -4.03269  1.000 17.87000 ? 34  LYS A CE  1 
ATOM   228  N NZ  . LYS A 1 35 ? -21.33671 16.29461  -4.48277  1.000 17.58000 ? 34  LYS A NZ  1 
ATOM   229  N N   . GLY A 1 36 ? -19.18867 11.00913  -7.76365  1.000 20.18000 ? 35  GLY A N   1 
ATOM   230  C CA  . GLY A 1 36 ? -19.12832 10.43667  -9.09589  1.000 21.36000 ? 35  GLY A CA  1 
ATOM   231  C C   . GLY A 1 36 ? -17.75323 10.01454  -9.57089  1.000 24.67000 ? 35  GLY A C   1 
ATOM   232  O O   . GLY A 1 36 ? -17.55022 9.86289   -10.77963 1.000 27.02000 ? 35  GLY A O   1 
ATOM   233  N N   . TYR A 1 37 ? -16.79674 9.82637   -8.66624  1.000 19.16000 ? 36  TYR A N   1 
ATOM   234  C CA  . TYR A 1 37 ? -15.46623 9.38372   -9.05941  1.000 20.80000 ? 36  TYR A CA  1 
ATOM   235  C C   . TYR A 1 37 ? -15.36943 7.86625   -8.99023  1.000 20.90000 ? 36  TYR A C   1 
ATOM   236  O O   . TYR A 1 37 ? -16.15565 7.19818   -8.31704  1.000 23.31000 ? 36  TYR A O   1 
ATOM   237  C CB  . TYR A 1 37 ? -14.38605 9.98939   -8.15284  1.000 19.79000 ? 36  TYR A CB  1 
ATOM   238  C CG  . TYR A 1 37 ? -14.07784 11.44100  -8.42612  1.000 17.84000 ? 36  TYR A CG  1 
ATOM   239  C CD1 . TYR A 1 37 ? -13.22839 11.81754  -9.46045  1.000 18.34000 ? 36  TYR A CD1 1 
ATOM   240  C CD2 . TYR A 1 37 ? -14.64320 12.45024  -7.64584  1.000 17.60000 ? 36  TYR A CD2 1 
ATOM   241  C CE1 . TYR A 1 37 ? -12.95190 13.15315  -9.71690  1.000 19.95000 ? 36  TYR A CE1 1 
ATOM   242  C CE2 . TYR A 1 37 ? -14.37831 13.78022  -7.89438  1.000 18.60000 ? 36  TYR A CE2 1 
ATOM   243  C CZ  . TYR A 1 37 ? -13.52942 14.13498  -8.92797  1.000 17.96000 ? 36  TYR A CZ  1 
ATOM   244  O OH  . TYR A 1 37 ? -13.26061 15.46412  -9.18474  1.000 20.50000 ? 36  TYR A OH  1 
ATOM   245  N N   . ASN A 1 38 ? -14.36948 7.32347   -9.69354  1.000 23.02000 ? 37  ASN A N   1 
ATOM   246  C CA  . ASN A 1 38 ? -13.91240 5.96969   -9.42744  1.000 21.76000 ? 37  ASN A CA  1 
ATOM   247  C C   . ASN A 1 38 ? -13.06515 6.04114   -8.16505  1.000 20.51000 ? 37  ASN A C   1 
ATOM   248  O O   . ASN A 1 38 ? -11.96720 6.60877   -8.20588  1.000 18.96000 ? 37  ASN A O   1 
ATOM   249  C CB  . ASN A 1 38 ? -13.10019 5.41542   -10.60516 1.000 22.97000 ? 37  ASN A CB  1 
ATOM   250  C CG  . ASN A 1 38 ? -12.71107 3.96307   -10.41727 1.000 25.71000 ? 37  ASN A CG  1 
ATOM   251  O OD1 . ASN A 1 38 ? -12.11925 3.59058   -9.40509  1.000 23.69000 ? 37  ASN A OD1 1 
ATOM   252  N ND2 . ASN A 1 38 ? -13.04234 3.12846   -11.40193 1.000 28.44000 ? 37  ASN A ND2 1 
ATOM   253  N N   . PRO A 1 39 ? -13.54137 5.52122   -7.02840  1.000 19.36000 ? 38  PRO A N   1 
ATOM   254  C CA  . PRO A 1 39 ? -12.81140 5.75928   -5.77192  1.000 20.46000 ? 38  PRO A CA  1 
ATOM   255  C C   . PRO A 1 39 ? -11.46858 5.07292   -5.73743  1.000 22.19000 ? 38  PRO A C   1 
ATOM   256  O O   . PRO A 1 39 ? -10.50415 5.64225   -5.20916  1.000 20.05000 ? 38  PRO A O   1 
ATOM   257  C CB  . PRO A 1 39 ? -13.74253 5.19914   -4.68670  1.000 21.17000 ? 38  PRO A CB  1 
ATOM   258  C CG  . PRO A 1 39 ? -14.96312 4.72018   -5.38909  1.000 28.10000 ? 38  PRO A CG  1 
ATOM   259  C CD  . PRO A 1 39 ? -14.70277 4.63952   -6.84429  1.000 22.44000 ? 38  PRO A CD  1 
ATOM   260  N N   . ILE A 1 40 ? -11.37685 3.85063   -6.26669  1.000 19.13000 ? 39  ILE A N   1 
ATOM   261  C CA  . ILE A 1 40 ? -10.10340 3.13721   -6.22926  1.000 18.30000 ? 39  ILE A CA  1 
ATOM   262  C C   . ILE A 1 40 ? -9.05832  3.87431   -7.05818  1.000 18.35000 ? 39  ILE A C   1 
ATOM   263  O O   . ILE A 1 40 ? -7.90652  4.02909   -6.63212  1.000 18.27000 ? 39  ILE A O   1 
ATOM   264  C CB  . ILE A 1 40 ? -10.29299 1.68353   -6.70307  1.000 19.89000 ? 39  ILE A CB  1 
ATOM   265  C CG1 . ILE A 1 40 ? -11.24931 0.95045   -5.76205  1.000 24.77000 ? 39  ILE A CG1 1 
ATOM   266  C CG2 . ILE A 1 40 ? -8.95101  0.96653   -6.74403  1.000 24.59000 ? 39  ILE A CG2 1 
ATOM   267  C CD1 . ILE A 1 40 ? -11.55404 -0.48102  -6.17140  1.000 28.00000 ? 39  ILE A CD1 1 
ATOM   268  N N   . ASN A 1 41 ? -9.44283  4.37007   -8.23897  1.000 17.59000 ? 40  ASN A N   1 
ATOM   269  C CA  . ASN A 1 41 ? -8.48244  5.07051   -9.08975  1.000 18.25000 ? 40  ASN A CA  1 
ATOM   270  C C   . ASN A 1 41 ? -7.95456  6.33637   -8.42331  1.000 17.70000 ? 40  ASN A C   1 
ATOM   271  O O   . ASN A 1 41 ? -6.75970  6.64535   -8.52947  1.000 16.64000 ? 40  ASN A O   1 
ATOM   272  C CB  . ASN A 1 41 ? -9.11106  5.40775   -10.43905 1.000 21.91000 ? 40  ASN A CB  1 
ATOM   273  C CG  . ASN A 1 41 ? -9.30348  4.17739   -11.31303 1.000 26.42000 ? 40  ASN A CG  1 
ATOM   274  O OD1 . ASN A 1 41 ? -8.84995  3.08242   -10.97278 1.000 27.33000 ? 40  ASN A OD1 1 
ATOM   275  N ND2 . ASN A 1 41 ? -9.97933  4.35509   -12.44088 1.000 31.63000 ? 40  ASN A ND2 1 
ATOM   276  N N   . GLN A 1 42 ? -8.82825  7.09468   -7.74681  1.000 16.24000 ? 41  GLN A N   1 
ATOM   277  C CA  . GLN A 1 42 ? -8.37430  8.34187   -7.13267  1.000 16.10000 ? 41  GLN A CA  1 
ATOM   278  C C   . GLN A 1 42 ? -7.48827  8.06541   -5.92851  1.000 15.78000 ? 41  GLN A C   1 
ATOM   279  O O   . GLN A 1 42 ? -6.51815  8.80341   -5.69392  1.000 15.05000 ? 41  GLN A O   1 
ATOM   280  C CB  . GLN A 1 42 ? -9.56816  9.23212   -6.73740  1.000 15.23000 ? 41  GLN A CB  1 
ATOM   281  C CG  . GLN A 1 42 ? -10.39425 9.76240   -7.91018  1.000 16.53000 ? 41  GLN A CG  1 
ATOM   282  C CD  . GLN A 1 42 ? -9.57782  10.52077  -8.94308  1.000 17.47000 ? 41  GLN A CD  1 
ATOM   283  O OE1 . GLN A 1 42 ? -9.60121  10.17938  -10.13074 1.000 22.21000 ? 41  GLN A OE1 1 
ATOM   284  N NE2 . GLN A 1 42 ? -8.87568  11.56938  -8.51300  1.000 16.58000 ? 41  GLN A NE2 1 
ATOM   285  N N   . ILE A 1 43 ? -7.80056  7.01569   -5.15499  1.000 15.23000 ? 42  ILE A N   1 
ATOM   286  C CA  . ILE A 1 43 ? -6.94771  6.65741   -4.02144  1.000 13.24000 ? 42  ILE A CA  1 
ATOM   287  C C   . ILE A 1 43 ? -5.58740  6.16821   -4.50928  1.000 15.84000 ? 42  ILE A C   1 
ATOM   288  O O   . ILE A 1 43 ? -4.55205  6.54890   -3.94885  1.000 16.01000 ? 42  ILE A O   1 
ATOM   289  C CB  . ILE A 1 43 ? -7.64875  5.63639   -3.10196  1.000 13.90000 ? 42  ILE A CB  1 
ATOM   290  C CG1 . ILE A 1 43 ? -8.82914  6.32799   -2.38892  1.000 14.50000 ? 42  ILE A CG1 1 
ATOM   291  C CG2 . ILE A 1 43 ? -6.66360  5.07384   -2.06902  1.000 16.49000 ? 42  ILE A CG2 1 
ATOM   292  C CD1 . ILE A 1 43 ? -9.77008  5.39208   -1.64012  1.000 18.01000 ? 42  ILE A CD1 1 
ATOM   293  N N   . ILE A 1 44 ? -5.55391  5.36363   -5.57965  1.000 15.99000 ? 43  ILE A N   1 
ATOM   294  C CA  . ILE A 1 44 ? -4.26334  4.97716   -6.16220  1.000 15.24000 ? 43  ILE A CA  1 
ATOM   295  C C   . ILE A 1 44 ? -3.49182  6.21444   -6.60492  1.000 16.86000 ? 43  ILE A C   1 
ATOM   296  O O   . ILE A 1 44 ? -2.27925  6.33440   -6.36605  1.000 16.62000 ? 43  ILE A O   1 
ATOM   297  C CB  . ILE A 1 44 ? -4.46264  3.99711   -7.33277  1.000 14.65000 ? 43  ILE A CB  1 
ATOM   298  C CG1 . ILE A 1 44 ? -4.98514  2.65265   -6.82542  1.000 19.19000 ? 43  ILE A CG1 1 
ATOM   299  C CG2 . ILE A 1 44 ? -3.13552  3.79406   -8.09624  1.000 18.50000 ? 43  ILE A CG2 1 
ATOM   300  C CD1 . ILE A 1 44 ? -5.42406  1.71796   -7.94956  1.000 19.41000 ? 43  ILE A CD1 1 
ATOM   301  N N   . GLY A 1 45 ? -4.17766  7.15592   -7.25837  1.000 15.47000 ? 44  GLY A N   1 
ATOM   302  C CA  . GLY A 1 45 ? -3.51646  8.38506   -7.68029  1.000 15.25000 ? 44  GLY A CA  1 
ATOM   303  C C   . GLY A 1 45 ? -2.87894  9.15216   -6.53272  1.000 13.98000 ? 44  GLY A C   1 
ATOM   304  O O   . GLY A 1 45 ? -1.76088  9.66999   -6.67276  1.000 16.49000 ? 44  GLY A O   1 
ATOM   305  N N   . TYR A 1 46 ? -3.59005  9.27009   -5.40120  1.000 14.77000 ? 45  TYR A N   1 
ATOM   306  C CA  . TYR A 1 46 ? -3.00120  9.92580   -4.23564  1.000 13.91000 ? 45  TYR A CA  1 
ATOM   307  C C   . TYR A 1 46 ? -1.77189  9.15869   -3.74570  1.000 14.97000 ? 45  TYR A C   1 
ATOM   308  O O   . TYR A 1 46 ? -0.74765  9.76478   -3.40461  1.000 16.01000 ? 45  TYR A O   1 
ATOM   309  C CB  . TYR A 1 46 ? -4.03421  10.08074  -3.09997  1.000 14.73000 ? 45  TYR A CB  1 
ATOM   310  C CG  . TYR A 1 46 ? -3.35469  10.41208  -1.78795  1.000 16.57000 ? 45  TYR A CG  1 
ATOM   311  C CD1 . TYR A 1 46 ? -2.91193  11.70944  -1.51300  1.000 20.02000 ? 45  TYR A CD1 1 
ATOM   312  C CD2 . TYR A 1 46 ? -3.08868  9.41556   -0.86250  1.000 18.45000 ? 45  TYR A CD2 1 
ATOM   313  C CE1 . TYR A 1 46 ? -2.25072  11.98677  -0.32026  1.000 20.81000 ? 45  TYR A CE1 1 
ATOM   314  C CE2 . TYR A 1 46 ? -2.43342  9.68097   0.30871   1.000 19.52000 ? 45  TYR A CE2 1 
ATOM   315  C CZ  . TYR A 1 46 ? -2.01964  10.95978  0.57949   1.000 22.97000 ? 45  TYR A CZ  1 
ATOM   316  O OH  . TYR A 1 46 ? -1.37005  11.17760  1.78271   1.000 30.36000 ? 45  TYR A OH  1 
ATOM   317  N N   . VAL A 1 47 ? -1.86049  7.83027   -3.66792  1.000 14.33000 ? 46  VAL A N   1 
ATOM   318  C CA  . VAL A 1 47 ? -0.71379  7.08113   -3.15997  1.000 12.32000 ? 46  VAL A CA  1 
ATOM   319  C C   . VAL A 1 47 ? 0.48192   7.18951   -4.10987  1.000 14.96000 ? 46  VAL A C   1 
ATOM   320  O O   . VAL A 1 47 ? 1.63530   7.22069   -3.65347  1.000 16.33000 ? 46  VAL A O   1 
ATOM   321  C CB  . VAL A 1 47 ? -1.10213  5.61458   -2.88648  1.000 12.46000 ? 46  VAL A CB  1 
ATOM   322  C CG1 . VAL A 1 47 ? 0.10982   4.81249   -2.41218  1.000 16.40000 ? 46  VAL A CG1 1 
ATOM   323  C CG2 . VAL A 1 47 ? -2.16988  5.56303   -1.82089  1.000 14.68000 ? 46  VAL A CG2 1 
ATOM   324  N N   . LEU A 1 48 ? 0.24684   7.23865   -5.42882  1.000 13.11000 ? 47  LEU A N   1 
ATOM   325  C CA  . LEU A 1 48 ? 1.34575   7.39434   -6.38479  1.000 14.57000 ? 47  LEU A CA  1 
ATOM   326  C C   . LEU A 1 48 ? 1.99956   8.76056   -6.26189  1.000 16.54000 ? 47  LEU A C   1 
ATOM   327  O O   . LEU A 1 48 ? 3.21544   8.89235   -6.44995  1.000 16.20000 ? 47  LEU A O   1 
ATOM   328  C CB  . LEU A 1 48 ? 0.85299   7.22295   -7.82845  1.000 15.65000 ? 47  LEU A CB  1 
ATOM   329  C CG  . LEU A 1 48 ? 0.49952   5.82799   -8.33421  1.000 16.29000 ? 47  LEU A CG  1 
ATOM   330  C CD1 . LEU A 1 48 ? -0.27200  5.91564   -9.64054  1.000 20.07000 ? 47  LEU A CD1 1 
ATOM   331  C CD2 . LEU A 1 48 ? 1.78450   5.03341   -8.51973  1.000 19.46000 ? 47  LEU A CD2 1 
ATOM   332  N N   . SER A 1 49 ? 1.21071   9.79576   -5.97979  1.000 15.97000 ? 48  SER A N   1 
ATOM   333  C CA  . SER A 1 49 ? 1.65626   11.17846  -6.12859  1.000 15.43000 ? 48  SER A CA  1 
ATOM   334  C C   . SER A 1 49 ? 1.98224   11.88718  -4.82626  1.000 15.52000 ? 48  SER A C   1 
ATOM   335  O O   . SER A 1 49 ? 2.80553   12.81855  -4.83922  1.000 16.84000 ? 48  SER A O   1 
ATOM   336  C CB  . SER A 1 49 ? 0.57229   11.99511  -6.84634  1.000 13.35000 ? 48  SER A CB  1 
ATOM   337  O OG  . SER A 1 49 ? -0.57745  12.07946  -6.00996  1.000 16.16000 ? 48  SER A OG  1 
ATOM   338  N N   . GLY A 1 50 ? 1.34242   11.50889  -3.71823  1.000 15.21000 ? 49  GLY A N   1 
ATOM   339  C CA  . GLY A 1 50 ? 1.38537   12.28571  -2.49228  1.000 16.68000 ? 49  GLY A CA  1 
ATOM   340  C C   . GLY A 1 50 ? 0.61975   13.58754  -2.54869  1.000 19.39000 ? 49  GLY A C   1 
ATOM   341  O O   . GLY A 1 50 ? 0.77612   14.41630  -1.64492  1.000 21.13000 ? 49  GLY A O   1 
ATOM   342  N N   . ASP A 1 51 ? -0.20879  13.78409  -3.57575  1.000 18.32000 ? 50  ASP A N   1 
ATOM   343  C CA  . ASP A 1 51 ? -0.86154  15.06438  -3.84077  1.000 18.49000 ? 50  ASP A CA  1 
ATOM   344  C C   . ASP A 1 51 ? -2.31613  14.99681  -3.39314  1.000 19.03000 ? 50  ASP A C   1 
ATOM   345  O O   . ASP A 1 51 ? -3.11349  14.27311  -4.01949  1.000 18.27000 ? 50  ASP A O   1 
ATOM   346  C CB  . ASP A 1 51 ? -0.77064  15.38493  -5.32687  1.000 19.31000 ? 50  ASP A CB  1 
ATOM   347  C CG  . ASP A 1 51 ? -1.23830  16.78674  -5.67308  1.000 23.34000 ? 50  ASP A CG  1 
ATOM   348  O OD1 . ASP A 1 51 ? -1.93219  17.41549  -4.84930  1.000 24.91000 ? 50  ASP A OD1 1 
ATOM   349  O OD2 . ASP A 1 51 ? -0.92155  17.23549  -6.79939  1.000 25.19000 ? 50  ASP A OD2 1 
ATOM   350  N N   . PRO A 1 52 ? -2.71547  15.71966  -2.34473  1.000 18.42000 ? 51  PRO A N   1 
ATOM   351  C CA  . PRO A 1 52 ? -4.11328  15.64054  -1.87977  1.000 17.72000 ? 51  PRO A CA  1 
ATOM   352  C C   . PRO A 1 52 ? -5.13130  16.13975  -2.89596  1.000 18.06000 ? 51  PRO A C   1 
ATOM   353  O O   . PRO A 1 52 ? -6.32948  15.88105  -2.70303  1.000 18.58000 ? 51  PRO A O   1 
ATOM   354  C CB  . PRO A 1 52 ? -4.11955  16.50594  -0.61008  1.000 22.56000 ? 51  PRO A CB  1 
ATOM   355  C CG  . PRO A 1 52 ? -2.64859  16.63372  -0.20871  1.000 25.76000 ? 51  PRO A CG  1 
ATOM   356  C CD  . PRO A 1 52 ? -1.89445  16.61095  -1.50420  1.000 22.13000 ? 51  PRO A CD  1 
ATOM   357  N N   . ALA A 1 53 ? -4.70119  16.80597  -3.96995  1.000 17.79000 ? 52  ALA A N   1 
ATOM   358  C CA  . ALA A 1 53 ? -5.63253  17.25597  -5.00145  1.000 17.82000 ? 52  ALA A CA  1 
ATOM   359  C C   . ALA A 1 53 ? -6.31427  16.10206  -5.72864  1.000 18.19000 ? 52  ALA A C   1 
ATOM   360  O O   . ALA A 1 53 ? -7.28182  16.33538  -6.45719  1.000 17.39000 ? 52  ALA A O   1 
ATOM   361  C CB  . ALA A 1 53 ? -4.91250  18.15826  -6.00856  1.000 23.12000 ? 52  ALA A CB  1 
ATOM   362  N N   . TYR A 1 54 ? -5.84169  14.86488  -5.55880  1.000 15.61000 ? 53  TYR A N   1 
ATOM   363  C CA  . TYR A 1 54 ? -6.56799  13.72262  -6.10619  1.000 15.22000 ? 53  TYR A CA  1 
ATOM   364  C C   . TYR A 1 54 ? -7.83319  13.40526  -5.31358  1.000 15.96000 ? 53  TYR A C   1 
ATOM   365  O O   . TYR A 1 54 ? -8.62564  12.56715  -5.75647  1.000 16.15000 ? 53  TYR A O   1 
ATOM   366  C CB  . TYR A 1 54 ? -5.67187  12.47474  -6.14137  1.000 14.87000 ? 53  TYR A CB  1 
ATOM   367  C CG  . TYR A 1 54 ? -4.65797  12.43890  -7.26623  1.000 18.58000 ? 53  TYR A CG  1 
ATOM   368  C CD1 . TYR A 1 54 ? -3.44119  13.08852  -7.14584  1.000 17.78000 ? 53  TYR A CD1 1 
ATOM   369  C CD2 . TYR A 1 54 ? -4.91728  11.74435  -8.43527  1.000 21.20000 ? 53  TYR A CD2 1 
ATOM   370  C CE1 . TYR A 1 54 ? -2.50222  13.05509  -8.17777  1.000 21.36000 ? 53  TYR A CE1 1 
ATOM   371  C CE2 . TYR A 1 54 ? -3.97881  11.69284  -9.46462  1.000 20.29000 ? 53  TYR A CE2 1 
ATOM   372  C CZ  . TYR A 1 54 ? -2.78300  12.35518  -9.32445  1.000 21.04000 ? 53  TYR A CZ  1 
ATOM   373  O OH  . TYR A 1 54 ? -1.84208  12.32446  -10.34286 1.000 26.52000 ? 53  TYR A OH  1 
ATOM   374  N N   . ILE A 1 55 ? -8.04364  14.05538  -4.17398  1.000 14.94000 ? 54  ILE A N   1 
ATOM   375  C CA  . ILE A 1 55 ? -9.15682  13.76532  -3.27692  1.000 15.15000 ? 54  ILE A CA  1 
ATOM   376  C C   . ILE A 1 55 ? -10.05633 14.99298  -3.22989  1.000 15.14000 ? 54  ILE A C   1 
ATOM   377  O O   . ILE A 1 55 ? -9.58009  16.08480  -2.93211  1.000 15.84000 ? 54  ILE A O   1 
ATOM   378  C CB  . ILE A 1 55 ? -8.67390  13.39724  -1.85680  1.000 15.52000 ? 54  ILE A CB  1 
ATOM   379  C CG1 . ILE A 1 55 ? -7.64733  12.24749  -1.89826  1.000 17.17000 ? 54  ILE A CG1 1 
ATOM   380  C CG2 . ILE A 1 55 ? -9.84235  13.05949  -0.93172  1.000 16.73000 ? 54  ILE A CG2 1 
ATOM   381  C CD1 . ILE A 1 55 ? -8.15697  10.97447  -2.54556  1.000 16.10000 ? 54  ILE A CD1 1 
ATOM   382  N N   . PRO A 1 56 ? -11.35868 14.87883  -3.48425  1.000 16.24000 ? 55  PRO A N   1 
ATOM   383  C CA  . PRO A 1 56 ? -12.21154 16.07375  -3.45316  1.000 15.99000 ? 55  PRO A CA  1 
ATOM   384  C C   . PRO A 1 56 ? -12.38468 16.62841  -2.04154  1.000 16.66000 ? 55  PRO A C   1 
ATOM   385  O O   . PRO A 1 56 ? -12.20830 15.93689  -1.03307  1.000 17.15000 ? 55  PRO A O   1 
ATOM   386  C CB  . PRO A 1 56 ? -13.54515 15.57063  -4.01615  1.000 20.40000 ? 55  PRO A CB  1 
ATOM   387  C CG  . PRO A 1 56 ? -13.57140 14.13439  -3.65826  1.000 17.47000 ? 55  PRO A CG  1 
ATOM   388  C CD  . PRO A 1 56 ? -12.12726 13.66513  -3.79082  1.000 15.86000 ? 55  PRO A CD  1 
ATOM   389  N N   . ARG A 1 57 ? -12.76044 17.91104  -1.99139  1.000 16.85000 ? 56  ARG A N   1 
ATOM   390  C CA  . ARG A 1 57 ? -13.00122 18.57050  -0.70915  1.000 16.28000 ? 56  ARG A CA  1 
ATOM   391  C C   . ARG A 1 57 ? -14.28981 18.09755  -0.03688  1.000 19.21000 ? 56  ARG A C   1 
ATOM   392  O O   . ARG A 1 57 ? -14.43743 18.27417  1.18068   1.000 20.25000 ? 56  ARG A O   1 
ATOM   393  C CB  . ARG A 1 57 ? -13.03894 20.08924  -0.90468  1.000 18.01000 ? 56  ARG A CB  1 
ATOM   394  C CG  . ARG A 1 57 ? -11.75352 20.70881  -1.42029  1.000 21.53000 ? 56  ARG A CG  1 
ATOM   395  C CD  . ARG A 1 57 ? -11.84429 22.22640  -1.40842  1.000 26.55000 ? 56  ARG A CD  1 
ATOM   396  N NE  . ARG A 1 57 ? -10.53021 22.85084  -1.52627  1.000 32.47000 ? 56  ARG A NE  1 
ATOM   397  C CZ  . ARG A 1 57 ? -10.09986 23.48404  -2.61233  1.000 34.88000 ? 56  ARG A CZ  1 
ATOM   398  N NH1 . ARG A 1 57 ? -8.88821  24.02638  -2.63641  1.000 36.47000 ? 56  ARG A NH1 1 
ATOM   399  N NH2 . ARG A 1 57 ? -10.88187 23.57568  -3.67909  1.000 38.13000 ? 56  ARG A NH2 1 
ATOM   400  N N   . TYR A 1 58 ? -15.20248 17.48267  -0.79245  1.000 18.75000 ? 57  TYR A N   1 
ATOM   401  C CA  . TYR A 1 58 ? -16.53056 17.12489  -0.30176  1.000 20.30000 ? 57  TYR A CA  1 
ATOM   402  C C   . TYR A 1 58 ? -16.47602 16.32938  0.99496   1.000 20.29000 ? 57  TYR A C   1 
ATOM   403  O O   . TYR A 1 58 ? -15.71095 15.36860  1.12418   1.000 18.38000 ? 57  TYR A O   1 
ATOM   404  C CB  . TYR A 1 58 ? -17.27339 16.32111  -1.37370  1.000 18.54000 ? 57  TYR A CB  1 
ATOM   405  C CG  . TYR A 1 58 ? -18.64542 15.86176  -0.93977  1.000 20.22000 ? 57  TYR A CG  1 
ATOM   406  C CD1 . TYR A 1 58 ? -19.69514 16.76351  -0.85518  1.000 20.54000 ? 57  TYR A CD1 1 
ATOM   407  C CD2 . TYR A 1 58 ? -18.88939 14.53325  -0.61342  1.000 19.77000 ? 57  TYR A CD2 1 
ATOM   408  C CE1 . TYR A 1 58 ? -20.95581 16.35359  -0.45475  1.000 20.18000 ? 57  TYR A CE1 1 
ATOM   409  C CE2 . TYR A 1 58 ? -20.15185 14.11093  -0.21306  1.000 21.73000 ? 57  TYR A CE2 1 
ATOM   410  C CZ  . TYR A 1 58 ? -21.17546 15.03239  -0.12872  1.000 20.69000 ? 57  TYR A CZ  1 
ATOM   411  O OH  . TYR A 1 58 ? -22.43741 14.63464  0.26259   1.000 25.21000 ? 57  TYR A OH  1 
ATOM   412  N N   . ASN A 1 59 ? -17.29902 16.74589  1.96185   1.000 21.82000 ? 58  ASN A N   1 
ATOM   413  C CA  . ASN A 1 59 ? -17.46690 16.02754  3.22111   1.000 20.77000 ? 58  ASN A CA  1 
ATOM   414  C C   . ASN A 1 59 ? -16.13999 15.86296  3.95333   1.000 20.57000 ? 58  ASN A C   1 
ATOM   415  O O   . ASN A 1 59 ? -15.91892 14.85313  4.63000   1.000 23.81000 ? 58  ASN A O   1 
ATOM   416  C CB  . ASN A 1 59 ? -18.13684 14.66574  2.99975   1.000 20.89000 ? 58  ASN A CB  1 
ATOM   417  C CG  . ASN A 1 59 ? -18.83821 14.14978  4.23375   1.000 32.37000 ? 58  ASN A CG  1 
ATOM   418  O OD1 . ASN A 1 59 ? -19.36210 14.92277  5.03239   1.000 33.96000 ? 58  ASN A OD1 1 
ATOM   419  N ND2 . ASN A 1 59 ? -18.83851 12.83273  4.40566   1.000 35.84000 ? 58  ASN A ND2 1 
ATOM   420  N N   . ASP A 1 60 ? -15.26301 16.85921  3.81005   1.000 20.18000 ? 59  ASP A N   1 
ATOM   421  C CA  . ASP A 1 60 ? -13.96454 16.91912  4.47914   1.000 22.28000 ? 59  ASP A CA  1 
ATOM   422  C C   . ASP A 1 60 ? -12.99752 15.83216  4.01028   1.000 23.79000 ? 59  ASP A C   1 
ATOM   423  O O   . ASP A 1 60 ? -12.03691 15.51899  4.71816   1.000 24.53000 ? 59  ASP A O   1 
ATOM   424  C CB  . ASP A 1 60 ? -14.12546 16.84043  6.00674   1.000 24.42000 ? 59  ASP A CB  1 
ATOM   425  C CG  . ASP A 1 60 ? -13.21450 17.80113  6.74787   1.000 32.32000 ? 59  ASP A CG  1 
ATOM   426  O OD1 . ASP A 1 60 ? -12.99728 18.93017  6.26156   1.000 35.43000 ? 59  ASP A OD1 1 
ATOM   427  O OD2 . ASP A 1 60 ? -12.70808 17.41207  7.82346   1.000 39.27000 ? 59  ASP A OD2 1 
ATOM   428  N N   . ALA A 1 61 ? -13.20051 15.24256  2.82609   1.000 19.04000 ? 60  ALA A N   1 
ATOM   429  C CA  . ALA A 1 61 ? -12.35481 14.11363  2.43645   1.000 18.01000 ? 60  ALA A CA  1 
ATOM   430  C C   . ALA A 1 61 ? -10.89650 14.53739  2.26362   1.000 17.51000 ? 60  ALA A C   1 
ATOM   431  O O   . ALA A 1 61 ? -9.98399  13.85370  2.74983   1.000 15.62000 ? 60  ALA A O   1 
ATOM   432  C CB  . ALA A 1 61 ? -12.88889 13.46959  1.15646   1.000 18.19000 ? 60  ALA A CB  1 
ATOM   433  N N   . ARG A 1 62 ? -10.65126 15.66411  1.59352   1.000 16.93000 ? 61  ARG A N   1 
ATOM   434  C CA  . ARG A 1 62 ? -9.27210  16.10273  1.40134   1.000 15.32000 ? 61  ARG A CA  1 
ATOM   435  C C   . ARG A 1 62 ? -8.63203  16.48051  2.73254   1.000 17.88000 ? 61  ARG A C   1 
ATOM   436  O O   . ARG A 1 62 ? -7.46528  16.15056  2.97937   1.000 16.80000 ? 61  ARG A O   1 
ATOM   437  C CB  . ARG A 1 62 ? -9.20563  17.26360  0.39703   1.000 15.87000 ? 61  ARG A CB  1 
ATOM   438  C CG  . ARG A 1 62 ? -7.76597  17.61136  -0.01561  1.000 15.32000 ? 61  ARG A CG  1 
ATOM   439  C CD  . ARG A 1 62 ? -7.67999  18.77190  -1.01617  1.000 16.80000 ? 61  ARG A CD  1 
ATOM   440  N NE  . ARG A 1 62 ? -8.36328  18.48080  -2.27557  1.000 17.75000 ? 61  ARG A NE  1 
ATOM   441  C CZ  . ARG A 1 62 ? -8.63203  19.38602  -3.21246  1.000 19.98000 ? 61  ARG A CZ  1 
ATOM   442  N NH1 . ARG A 1 62 ? -8.28362  20.66096  -3.04675  1.000 22.38000 ? 61  ARG A NH1 1 
ATOM   443  N NH2 . ARG A 1 62 ? -9.26935  19.01323  -4.31634  1.000 18.78000 ? 61  ARG A NH2 1 
ATOM   444  N N   . ASN A 1 63 ? -9.38704  17.13772  3.62260   1.000 19.07000 ? 62  ASN A N   1 
ATOM   445  C CA  . ASN A 1 63 ? -8.81464  17.49226  4.92074   1.000 20.00000 ? 62  ASN A CA  1 
ATOM   446  C C   . ASN A 1 63 ? -8.51656  16.24860  5.74925   1.000 18.68000 ? 62  ASN A C   1 
ATOM   447  O O   . ASN A 1 63 ? -7.55160  16.23581  6.52596   1.000 19.12000 ? 62  ASN A O   1 
ATOM   448  C CB  . ASN A 1 63 ? -9.74909  18.43230  5.68450   1.000 23.39000 ? 62  ASN A CB  1 
ATOM   449  C CG  . ASN A 1 63 ? -9.51212  19.90052  5.34083   1.000 27.52000 ? 62  ASN A CG  1 
ATOM   450  O OD1 . ASN A 1 63 ? -8.44383  20.27967  4.84593   1.000 28.40000 ? 62  ASN A OD1 1 
ATOM   451  N ND2 . ASN A 1 63 ? -10.51769 20.73156  5.59594   1.000 33.22000 ? 62  ASN A ND2 1 
ATOM   452  N N   . GLN A 1 64 ? -9.31426  15.19143  5.57552   1.000 16.63000 ? 63  GLN A N   1 
ATOM   453  C CA  . GLN A 1 64 ? -9.06136  13.94248  6.28153   1.000 15.22000 ? 63  GLN A CA  1 
ATOM   454  C C   . GLN A 1 64 ? -7.75931  13.29674  5.81123   1.000 16.52000 ? 63  GLN A C   1 
ATOM   455  O O   . GLN A 1 64 ? -6.97369  12.79256  6.62894   1.000 16.22000 ? 63  GLN A O   1 
ATOM   456  C CB  . GLN A 1 64 ? -10.25261 12.99290  6.08879   1.000 18.31000 ? 63  GLN A CB  1 
ATOM   457  C CG  . GLN A 1 64 ? -11.50185 13.37710  6.91563   1.000 20.24000 ? 63  GLN A CG  1 
ATOM   458  C CD  . GLN A 1 64 ? -12.81394 12.75187  6.41078   1.000 23.90000 ? 63  GLN A CD  1 
ATOM   459  O OE1 . GLN A 1 64 ? -12.83860 12.03397  5.41650   1.000 29.04000 ? 63  GLN A OE1 1 
ATOM   460  N NE2 . GLN A 1 64 ? -13.90371 13.01999  7.12011   1.000 28.35000 ? 63  GLN A NE2 1 
ATOM   461  N N   . ILE A 1 65 ? -7.49084  13.31672  4.50066   1.000 16.05000 ? 64  ILE A N   1 
ATOM   462  C CA  . ILE A 1 65 ? -6.25285  12.70464  4.02770   1.000 16.60000 ? 64  ILE A CA  1 
ATOM   463  C C   . ILE A 1 65 ? -5.04361  13.51308  4.48958   1.000 17.74000 ? 64  ILE A C   1 
ATOM   464  O O   . ILE A 1 65 ? -3.98799  12.93297  4.78755   1.000 17.72000 ? 64  ILE A O   1 
ATOM   465  C CB  . ILE A 1 65 ? -6.30235  12.50048  2.49749   1.000 16.89000 ? 64  ILE A CB  1 
ATOM   466  C CG1 . ILE A 1 65 ? -5.45156  11.28956  2.09216   1.000 24.84000 ? 64  ILE A CG1 1 
ATOM   467  C CG2 . ILE A 1 65 ? -5.84856  13.71473  1.77276   1.000 21.16000 ? 64  ILE A CG2 1 
ATOM   468  C CD1 . ILE A 1 65 ? -6.11654  9.96388   2.40290   1.000 23.16000 ? 64  ILE A CD1 1 
ATOM   469  N N   . ARG A 1 66 ? -5.20675  14.84141  4.65787   1.000 17.32000 ? 65  ARG A N   1 
ATOM   470  C CA  . ARG A 1 66 ? -4.12510  15.71822  5.11118   1.000 15.88000 ? 65  ARG A CA  1 
ATOM   471  C C   . ARG A 1 66 ? -3.71579  15.46555  6.55581   1.000 16.35000 ? 65  ARG A C   1 
ATOM   472  O O   . ARG A 1 66 ? -2.61003  15.87129  6.93313   1.000 16.60000 ? 65  ARG A O   1 
ATOM   473  C CB  . ARG A 1 66 ? -4.52126  17.19301  4.96766   1.000 18.43000 ? 65  ARG A CB  1 
ATOM   474  C CG  . ARG A 1 66 ? -4.52252  17.71456  3.52808   1.000 22.11000 ? 65  ARG A CG  1 
ATOM   475  C CD  . ARG A 1 66 ? -4.54155  19.23502  3.52022   1.000 25.15000 ? 65  ARG A CD  1 
ATOM   476  N NE  . ARG A 1 66 ? -4.24234  19.77811  2.20112   1.000 29.46000 ? 65  ARG A NE  1 
ATOM   477  C CZ  . ARG A 1 66 ? -5.13597  20.40799  1.44558   1.000 30.23000 ? 65  ARG A CZ  1 
ATOM   478  N NH1 . ARG A 1 66 ? -6.37866  20.56523  1.88495   1.000 33.10000 ? 65  ARG A NH1 1 
ATOM   479  N NH2 . ARG A 1 66 ? -4.78976  20.87257  0.25062   1.000 33.30000 ? 65  ARG A NH2 1 
ATOM   480  N N   . LYS A 1 67 ? -4.56705  14.81129  7.36119   1.000 16.50000 ? 66  LYS A N   1 
ATOM   481  C CA  . LYS A 1 67 ? -4.18359  14.46938  8.73460   1.000 17.66000 ? 66  LYS A CA  1 
ATOM   482  C C   . LYS A 1 67 ? -3.05529  13.45541  8.77323   1.000 18.83000 ? 66  LYS A C   1 
ATOM   483  O O   . LYS A 1 67 ? -2.35181  13.35962  9.78864   1.000 19.59000 ? 66  LYS A O   1 
ATOM   484  C CB  . LYS A 1 67 ? -5.36902  13.90770  9.52775   1.000 18.16000 ? 66  LYS A CB  1 
ATOM   485  C CG  . LYS A 1 67 ? -6.59079  14.82629  9.63417   1.000 18.83000 ? 66  LYS A CG  1 
ATOM   486  C CD  . LYS A 1 67 ? -6.30086  16.06398  10.48618  1.000 19.91000 ? 66  LYS A CD  1 
ATOM   487  C CE  . LYS A 1 67 ? -7.51023  16.98953  10.54341  1.000 20.24000 ? 66  LYS A CE  1 
ATOM   488  N NZ  . LYS A 1 67 ? -7.66117  17.75486  9.28778   1.000 22.35000 ? 66  LYS A NZ  1 
ATOM   489  N N   . HIS A 1 68 ? -2.88038  12.68162  7.70454   1.000 15.02000 ? 67  HIS A N   1 
ATOM   490  C CA  . HIS A 1 68 ? -1.86926  11.64622  7.61322   1.000 14.57000 ? 67  HIS A CA  1 
ATOM   491  C C   . HIS A 1 68 ? -0.72830  12.12757  6.72838   1.000 15.87000 ? 67  HIS A C   1 
ATOM   492  O O   . HIS A 1 68 ? -0.78903  13.19182  6.11294   1.000 16.59000 ? 67  HIS A O   1 
ATOM   493  C CB  . HIS A 1 68 ? -2.46779  10.35627  7.02310   1.000 15.46000 ? 67  HIS A CB  1 
ATOM   494  C CG  . HIS A 1 68 ? -3.63258  9.81405   7.78794   1.000 14.68000 ? 67  HIS A CG  1 
ATOM   495  N ND1 . HIS A 1 68 ? -3.48649  8.98949   8.88049   1.000 16.75000 ? 67  HIS A ND1 1 
ATOM   496  C CD2 . HIS A 1 68 ? -4.96610  9.98413   7.62134   1.000 16.26000 ? 67  HIS A CD2 1 
ATOM   497  C CE1 . HIS A 1 68 ? -4.68017  8.66414   9.34700   1.000 16.68000 ? 67  HIS A CE1 1 
ATOM   498  N NE2 . HIS A 1 68 ? -5.59465  9.25071   8.59588   1.000 17.80000 ? 67  HIS A NE2 1 
ATOM   499  N N   . GLU A 1 69 ? 0.33912   11.33808  6.68985   1.000 15.46000 ? 68  GLU A N   1 
ATOM   500  C CA  . GLU A 1 69 ? 1.38296   11.50450  5.69317   1.000 16.71000 ? 68  GLU A CA  1 
ATOM   501  C C   . GLU A 1 69 ? 1.35831   10.31361  4.74441   1.000 14.05000 ? 68  GLU A C   1 
ATOM   502  O O   . GLU A 1 69 ? 1.00478   9.19831   5.13687   1.000 16.34000 ? 68  GLU A O   1 
ATOM   503  C CB  . GLU A 1 69 ? 2.75689   11.64547  6.34920   1.000 20.72000 ? 68  GLU A CB  1 
ATOM   504  C CG  . GLU A 1 69 ? 2.90244   12.92254  7.19753   1.000 20.73000 ? 68  GLU A CG  1 
ATOM   505  C CD  . GLU A 1 69 ? 2.32233   12.76719  8.59442   1.000 23.87000 ? 68  GLU A CD  1 
ATOM   506  O OE1 . GLU A 1 69 ? 1.45273   13.58035  9.01090   1.000 22.28000 ? 68  GLU A OE1 1 
ATOM   507  O OE2 . GLU A 1 69 ? 2.73088   11.80624  9.28269   1.000 29.04000 ? 68  GLU A OE2 1 
ATOM   508  N N   . ARG A 1 70 ? 1.72822   10.55554  3.48195   1.000 15.91000 ? 69  ARG A N   1 
ATOM   509  C CA  . ARG A 1 70 ? 1.65158   9.46765   2.50737   1.000 14.02000 ? 69  ARG A CA  1 
ATOM   510  C C   . ARG A 1 70 ? 2.56979   8.30762   2.89186   1.000 15.00000 ? 69  ARG A C   1 
ATOM   511  O O   . ARG A 1 70 ? 2.20427   7.13578   2.72279   1.000 15.12000 ? 69  ARG A O   1 
ATOM   512  C CB  . ARG A 1 70 ? 1.98516   9.96526   1.10272   1.000 16.11000 ? 69  ARG A CB  1 
ATOM   513  C CG  . ARG A 1 70 ? 2.02357   8.79917   0.11232   1.000 17.07000 ? 69  ARG A CG  1 
ATOM   514  C CD  . ARG A 1 70 ? 2.33475   9.22226   -1.29105  1.000 21.26000 ? 69  ARG A CD  1 
ATOM   515  N NE  . ARG A 1 70 ? 3.66482   9.81214   -1.44778  1.000 20.40000 ? 69  ARG A NE  1 
ATOM   516  C CZ  . ARG A 1 70 ? 4.44165   9.58370   -2.50197  1.000 18.10000 ? 69  ARG A CZ  1 
ATOM   517  N NH1 . ARG A 1 70 ? 4.01637   8.77249   -3.45519  1.000 15.11000 ? 69  ARG A NH1 1 
ATOM   518  N NH2 . ARG A 1 70 ? 5.62656   10.18170  -2.61925  1.000 19.04000 ? 69  ARG A NH2 1 
ATOM   519  N N   . ASP A 1 71 ? 3.76174   8.59914   3.42439   1.000 16.94000 ? 70  ASP A N   1 
ATOM   520  C CA  . ASP A 1 71 ? 4.65236   7.49468   3.77889   1.000 16.89000 ? 70  ASP A CA  1 
ATOM   521  C C   . ASP A 1 71 ? 4.09269   6.66158   4.92901   1.000 16.34000 ? 70  ASP A C   1 
ATOM   522  O O   . ASP A 1 71 ? 4.33951   5.45280   4.98754   1.000 18.44000 ? 70  ASP A O   1 
ATOM   523  C CB  . ASP A 1 71 ? 6.06850   8.00689   4.08170   1.000 21.32000 ? 70  ASP A CB  1 
ATOM   524  C CG  . ASP A 1 71 ? 6.14911   8.92740   5.29107   1.000 29.16000 ? 70  ASP A CG  1 
ATOM   525  O OD1 . ASP A 1 71 ? 5.11543   9.37258   5.83479   1.000 28.79000 ? 70  ASP A OD1 1 
ATOM   526  O OD2 . ASP A 1 71 ? 7.29841   9.22393   5.69445   1.000 36.99000 ? 70  ASP A OD2 1 
ATOM   527  N N   . GLU A 1 72 ? 3.31433   7.28268   5.82544   1.000 17.45000 ? 71  GLU A N   1 
ATOM   528  C CA  . GLU A 1 72 ? 2.61719   6.54916   6.87653   1.000 17.33000 ? 71  GLU A CA  1 
ATOM   529  C C   . GLU A 1 72 ? 1.54745   5.63406   6.29199   1.000 15.45000 ? 71  GLU A C   1 
ATOM   530  O O   . GLU A 1 72 ? 1.37866   4.48942   6.73938   1.000 17.44000 ? 71  GLU A O   1 
ATOM   531  C CB  . GLU A 1 72 ? 2.00538   7.55378   7.86602   1.000 19.42000 ? 71  GLU A CB  1 
ATOM   532  C CG  . GLU A 1 72 ? 0.87702   7.03686   8.74618   1.000 23.14000 ? 71  GLU A CG  1 
ATOM   533  C CD  . GLU A 1 72 ? -0.12714  8.12800   9.14931   1.000 21.10000 ? 71  GLU A CD  1 
ATOM   534  O OE1 . GLU A 1 72 ? -1.14786  7.77449   9.77256   1.000 21.02000 ? 71  GLU A OE1 1 
ATOM   535  O OE2 . GLU A 1 72 ? 0.10608   9.31838   8.85570   1.000 22.78000 ? 71  GLU A OE2 1 
ATOM   536  N N   . ILE A 1 73 ? 0.80919   6.12960   5.29162   1.000 14.65000 ? 72  ILE A N   1 
ATOM   537  C CA  . ILE A 1 73 ? -0.19968  5.29643   4.64449   1.000 14.98000 ? 72  ILE A CA  1 
ATOM   538  C C   . ILE A 1 73 ? 0.45416   4.13829   3.89268   1.000 14.90000 ? 72  ILE A C   1 
ATOM   539  O O   . ILE A 1 73 ? -0.00362  2.98858   3.98569   1.000 15.13000 ? 72  ILE A O   1 
ATOM   540  C CB  . ILE A 1 73 ? -1.09511  6.16649   3.74125   1.000 13.38000 ? 72  ILE A CB  1 
ATOM   541  C CG1 . ILE A 1 73 ? -2.00520  7.03079   4.62875   1.000 16.61000 ? 72  ILE A CG1 1 
ATOM   542  C CG2 . ILE A 1 73 ? -1.98796  5.30308   2.84686   1.000 16.66000 ? 72  ILE A CG2 1 
ATOM   543  C CD1 . ILE A 1 73 ? -2.67372  8.18865   3.89741   1.000 18.70000 ? 72  ILE A CD1 1 
ATOM   544  N N   . ILE A 1 74 ? 1.55548   4.40237   3.17956   1.000 14.86000 ? 73  ILE A N   1 
ATOM   545  C CA  . ILE A 1 74 ? 2.24024   3.32567   2.46771   1.000 14.89000 ? 73  ILE A CA  1 
ATOM   546  C C   . ILE A 1 74 ? 2.71531   2.25331   3.43991   1.000 15.11000 ? 73  ILE A C   1 
ATOM   547  O O   . ILE A 1 74 ? 2.60475   1.05033   3.15841   1.000 16.00000 ? 73  ILE A O   1 
ATOM   548  C CB  . ILE A 1 74 ? 3.40127   3.88718   1.62798   1.000 13.95000 ? 73  ILE A CB  1 
ATOM   549  C CG1 . ILE A 1 74 ? 2.85485   4.56617   0.37533   1.000 15.31000 ? 73  ILE A CG1 1 
ATOM   550  C CG2 . ILE A 1 74 ? 4.37956   2.76713   1.23318   1.000 17.81000 ? 73  ILE A CG2 1 
ATOM   551  C CD1 . ILE A 1 74 ? 3.89553   5.36075   -0.38555  1.000 21.49000 ? 73  ILE A CD1 1 
ATOM   552  N N   . GLU A 1 75 ? 3.24467   2.65883   4.60429   1.000 15.09000 ? 74  GLU A N   1 
ATOM   553  C CA  . GLU A 1 75 ? 3.71253   1.66117   5.56665   1.000 17.12000 ? 74  GLU A CA  1 
ATOM   554  C C   . GLU A 1 75 ? 2.57905   0.74800   6.02197   1.000 16.07000 ? 74  GLU A C   1 
ATOM   555  O O   . GLU A 1 75 ? 2.75616   -0.47609  6.10879   1.000 17.20000 ? 74  GLU A O   1 
ATOM   556  C CB  . GLU A 1 75 ? 4.36709   2.33591   6.77157   1.000 17.94000 ? 74  GLU A CB  1 
ATOM   557  C CG  . GLU A 1 75 ? 4.75205   1.33210   7.85842   1.000 19.08000 ? 74  GLU A CG  1 
ATOM   558  C CD  . GLU A 1 75 ? 5.71979   1.88805   8.88929   1.000 29.29000 ? 74  GLU A CD  1 
ATOM   559  O OE1 . GLU A 1 75 ? 6.08904   3.07873   8.80427   1.000 27.58000 ? 74  GLU A OE1 1 
ATOM   560  O OE2 . GLU A 1 75 ? 6.10485   1.12180   9.80267   1.000 30.97000 ? 74  GLU A OE2 1 
ATOM   561  N N   . GLU A 1 76 ? 1.39781   1.31742   6.30080   1.000 16.44000 ? 75  GLU A N   1 
ATOM   562  C CA  . GLU A 1 76 ? 0.27286   0.47890   6.69966   1.000 16.97000 ? 75  GLU A CA  1 
ATOM   563  C C   . GLU A 1 76 ? -0.19795  -0.41189  5.55389   1.000 16.41000 ? 75  GLU A C   1 
ATOM   564  O O   . GLU A 1 76 ? -0.58163  -1.56818  5.78075   1.000 17.05000 ? 75  GLU A O   1 
ATOM   565  C CB  . GLU A 1 76 ? -0.87648  1.34712   7.22062   1.000 18.26000 ? 75  GLU A CB  1 
ATOM   566  C CG  . GLU A 1 76 ? -2.12707  0.57022   7.67053   1.000 20.74000 ? 75  GLU A CG  1 
ATOM   567  C CD  . GLU A 1 76 ? -1.87581  -0.41305  8.80466   1.000 26.77000 ? 75  GLU A CD  1 
ATOM   568  O OE1 . GLU A 1 76 ? -0.85075  -0.28835  9.50741   1.000 28.90000 ? 75  GLU A OE1 1 
ATOM   569  O OE2 . GLU A 1 76 ? -2.71534  -1.33046  8.99612   1.000 31.55000 ? 75  GLU A OE2 1 
ATOM   570  N N   . LEU A 1 77 ? -0.17674  0.09843   4.31312   1.000 15.20000 ? 76  LEU A N   1 
ATOM   571  C CA  . LEU A 1 77 ? -0.57708  -0.74862  3.19287   1.000 14.34000 ? 76  LEU A CA  1 
ATOM   572  C C   . LEU A 1 77 ? 0.36010   -1.94361  3.05947   1.000 14.46000 ? 76  LEU A C   1 
ATOM   573  O O   . LEU A 1 77 ? -0.08266  -3.06695  2.77966   1.000 15.29000 ? 76  LEU A O   1 
ATOM   574  C CB  . LEU A 1 77 ? -0.58587  0.05301   1.89038   1.000 14.52000 ? 76  LEU A CB  1 
ATOM   575  C CG  . LEU A 1 77 ? -1.59793  1.18936   1.74032   1.000 15.59000 ? 76  LEU A CG  1 
ATOM   576  C CD1 . LEU A 1 77 ? -1.32918  1.94130   0.43568   1.000 17.46000 ? 76  LEU A CD1 1 
ATOM   577  C CD2 . LEU A 1 77 ? -3.00380  0.63552   1.77321   1.000 21.27000 ? 76  LEU A CD2 1 
ATOM   578  N N   . VAL A 1 78 ? 1.66056   -1.70523  3.23934   1.000 15.46000 ? 77  VAL A N   1 
ATOM   579  C CA  . VAL A 1 78 ? 2.66020   -2.76443  3.11243   1.000 15.16000 ? 77  VAL A CA  1 
ATOM   580  C C   . VAL A 1 78 ? 2.51055   -3.78327  4.23765   1.000 14.85000 ? 77  VAL A C   1 
ATOM   581  O O   . VAL A 1 78 ? 2.51897   -4.99703  3.99579   1.000 16.52000 ? 77  VAL A O   1 
ATOM   582  C CB  . VAL A 1 78 ? 4.07477   -2.15646  3.08158   1.000 14.70000 ? 77  VAL A CB  1 
ATOM   583  C CG1 . VAL A 1 78 ? 5.13046   -3.25247  3.27311   1.000 18.56000 ? 77  VAL A CG1 1 
ATOM   584  C CG2 . VAL A 1 78 ? 4.31839   -1.41344  1.78213   1.000 16.19000 ? 77  VAL A CG2 1 
ATOM   585  N N   . ARG A 1 79 ? 2.34602   -3.30571  5.48131   1.000 15.76000 ? 78  ARG A N   1 
ATOM   586  C CA  . ARG A 1 79 ? 2.22275   -4.21875  6.61683   1.000 16.95000 ? 78  ARG A CA  1 
ATOM   587  C C   . ARG A 1 79 ? 0.96572   -5.06559  6.50850   1.000 16.50000 ? 78  ARG A C   1 
ATOM   588  O O   . ARG A 1 79 ? 1.00048   -6.27649  6.76304   1.000 18.26000 ? 78  ARG A O   1 
ATOM   589  C CB  . ARG A 1 79 ? 2.22398   -3.44153  7.93258   1.000 20.52000 ? 78  ARG A CB  1 
ATOM   590  C CG  . ARG A 1 79 ? 3.56655   -2.85773  8.27871   1.000 20.45000 ? 78  ARG A CG  1 
ATOM   591  C CD  . ARG A 1 79 ? 3.56214   -2.19262  9.64276   1.000 22.08000 ? 78  ARG A CD  1 
ATOM   592  N NE  . ARG A 1 79 ? 4.87033   -1.61780  9.92606   1.000 29.02000 ? 78  ARG A NE  1 
ATOM   593  C CZ  . ARG A 1 79 ? 5.87054   -2.29333  10.47755  1.000 29.25000 ? 78  ARG A CZ  1 
ATOM   594  N NH1 . ARG A 1 79 ? 5.69670   -3.56985  10.82161  1.000 27.63000 ? 78  ARG A NH1 1 
ATOM   595  N NH2 . ARG A 1 79 ? 7.03479   -1.69337  10.68793  1.000 30.84000 ? 78  ARG A NH2 1 
ATOM   596  N N   . TYR A 1 80 ? -0.15284  -4.44330  6.12717   1.000 16.14000 ? 79  TYR A N   1 
ATOM   597  C CA  . TYR A 1 80 ? -1.40815  -5.17071  5.97229   1.000 17.17000 ? 79  TYR A CA  1 
ATOM   598  C C   . TYR A 1 80 ? -1.28761  -6.23528  4.89175   1.000 16.97000 ? 79  TYR A C   1 
ATOM   599  O O   . TYR A 1 80 ? -1.74324  -7.37572  5.07370   1.000 18.41000 ? 79  TYR A O   1 
ATOM   600  C CB  . TYR A 1 80 ? -2.53879  -4.17929  5.65077   1.000 17.90000 ? 79  TYR A CB  1 
ATOM   601  C CG  . TYR A 1 80 ? -3.90331  -4.82518  5.58578   1.000 16.73000 ? 79  TYR A CG  1 
ATOM   602  C CD1 . TYR A 1 80 ? -4.67872  -4.97617  6.72884   1.000 22.82000 ? 79  TYR A CD1 1 
ATOM   603  C CD2 . TYR A 1 80 ? -4.40328  -5.29928  4.38341   1.000 16.70000 ? 79  TYR A CD2 1 
ATOM   604  C CE1 . TYR A 1 80 ? -5.92926  -5.58510  6.67099   1.000 24.68000 ? 79  TYR A CE1 1 
ATOM   605  C CE2 . TYR A 1 80 ? -5.65231  -5.91699  4.31431   1.000 21.46000 ? 79  TYR A CE2 1 
ATOM   606  C CZ  . TYR A 1 80 ? -6.40398  -6.04933  5.46315   1.000 24.67000 ? 79  TYR A CZ  1 
ATOM   607  O OH  . TYR A 1 80 ? -7.63682  -6.66495  5.39743   1.000 25.91000 ? 79  TYR A OH  1 
ATOM   608  N N   . TYR A 1 81 ? -0.63460  -5.89752  3.78734   1.000 15.86000 ? 80  TYR A N   1 
ATOM   609  C CA  . TYR A 1 81 ? -0.49102  -6.86050  2.66592   1.000 14.93000 ? 80  TYR A CA  1 
ATOM   610  C C   . TYR A 1 81 ? 0.36910   -8.05058  3.09424   1.000 17.45000 ? 80  TYR A C   1 
ATOM   611  O O   . TYR A 1 81 ? -0.01600  -9.18810  2.84459   1.000 17.77000 ? 80  TYR A O   1 
ATOM   612  C CB  . TYR A 1 81 ? 0.18617   -6.17485  1.48006   1.000 15.96000 ? 80  TYR A CB  1 
ATOM   613  C CG  . TYR A 1 81 ? 0.23837   -6.98995  0.21550   1.000 15.42000 ? 80  TYR A CG  1 
ATOM   614  C CD1 . TYR A 1 81 ? -0.83593  -7.01115  -0.65214  1.000 16.49000 ? 80  TYR A CD1 1 
ATOM   615  C CD2 . TYR A 1 81 ? 1.36106   -7.72802  -0.11874  1.000 15.96000 ? 80  TYR A CD2 1 
ATOM   616  C CE1 . TYR A 1 81 ? -0.80534  -7.75333  -1.81814  1.000 17.13000 ? 80  TYR A CE1 1 
ATOM   617  C CE2 . TYR A 1 81 ? 1.40766   -8.48060  -1.27750  1.000 17.97000 ? 80  TYR A CE2 1 
ATOM   618  C CZ  . TYR A 1 81 ? 0.32212   -8.48713  -2.13234  1.000 17.80000 ? 80  TYR A CZ  1 
ATOM   619  O OH  . TYR A 1 81 ? 0.35587   -9.21390  -3.28043  1.000 17.72000 ? 80  TYR A OH  1 
ATOM   620  N N   . LEU A 1 82 ? 1.51783   -7.77366  3.69722   1.000 16.56000 ? 81  LEU A N   1 
ATOM   621  C CA  . LEU A 1 82 ? 2.44911   -8.87237  4.05670   1.000 16.01000 ? 81  LEU A CA  1 
ATOM   622  C C   . LEU A 1 82 ? 1.79400   -9.81411  5.07208   1.000 19.06000 ? 81  LEU A C   1 
ATOM   623  O O   . LEU A 1 82 ? 1.89566   -11.02526 4.89337   1.000 18.70000 ? 81  LEU A O   1 
ATOM   624  C CB  . LEU A 1 82 ? 3.75189   -8.26792  4.57961   1.000 17.05000 ? 81  LEU A CB  1 
ATOM   625  C CG  . LEU A 1 82 ? 4.61927   -7.62576  3.49910   1.000 17.20000 ? 81  LEU A CG  1 
ATOM   626  C CD1 . LEU A 1 82 ? 5.80414   -6.90829  4.11159   1.000 19.76000 ? 81  LEU A CD1 1 
ATOM   627  C CD2 . LEU A 1 82 ? 5.08675   -8.65716  2.48476   1.000 18.82000 ? 81  LEU A CD2 1 
ATOM   628  N N   . LYS A 1 83 ? 1.12735   -9.25426  6.07587   1.000 19.00000 ? 82  LYS A N   1 
ATOM   629  C CA  . LYS A 1 83 ? 0.43469   -10.08409 7.09108   1.000 19.63000 ? 82  LYS A CA  1 
ATOM   630  C C   . LYS A 1 83 ? -0.62690  -10.95298 6.41418   1.000 18.82000 ? 82  LYS A C   1 
ATOM   631  O O   . LYS A 1 83 ? -0.69335  -12.14463 6.71852   1.000 21.75000 ? 82  LYS A O   1 
ATOM   632  C CB  . LYS A 1 83 ? -0.18920  -9.18826  8.16213   1.000 23.46000 ? 82  LYS A CB  1 
ATOM   633  C CG  . LYS A 1 83 ? 0.66453   -8.98530  9.40305   1.000 29.18000 ? 82  LYS A CG  1 
ATOM   634  C CD  . LYS A 1 83 ? 0.01556   -8.09816  10.43753  1.000 35.53000 ? 82  LYS A CD  1 
ATOM   635  C CE  . LYS A 1 83 ? -0.34017  -6.72835  9.90372   1.000 32.43000 ? 82  LYS A CE  1 
ATOM   636  N NZ  . LYS A 1 83 ? -0.43515  -5.72433  10.98950  1.000 38.77000 ? 82  LYS A NZ  1 
ATOM   637  N N   . GLY A 1 84 ? -1.41941  -10.36858 5.52019   1.000 19.40000 ? 83  GLY A N   1 
ATOM   638  C CA  . GLY A 1 84 ? -2.49288  -11.13277 4.86532   1.000 19.95000 ? 83  GLY A CA  1 
ATOM   639  C C   . GLY A 1 84 ? -1.94999  -12.17971 3.91258   1.000 20.95000 ? 83  GLY A C   1 
ATOM   640  O O   . GLY A 1 84 ? -2.68288  -13.11487 3.58981   1.000 23.64000 ? 83  GLY A O   1 
ATOM   641  N N   . ASN A 1 85 ? -0.70164  -12.01705 3.47731   1.000 18.28000 ? 84  ASN A N   1 
ATOM   642  C CA  . ASN A 1 85 ? -0.10177  -12.95235 2.49327   1.000 19.40000 ? 84  ASN A CA  1 
ATOM   643  C C   . ASN A 1 85 ? 0.84757   -13.93337 3.19049   1.000 19.78000 ? 84  ASN A C   1 
ATOM   644  O O   . ASN A 1 85 ? 1.65744   -14.53909 2.49082   1.000 21.48000 ? 84  ASN A O   1 
ATOM   645  C CB  . ASN A 1 85 ? 0.46246   -12.20713 1.28606   1.000 18.06000 ? 84  ASN A CB  1 
ATOM   646  C CG  . ASN A 1 85 ? -0.62345  -11.73730 0.34367   1.000 19.34000 ? 84  ASN A CG  1 
ATOM   647  O OD1 . ASN A 1 85 ? -1.10437  -12.50523 -0.48026  1.000 23.23000 ? 84  ASN A OD1 1 
ATOM   648  N ND2 . ASN A 1 85 ? -1.02826  -10.48610 0.47034   1.000 19.66000 ? 84  ASN A ND2 1 
ATOM   649  N N   . GLY A 1 86 ? 0.79333   -14.03793 4.52057   1.000 18.95000 ? 85  GLY A N   1 
ATOM   650  C CA  . GLY A 1 86 ? 1.54463   -15.10955 5.20976   1.000 21.04000 ? 85  GLY A CA  1 
ATOM   651  C C   . GLY A 1 86 ? 2.77992   -14.71908 5.99931   1.000 23.79000 ? 85  GLY A C   1 
ATOM   652  O O   . GLY A 1 86 ? 3.43770   -15.63122 6.51621   1.000 26.39000 ? 85  GLY A O   1 
ATOM   653  N N   . ILE A 1 87 ? 3.08115   -13.43328 6.11397   1.000 18.74000 ? 86  ILE A N   1 
ATOM   654  C CA  . ILE A 1 87 ? 4.24591   -13.00123 6.93192   1.000 20.62000 ? 86  ILE A CA  1 
ATOM   655  C C   . ILE A 1 87 ? 3.81289   -12.79464 8.38323   1.000 26.27000 ? 86  ILE A C   1 
ATOM   656  O O   . ILE A 1 87 ? 2.81391   -12.10039 8.60857   1.000 24.80000 ? 86  ILE A O   1 
ATOM   657  C CB  . ILE A 1 87 ? 4.87978   -11.72128 6.35050   1.000 17.67000 ? 86  ILE A CB  1 
ATOM   658  C CG1 . ILE A 1 87 ? 5.32162   -11.90453 4.89665   1.000 19.77000 ? 86  ILE A CG1 1 
ATOM   659  C CG2 . ILE A 1 87 ? 6.01077   -11.21862 7.22915   1.000 21.64000 ? 86  ILE A CG2 1 
ATOM   660  C CD1 . ILE A 1 87 ? 6.56899   -12.72681 4.73266   1.000 20.18000 ? 86  ILE A CD1 1 
ATOM   661  N N   . ASP A 1 88 ? 4.54656   -13.38811 9.32413   1.000 27.43000 ? 87  ASP A N   1 
ATOM   662  C CA  . ASP A 1 88 ? 4.27818   -13.13945 10.76131  1.000 35.13000 ? 87  ASP A CA  1 
ATOM   663  C C   . ASP A 1 88 ? 5.10176   -11.91469 11.16436  1.000 35.71000 ? 87  ASP A C   1 
ATOM   664  O O   . ASP A 1 88 ? 6.29066   -12.08483 11.46009  1.000 39.09000 ? 87  ASP A O   1 
ATOM   665  C CB  . ASP A 1 88 ? 4.62753   -14.37473 11.58695  1.000 35.67000 ? 87  ASP A CB  1 
ATOM   666  C CG  . ASP A 1 88 ? 3.53650   -15.42644 11.56435  1.000 42.42000 ? 87  ASP A CG  1 
ATOM   667  O OD1 . ASP A 1 88 ? 3.87946   -16.62299 11.56722  1.000 52.64000 ? 87  ASP A OD1 1 
ATOM   668  O OD2 . ASP A 1 88 ? 2.35278   -15.03741 11.54523  1.000 48.68000 ? 87  ASP A OD2 1 
ATOM   669  N N   . LEU A 1 89 ? 4.49621   -10.72367 11.15042  1.000 39.09000 ? 88  LEU A N   1 
ATOM   670  C CA  . LEU A 1 89 ? 5.26194   -9.47546  11.41617  1.000 39.25000 ? 88  LEU A CA  1 
ATOM   671  C C   . LEU A 1 89 ? 5.49204   -9.28605  12.92113  1.000 49.97000 ? 88  LEU A C   1 
ATOM   672  O O   . LEU A 1 89 ? 6.42248   -8.55840  13.28109  1.000 54.80000 ? 88  LEU A O   1 
ATOM   673  C CB  . LEU A 1 89 ? 4.49885   -8.29666  10.80707  1.000 39.78000 ? 88  LEU A CB  1 
ATOM   674  C CG  . LEU A 1 89 ? 4.76126   -8.04938  9.32478   1.000 31.19000 ? 88  LEU A CG  1 
ATOM   675  C CD1 . LEU A 1 89 ? 3.79446   -7.02134  8.76813   1.000 32.63000 ? 88  LEU A CD1 1 
ATOM   676  C CD2 . LEU A 1 89 ? 6.18505   -7.57860  9.11491   1.000 35.76000 ? 88  LEU A CD2 1 
ATOM   677  O OXT . LEU A 1 89 ? 4.73029   -9.86773  13.70499  1.000 30.00000 ? 88  LEU A OXT 1 
ATOM   678  N N   . GLU B 1 7  ? -6.32363  -21.74382 4.59234   1.000 53.40000 ? 6   GLU B N   1 
ATOM   679  C CA  . GLU B 1 7  ? -5.60415  -22.93318 4.15010   1.000 49.18000 ? 6   GLU B CA  1 
ATOM   680  C C   . GLU B 1 7  ? -5.40765  -22.94072 2.63757   1.000 52.63000 ? 6   GLU B C   1 
ATOM   681  O O   . GLU B 1 7  ? -6.24726  -23.46791 1.90088   1.000 52.39000 ? 6   GLU B O   1 
ATOM   682  C CB  . GLU B 1 7  ? -6.34489  -24.20112 4.58416   1.000 49.17000 ? 6   GLU B CB  1 
ATOM   683  C CG  . GLU B 1 7  ? -5.90384  -24.74936 5.93493   1.000 48.58000 ? 6   GLU B CG  1 
ATOM   684  C CD  . GLU B 1 7  ? -6.13734  -26.24646 6.06906   1.000 45.90000 ? 6   GLU B CD  1 
ATOM   685  O OE1 . GLU B 1 7  ? -7.07941  -26.76415 5.42675   1.000 48.09000 ? 6   GLU B OE1 1 
ATOM   686  O OE2 . GLU B 1 7  ? -5.38658  -26.90428 6.82485   1.000 41.00000 ? 6   GLU B OE2 1 
ATOM   687  N N   . GLU B 1 8  ? -4.30403  -22.35057 2.17494   1.000 48.73000 ? 7   GLU B N   1 
ATOM   688  C CA  . GLU B 1 8  ? -3.95996  -22.38479 0.76003   1.000 45.00000 ? 7   GLU B CA  1 
ATOM   689  C C   . GLU B 1 8  ? -2.46602  -22.62311 0.59856   1.000 38.24000 ? 7   GLU B C   1 
ATOM   690  O O   . GLU B 1 8  ? -1.64292  -21.94421 1.22306   1.000 39.11000 ? 7   GLU B O   1 
ATOM   691  C CB  . GLU B 1 8  ? -4.37436  -21.09643 0.03950   1.000 47.29000 ? 7   GLU B CB  1 
ATOM   692  C CG  . GLU B 1 8  ? -3.89849  -19.81467 0.69820   1.000 51.98000 ? 7   GLU B CG  1 
ATOM   693  C CD  . GLU B 1 8  ? -4.61655  -18.59077 0.16497   1.000 55.03000 ? 7   GLU B CD  1 
ATOM   694  O OE1 . GLU B 1 8  ? -4.38019  -18.22399 -1.00662  1.000 61.23000 ? 7   GLU B OE1 1 
ATOM   695  O OE2 . GLU B 1 8  ? -5.41676  -17.99448 0.91853   1.000 56.68000 ? 7   GLU B OE2 1 
ATOM   696  N N   . VAL B 1 9  ? -2.13892  -23.58150 -0.24033  1.000 33.05000 ? 8   VAL B N   1 
ATOM   697  C CA  . VAL B 1 9  ? -0.76899  -23.92820 -0.59413  1.000 28.03000 ? 8   VAL B CA  1 
ATOM   698  C C   . VAL B 1 9  ? -0.31977  -23.03780 -1.74376  1.000 29.79000 ? 8   VAL B C   1 
ATOM   699  O O   . VAL B 1 9  ? -1.09173  -22.76077 -2.67336  1.000 33.45000 ? 8   VAL B O   1 
ATOM   700  C CB  . VAL B 1 9  ? -0.68446  -25.42332 -0.96209  1.000 28.83000 ? 8   VAL B CB  1 
ATOM   701  C CG1 . VAL B 1 9  ? 0.62548   -25.75619 -1.64624  1.000 25.52000 ? 8   VAL B CG1 1 
ATOM   702  C CG2 . VAL B 1 9  ? -0.90039  -26.28630 0.27417   1.000 31.04000 ? 8   VAL B CG2 1 
ATOM   703  N N   . ARG B 1 10 ? 0.92297   -22.55975 -1.66998  1.000 24.48000 ? 9   ARG B N   1 
ATOM   704  C CA  . ARG B 1 10 ? 1.55473   -21.83319 -2.76563  1.000 24.86000 ? 9   ARG B CA  1 
ATOM   705  C C   . ARG B 1 10 ? 2.24513   -22.83147 -3.68210  1.000 26.75000 ? 9   ARG B C   1 
ATOM   706  O O   . ARG B 1 10 ? 2.96680   -23.71077 -3.20776  1.000 24.93000 ? 9   ARG B O   1 
ATOM   707  C CB  . ARG B 1 10 ? 2.57176   -20.81926 -2.23548  1.000 26.88000 ? 9   ARG B CB  1 
ATOM   708  C CG  . ARG B 1 10 ? 2.01409   -19.42906 -2.10265  1.000 31.16000 ? 9   ARG B CG  1 
ATOM   709  C CD  . ARG B 1 10 ? 3.07192   -18.37731 -1.79264  1.000 26.89000 ? 9   ARG B CD  1 
ATOM   710  N NE  . ARG B 1 10 ? 2.38998   -17.10767 -1.56696  1.000 31.53000 ? 9   ARG B NE  1 
ATOM   711  C CZ  . ARG B 1 10 ? 2.10569   -16.61121 -0.36777  1.000 32.68000 ? 9   ARG B CZ  1 
ATOM   712  N NH1 . ARG B 1 10 ? 2.48904   -17.25090 0.73098   1.000 28.78000 ? 9   ARG B NH1 1 
ATOM   713  N NH2 . ARG B 1 10 ? 1.45167   -15.46160 -0.26926  1.000 34.07000 ? 9   ARG B NH2 1 
ATOM   714  N N   . PHE B 1 11 ? 2.02603   -22.69796 -4.98600  1.000 24.39000 ? 10  PHE B N   1 
ATOM   715  C CA  . PHE B 1 11 ? 2.59529   -23.61081 -5.96775  1.000 26.47000 ? 10  PHE B CA  1 
ATOM   716  C C   . PHE B 1 11 ? 3.77795   -22.97564 -6.68425  1.000 27.89000 ? 10  PHE B C   1 
ATOM   717  O O   . PHE B 1 11 ? 3.74775   -21.79260 -7.03089  1.000 27.16000 ? 10  PHE B O   1 
ATOM   718  C CB  . PHE B 1 11 ? 1.54151   -24.03815 -6.99522  1.000 29.83000 ? 10  PHE B CB  1 
ATOM   719  C CG  . PHE B 1 11 ? 0.40582   -24.81312 -6.40062  1.000 30.82000 ? 10  PHE B CG  1 
ATOM   720  C CD1 . PHE B 1 11 ? 0.46044   -26.19637 -6.32566  1.000 32.53000 ? 10  PHE B CD1 1 
ATOM   721  C CD2 . PHE B 1 11 ? -0.70675  -24.16281 -5.89358  1.000 30.75000 ? 10  PHE B CD2 1 
ATOM   722  C CE1 . PHE B 1 11 ? -0.58619  -26.91492 -5.76474  1.000 34.79000 ? 10  PHE B CE1 1 
ATOM   723  C CE2 . PHE B 1 11 ? -1.75364  -24.87541 -5.33751  1.000 33.24000 ? 10  PHE B CE2 1 
ATOM   724  C CZ  . PHE B 1 11 ? -1.69008  -26.25182 -5.27112  1.000 34.08000 ? 10  PHE B CZ  1 
ATOM   725  N N   . ARG B 1 12 ? 4.81887   -23.77285 -6.91988  1.000 26.60000 ? 11  ARG B N   1 
ATOM   726  C CA  . ARG B 1 12 ? 5.94277   -23.32228 -7.73154  1.000 24.63000 ? 11  ARG B CA  1 
ATOM   727  C C   . ARG B 1 12 ? 5.58846   -23.53388 -9.20171  1.000 31.79000 ? 11  ARG B C   1 
ATOM   728  O O   . ARG B 1 12 ? 5.48901   -24.67239 -9.66875  1.000 29.63000 ? 11  ARG B O   1 
ATOM   729  C CB  . ARG B 1 12 ? 7.22131   -24.06575 -7.34994  1.000 26.98000 ? 11  ARG B CB  1 
ATOM   730  C CG  . ARG B 1 12 ? 8.38654   -23.79455 -8.28823  1.000 27.36000 ? 11  ARG B CG  1 
ATOM   731  C CD  . ARG B 1 12 ? 9.70441   -24.24421 -7.68520  1.000 25.25000 ? 11  ARG B CD  1 
ATOM   732  N NE  . ARG B 1 12 ? 10.85115  -23.86448 -8.49915  1.000 27.43000 ? 11  ARG B NE  1 
ATOM   733  C CZ  . ARG B 1 12 ? 11.56526  -24.71712 -9.22589  1.000 28.97000 ? 11  ARG B CZ  1 
ATOM   734  N NH1 . ARG B 1 12 ? 11.23931  -26.00669 -9.24683  1.000 28.83000 ? 11  ARG B NH1 1 
ATOM   735  N NH2 . ARG B 1 12 ? 12.60656  -24.28315 -9.92692  1.000 30.35000 ? 11  ARG B NH2 1 
ATOM   736  N N   . LEU B 1 13 ? 5.38225   -22.44236 -9.92962  1.000 30.57000 ? 12  LEU B N   1 
ATOM   737  C CA  . LEU B 1 13 ? 4.98671   -22.51202 -11.32854 1.000 31.82000 ? 12  LEU B CA  1 
ATOM   738  C C   . LEU B 1 13 ? 6.20192   -22.36274 -12.23834 1.000 40.05000 ? 12  LEU B C   1 
ATOM   739  O O   . LEU B 1 13 ? 7.31777   -22.09439 -11.79195 1.000 40.55000 ? 12  LEU B O   1 
ATOM   740  C CB  . LEU B 1 13 ? 3.94035   -21.43656 -11.64220 1.000 34.53000 ? 12  LEU B CB  1 
ATOM   741  C CG  . LEU B 1 13 ? 2.74332   -21.38599 -10.69189 1.000 32.40000 ? 12  LEU B CG  1 
ATOM   742  C CD1 . LEU B 1 13 ? 1.85922   -20.18902 -11.00440 1.000 38.10000 ? 12  LEU B CD1 1 
ATOM   743  C CD2 . LEU B 1 13 ? 1.94361   -22.68176 -10.75681 1.000 36.80000 ? 12  LEU B CD2 1 
ATOM   744  N N   . ASP B 1 14 ? 5.97197   -22.55183 -13.53640 1.000 46.17000 ? 13  ASP B N   1 
ATOM   745  C CA  . ASP B 1 14 ? 7.02502   -22.33675 -14.51738 1.000 53.68000 ? 13  ASP B CA  1 
ATOM   746  C C   . ASP B 1 14 ? 7.35876   -20.85033 -14.62664 1.000 56.51000 ? 13  ASP B C   1 
ATOM   747  O O   . ASP B 1 14 ? 6.59601   -19.98172 -14.19689 1.000 55.50000 ? 13  ASP B O   1 
ATOM   748  C CB  . ASP B 1 14 ? 6.60691   -22.87471 -15.88591 1.000 58.17000 ? 13  ASP B CB  1 
ATOM   749  C CG  . ASP B 1 14 ? 6.84487   -24.36265 -16.02167 1.000 60.46000 ? 13  ASP B CG  1 
ATOM   750  O OD1 . ASP B 1 14 ? 7.89477   -24.74857 -16.57825 1.000 62.80000 ? 13  ASP B OD1 1 
ATOM   751  O OD2 . ASP B 1 14 ? 5.97930   -25.14325 -15.57103 1.000 59.16000 ? 13  ASP B OD2 1 
ATOM   752  N N   . ASP B 1 15 ? 8.51800   -20.56169 -15.22481 1.000 61.68000 ? 14  ASP B N   1 
ATOM   753  C CA  . ASP B 1 15 ? 8.93201   -19.17183 -15.39496 1.000 63.35000 ? 14  ASP B CA  1 
ATOM   754  C C   . ASP B 1 15 ? 8.11534   -18.44055 -16.45262 1.000 63.69000 ? 14  ASP B C   1 
ATOM   755  O O   . ASP B 1 15 ? 8.08901   -17.20367 -16.44551 1.000 63.85000 ? 14  ASP B O   1 
ATOM   756  C CB  . ASP B 1 15 ? 10.41756  -19.08889 -15.75607 1.000 67.13000 ? 14  ASP B CB  1 
ATOM   757  C CG  . ASP B 1 15 ? 11.26088  -20.08050 -14.98768 1.000 70.06000 ? 14  ASP B CG  1 
ATOM   758  O OD1 . ASP B 1 15 ? 11.44745  -19.88085 -13.76844 1.000 73.02000 ? 14  ASP B OD1 1 
ATOM   759  O OD2 . ASP B 1 15 ? 11.74505  -21.05380 -15.60349 1.000 73.56000 ? 14  ASP B OD2 1 
ATOM   760  N N   . THR B 1 16 ? 7.46130   -19.16552 -17.36568 1.000 63.08000 ? 15  THR B N   1 
ATOM   761  C CA  . THR B 1 16 ? 6.61958   -18.51202 -18.36327 1.000 63.29000 ? 15  THR B CA  1 
ATOM   762  C C   . THR B 1 16 ? 5.33699   -17.96307 -17.75729 1.000 62.11000 ? 15  THR B C   1 
ATOM   763  O O   . THR B 1 16 ? 4.69869   -17.09770 -18.36696 1.000 62.77000 ? 15  THR B O   1 
ATOM   764  C CB  . THR B 1 16 ? 6.28055   -19.47934 -19.50491 1.000 64.23000 ? 15  THR B CB  1 
ATOM   765  O OG1 . THR B 1 16 ? 5.61913   -20.63862 -18.98557 1.000 62.05000 ? 15  THR B OG1 1 
ATOM   766  C CG2 . THR B 1 16 ? 7.54590   -19.90288 -20.24478 1.000 63.97000 ? 15  THR B CG2 1 
ATOM   767  N N   . ASP B 1 17 ? 4.94065   -18.45404 -16.58428 1.000 60.50000 ? 16  ASP B N   1 
ATOM   768  C CA  . ASP B 1 17 ? 3.83139   -17.85609 -15.85885 1.000 57.00000 ? 16  ASP B CA  1 
ATOM   769  C C   . ASP B 1 17 ? 4.21563   -16.46647 -15.36143 1.000 53.66000 ? 16  ASP B C   1 
ATOM   770  O O   . ASP B 1 17 ? 5.37707   -16.19046 -15.04339 1.000 51.96000 ? 16  ASP B O   1 
ATOM   771  C CB  . ASP B 1 17 ? 3.41786   -18.73200 -14.67327 1.000 53.39000 ? 16  ASP B CB  1 
ATOM   772  C CG  . ASP B 1 17 ? 2.80084   -20.05263 -15.10181 1.000 58.11000 ? 16  ASP B CG  1 
ATOM   773  O OD1 . ASP B 1 17 ? 3.39691   -20.74189 -15.95564 1.000 59.60000 ? 16  ASP B OD1 1 
ATOM   774  O OD2 . ASP B 1 17 ? 1.71620   -20.39859 -14.58702 1.000 59.02000 ? 16  ASP B OD2 1 
ATOM   775  N N   . LYS B 1 18 ? 3.22185   -15.58316 -15.30437 1.000 52.08000 ? 17  LYS B N   1 
ATOM   776  C CA  . LYS B 1 18 ? 3.45538   -14.23395 -14.80965 1.000 48.68000 ? 17  LYS B CA  1 
ATOM   777  C C   . LYS B 1 18 ? 3.85357   -14.26989 -13.34044 1.000 41.75000 ? 17  LYS B C   1 
ATOM   778  O O   . LYS B 1 18 ? 3.30619   -15.04102 -12.54695 1.000 43.95000 ? 17  LYS B O   1 
ATOM   779  C CB  . LYS B 1 18 ? 2.20270   -13.37704 -14.99576 1.000 48.49000 ? 17  LYS B CB  1 
ATOM   780  C CG  . LYS B 1 18 ? 2.44219   -11.88564 -14.82369 1.000 51.19000 ? 17  LYS B CG  1 
ATOM   781  C CD  . LYS B 1 18 ? 1.21960   -11.18703 -14.24707 1.000 54.52000 ? 17  LYS B CD  1 
ATOM   782  C CE  . LYS B 1 18 ? 0.54503   -10.30245 -15.28291 1.000 57.44000 ? 17  LYS B CE  1 
ATOM   783  N NZ  . LYS B 1 18 ? -0.83854  -9.94237  -14.86852 1.000 59.53000 ? 17  LYS B NZ  1 
ATOM   784  N N   . GLN B 1 19 ? 4.82812   -13.44125 -12.98235 1.000 38.58000 ? 18  GLN B N   1 
ATOM   785  C CA  . GLN B 1 19 ? 5.22180   -13.30712 -11.58652 1.000 34.96000 ? 18  GLN B CA  1 
ATOM   786  C C   . GLN B 1 19 ? 4.07572   -12.69091 -10.79044 1.000 30.78000 ? 18  GLN B C   1 
ATOM   787  O O   . GLN B 1 19 ? 3.58544   -11.61544 -11.14138 1.000 29.61000 ? 18  GLN B O   1 
ATOM   788  C CB  . GLN B 1 19 ? 6.47471   -12.44194 -11.47838 1.000 32.44000 ? 18  GLN B CB  1 
ATOM   789  C CG  . GLN B 1 19 ? 6.99673   -12.26096 -10.06422 1.000 30.31000 ? 18  GLN B CG  1 
ATOM   790  C CD  . GLN B 1 19 ? 7.90110   -13.39803 -9.61170  1.000 30.85000 ? 18  GLN B CD  1 
ATOM   791  O OE1 . GLN B 1 19 ? 8.43830   -14.14414 -10.43805 1.000 34.74000 ? 18  GLN B OE1 1 
ATOM   792  N NE2 . GLN B 1 19 ? 8.08632   -13.52836 -8.29394  1.000 24.53000 ? 18  GLN B NE2 1 
ATOM   793  N N   . GLU B 1 20 ? 3.63026   -13.37639 -9.74195  1.000 29.25000 ? 19  GLU B N   1 
ATOM   794  C CA  . GLU B 1 20 ? 2.59041   -12.83131 -8.87776  1.000 24.10000 ? 19  GLU B CA  1 
ATOM   795  C C   . GLU B 1 20 ? 3.20389   -11.92089 -7.82424  1.000 21.10000 ? 19  GLU B C   1 
ATOM   796  O O   . GLU B 1 20 ? 4.22650   -12.24789 -7.21091  1.000 19.50000 ? 19  GLU B O   1 
ATOM   797  C CB  . GLU B 1 20 ? 1.79229   -13.94741 -8.20757  1.000 28.13000 ? 19  GLU B CB  1 
ATOM   798  C CG  . GLU B 1 20 ? 1.31026   -15.01268 -9.17388  1.000 29.37000 ? 19  GLU B CG  1 
ATOM   799  C CD  . GLU B 1 20 ? 0.88942   -16.28646 -8.46573  1.000 36.82000 ? 19  GLU B CD  1 
ATOM   800  O OE1 . GLU B 1 20 ? 0.22468   -16.18307 -7.40943  1.000 37.68000 ? 19  GLU B OE1 1 
ATOM   801  O OE2 . GLU B 1 20 ? 1.22244   -17.38704 -8.95907  1.000 38.03000 ? 19  GLU B OE2 1 
ATOM   802  N N   . ILE B 1 21 ? 2.57444   -10.75845 -7.62573  1.000 17.17000 ? 20  ILE B N   1 
ATOM   803  C CA  . ILE B 1 21 ? 3.08504   -9.78238  -6.66803  1.000 17.24000 ? 20  ILE B CA  1 
ATOM   804  C C   . ILE B 1 21 ? 3.11596   -10.36556 -5.26411  1.000 15.53000 ? 20  ILE B C   1 
ATOM   805  O O   . ILE B 1 21 ? 4.00880   -10.03284 -4.46935  1.000 15.96000 ? 20  ILE B O   1 
ATOM   806  C CB  . ILE B 1 21 ? 2.24551   -8.48786  -6.74900  1.000 17.68000 ? 20  ILE B CB  1 
ATOM   807  C CG1 . ILE B 1 21 ? 2.48858   -7.80318  -8.09667  1.000 17.42000 ? 20  ILE B CG1 1 
ATOM   808  C CG2 . ILE B 1 21 ? 2.55167   -7.54259  -5.56471  1.000 17.94000 ? 20  ILE B CG2 1 
ATOM   809  C CD1 . ILE B 1 21 ? 1.60891   -6.56641  -8.33318  1.000 21.48000 ? 20  ILE B CD1 1 
ATOM   810  N N   . SER B 1 22 ? 2.16107   -11.24790 -4.92583  1.000 16.58000 ? 21  SER B N   1 
ATOM   811  C CA  . SER B 1 22 ? 2.15485   -11.83013 -3.58440  1.000 15.27000 ? 21  SER B CA  1 
ATOM   812  C C   . SER B 1 22 ? 3.40802   -12.65920 -3.33242  1.000 16.64000 ? 21  SER B C   1 
ATOM   813  O O   . SER B 1 22 ? 3.96997   -12.62332 -2.23139  1.000 16.83000 ? 21  SER B O   1 
ATOM   814  C CB  . SER B 1 22 ? 0.89866   -12.68032 -3.37369  1.000 20.90000 ? 21  SER B CB  1 
ATOM   815  O OG  . SER B 1 22 ? 0.78026   -13.67516 -4.37136  1.000 24.76000 ? 21  SER B OG  1 
ATOM   816  N N   . LYS B 1 23 ? 3.86067   -13.40654 -4.34125  1.000 16.78000 ? 22  LYS B N   1 
ATOM   817  C CA  . LYS B 1 23 ? 5.10155   -14.16477 -4.21015  1.000 14.76000 ? 22  LYS B CA  1 
ATOM   818  C C   . LYS B 1 23 ? 6.31024   -13.24337 -4.15117  1.000 14.97000 ? 22  LYS B C   1 
ATOM   819  O O   . LYS B 1 23 ? 7.21531   -13.45557 -3.33561  1.000 16.19000 ? 22  LYS B O   1 
ATOM   820  C CB  . LYS B 1 23 ? 5.22912   -15.15539 -5.36795  1.000 17.17000 ? 22  LYS B CB  1 
ATOM   821  C CG  . LYS B 1 23 ? 4.28091   -16.34533 -5.22459  1.000 18.99000 ? 22  LYS B CG  1 
ATOM   822  C CD  . LYS B 1 23 ? 4.27822   -17.19872 -6.47890  1.000 21.84000 ? 22  LYS B CD  1 
ATOM   823  C CE  . LYS B 1 23 ? 3.37015   -18.41210 -6.31934  1.000 24.25000 ? 22  LYS B CE  1 
ATOM   824  N NZ  . LYS B 1 23 ? 3.08636   -19.06349 -7.63701  1.000 30.86000 ? 22  LYS B NZ  1 
ATOM   825  N N   . THR B 1 24 ? 6.35744   -12.22374 -5.01626  1.000 14.20000 ? 23  THR B N   1 
ATOM   826  C CA  . THR B 1 24 ? 7.48605   -11.29809 -5.01290  1.000 14.57000 ? 23  THR B CA  1 
ATOM   827  C C   . THR B 1 24 ? 7.65193   -10.62731 -3.65924  1.000 15.88000 ? 23  THR B C   1 
ATOM   828  O O   . THR B 1 24 ? 8.74007   -10.63616 -3.08226  1.000 15.69000 ? 23  THR B O   1 
ATOM   829  C CB  . THR B 1 24 ? 7.29976   -10.23664 -6.09632  1.000 15.21000 ? 23  THR B CB  1 
ATOM   830  O OG1 . THR B 1 24 ? 7.37685   -10.86746 -7.37361  1.000 17.65000 ? 23  THR B OG1 1 
ATOM   831  C CG2 . THR B 1 24 ? 8.37138   -9.14545  -5.99133  1.000 15.60000 ? 23  THR B CG2 1 
ATOM   832  N N   . LEU B 1 25 ? 6.57902   -10.04065 -3.12656  1.000 14.95000 ? 24  LEU B N   1 
ATOM   833  C CA  . LEU B 1 25 ? 6.76058   -9.19983  -1.95124  1.000 13.81000 ? 24  LEU B CA  1 
ATOM   834  C C   . LEU B 1 25 ? 7.05322   -10.03042 -0.70950  1.000 14.63000 ? 24  LEU B C   1 
ATOM   835  O O   . LEU B 1 25 ? 7.84158   -9.60289  0.14400   1.000 14.50000 ? 24  LEU B O   1 
ATOM   836  C CB  . LEU B 1 25 ? 5.53367   -8.31020  -1.74260  1.000 14.15000 ? 24  LEU B CB  1 
ATOM   837  C CG  . LEU B 1 25 ? 5.41960   -7.14369  -2.73818  1.000 15.87000 ? 24  LEU B CG  1 
ATOM   838  C CD1 . LEU B 1 25 ? 4.19656   -6.27860  -2.41205  1.000 16.31000 ? 24  LEU B CD1 1 
ATOM   839  C CD2 . LEU B 1 25 ? 6.68857   -6.28268  -2.75427  1.000 17.45000 ? 24  LEU B CD2 1 
ATOM   840  N N   . THR B 1 26 ? 6.43359   -11.21607 -0.58758  1.000 14.68000 ? 25  THR B N   1 
ATOM   841  C CA  . THR B 1 26 ? 6.73367   -12.07244 0.56322   1.000 13.33000 ? 25  THR B CA  1 
ATOM   842  C C   . THR B 1 26 ? 8.15478   -12.62901 0.47008   1.000 15.20000 ? 25  THR B C   1 
ATOM   843  O O   . THR B 1 26 ? 8.88109   -12.63582 1.46935   1.000 14.09000 ? 25  THR B O   1 
ATOM   844  C CB  . THR B 1 26 ? 5.69751   -13.20094 0.70231   1.000 14.21000 ? 25  THR B CB  1 
ATOM   845  O OG1 . THR B 1 26 ? 5.61103   -13.95066 -0.51827  1.000 15.69000 ? 25  THR B OG1 1 
ATOM   846  C CG2 . THR B 1 26 ? 4.30966   -12.63083 1.07190   1.000 14.64000 ? 25  THR B CG2 1 
ATOM   847  N N   . SER B 1 27 ? 8.59030   -13.02874 -0.73116  1.000 14.48000 ? 26  SER B N   1 
ATOM   848  C CA  . SER B 1 27 ? 9.95873   -13.52271 -0.90168  1.000 14.36000 ? 26  SER B CA  1 
ATOM   849  C C   . SER B 1 27 ? 10.98326  -12.42545 -0.63331  1.000 16.18000 ? 26  SER B C   1 
ATOM   850  O O   . SER B 1 27 ? 11.99552  -12.66093 0.03982   1.000 15.30000 ? 26  SER B O   1 
ATOM   851  C CB  . SER B 1 27 ? 10.13912  -14.08529 -2.30854  1.000 16.21000 ? 26  SER B CB  1 
ATOM   852  O OG  . SER B 1 27 ? 11.48464  -14.50447 -2.53087  1.000 18.51000 ? 26  SER B OG  1 
ATOM   853  N N   . VAL B 1 28 ? 10.72546  -11.22065 -1.13929  1.000 14.67000 ? 27  VAL B N   1 
ATOM   854  C CA  . VAL B 1 28 ? 11.60229  -10.07841 -0.86777  1.000 14.14000 ? 27  VAL B CA  1 
ATOM   855  C C   . VAL B 1 28 ? 11.68489  -9.81401  0.63178   1.000 14.67000 ? 27  VAL B C   1 
ATOM   856  O O   . VAL B 1 28 ? 12.77079  -9.59677  1.18005   1.000 15.69000 ? 27  VAL B O   1 
ATOM   857  C CB  . VAL B 1 28 ? 11.11761  -8.84184  -1.65151  1.000 14.47000 ? 27  VAL B CB  1 
ATOM   858  C CG1 . VAL B 1 28 ? 11.73382  -7.54925  -1.09450  1.000 16.03000 ? 27  VAL B CG1 1 
ATOM   859  C CG2 . VAL B 1 28 ? 11.43759  -9.01638  -3.14616  1.000 14.01000 ? 27  VAL B CG2 1 
ATOM   860  N N   . TYR B 1 29 ? 10.53792  -9.82719  1.32452   1.000 14.76000 ? 28  TYR B N   1 
ATOM   861  C CA  . TYR B 1 29 ? 10.56199  -9.65044  2.77255   1.000 13.69000 ? 28  TYR B CA  1 
ATOM   862  C C   . TYR B 1 29 ? 11.45824  -10.68750 3.43510   1.000 17.33000 ? 28  TYR B C   1 
ATOM   863  O O   . TYR B 1 29 ? 12.33205  -10.34428 4.23938   1.000 15.21000 ? 28  TYR B O   1 
ATOM   864  C CB  . TYR B 1 29 ? 9.14831   -9.72075  3.36331   1.000 15.63000 ? 28  TYR B CB  1 
ATOM   865  C CG  . TYR B 1 29 ? 9.15809   -9.55471  4.87190   1.000 16.21000 ? 28  TYR B CG  1 
ATOM   866  C CD1 . TYR B 1 29 ? 9.42508   -10.62926 5.71520   1.000 20.00000 ? 28  TYR B CD1 1 
ATOM   867  C CD2 . TYR B 1 29 ? 8.91289   -8.31994  5.45172   1.000 17.91000 ? 28  TYR B CD2 1 
ATOM   868  C CE1 . TYR B 1 29 ? 9.45775   -10.47076 7.09466   1.000 19.99000 ? 28  TYR B CE1 1 
ATOM   869  C CE2 . TYR B 1 29 ? 8.93417   -8.15589  6.82372   1.000 19.40000 ? 28  TYR B CE2 1 
ATOM   870  C CZ  . TYR B 1 29 ? 9.20513   -9.23578  7.64009   1.000 22.26000 ? 28  TYR B CZ  1 
ATOM   871  O OH  . TYR B 1 29 ? 9.22788   -9.07919  9.01234   1.000 26.45000 ? 28  TYR B OH  1 
ATOM   872  N N   . ARG B 1 30 ? 11.26093  -11.96707 3.10594   1.000 16.07000 ? 29  ARG B N   1 
ATOM   873  C CA  . ARG B 1 30 ? 12.00730  -13.00456 3.81601   1.000 15.86000 ? 29  ARG B CA  1 
ATOM   874  C C   . ARG B 1 30 ? 13.50104  -12.90295 3.52150   1.000 17.00000 ? 29  ARG B C   1 
ATOM   875  O O   . ARG B 1 30 ? 14.33301  -13.14119 4.40924   1.000 17.64000 ? 29  ARG B O   1 
ATOM   876  C CB  . ARG B 1 30 ? 11.45840  -14.38999 3.46056   1.000 15.76000 ? 29  ARG B CB  1 
ATOM   877  C CG  . ARG B 1 30 ? 10.11871  -14.68013 4.11435   1.000 15.67000 ? 29  ARG B CG  1 
ATOM   878  C CD  . ARG B 1 30 ? 9.79324   -16.19364 4.15700   1.000 17.93000 ? 29  ARG B CD  1 
ATOM   879  N NE  . ARG B 1 30 ? 8.61013   -16.42675 4.98917   1.000 18.84000 ? 29  ARG B NE  1 
ATOM   880  C CZ  . ARG B 1 30 ? 7.36678   -16.30316 4.54474   1.000 18.26000 ? 29  ARG B CZ  1 
ATOM   881  N NH1 . ARG B 1 30 ? 7.14307   -15.98407 3.27655   1.000 20.15000 ? 29  ARG B NH1 1 
ATOM   882  N NH2 . ARG B 1 30 ? 6.33891   -16.50621 5.37141   1.000 18.17000 ? 29  ARG B NH2 1 
ATOM   883  N N   . SER B 1 31 ? 13.85625  -12.52620 2.28927   1.000 14.57000 ? 30  SER B N   1 
ATOM   884  C CA  . SER B 1 31 ? 15.26395  -12.35638 1.92904   1.000 14.55000 ? 30  SER B CA  1 
ATOM   885  C C   . SER B 1 31 ? 15.88768  -11.17983 2.66510   1.000 17.08000 ? 30  SER B C   1 
ATOM   886  O O   . SER B 1 31 ? 17.01028  -11.28721 3.17969   1.000 18.88000 ? 30  SER B O   1 
ATOM   887  C CB  . SER B 1 31 ? 15.39239  -12.18441 0.41504   1.000 15.54000 ? 30  SER B CB  1 
ATOM   888  O OG  . SER B 1 31 ? 15.01858  -13.36613 -0.26635  1.000 16.86000 ? 30  SER B OG  1 
ATOM   889  N N   . LEU B 1 32 ? 15.19309  -10.03704 2.70539   1.000 15.99000 ? 31  LEU B N   1 
ATOM   890  C CA  . LEU B 1 32 ? 15.68234  -8.89208  3.47205   1.000 17.28000 ? 31  LEU B CA  1 
ATOM   891  C C   . LEU B 1 32 ? 15.90643  -9.26919  4.93474   1.000 20.48000 ? 31  LEU B C   1 
ATOM   892  O O   . LEU B 1 32 ? 16.94814  -8.95247  5.52317   1.000 21.31000 ? 31  LEU B O   1 
ATOM   893  C CB  . LEU B 1 32 ? 14.68762  -7.73655  3.36934   1.000 16.58000 ? 31  LEU B CB  1 
ATOM   894  C CG  . LEU B 1 32 ? 14.68417  -6.90564  2.08293   1.000 16.74000 ? 31  LEU B CG  1 
ATOM   895  C CD1 . LEU B 1 32 ? 13.32440  -6.22941  1.87920   1.000 17.54000 ? 31  LEU B CD1 1 
ATOM   896  C CD2 . LEU B 1 32 ? 15.79685  -5.85942  2.14240   1.000 19.91000 ? 31  LEU B CD2 1 
ATOM   897  N N   . GLU B 1 33 ? 14.93620  -9.95920  5.53623   1.000 17.43000 ? 32  GLU B N   1 
ATOM   898  C CA  . GLU B 1 33 ? 15.05516  -10.34827 6.93810   1.000 19.29000 ? 32  GLU B CA  1 
ATOM   899  C C   . GLU B 1 33 ? 16.23020  -11.29702 7.15674   1.000 22.72000 ? 32  GLU B C   1 
ATOM   900  O O   . GLU B 1 33 ? 17.01126  -11.12909 8.10265   1.000 22.89000 ? 32  GLU B O   1 
ATOM   901  C CB  . GLU B 1 33 ? 13.74617  -10.99634 7.40409   1.000 21.31000 ? 32  GLU B CB  1 
ATOM   902  C CG  . GLU B 1 33 ? 13.75830  -11.47058 8.84136   1.000 24.63000 ? 32  GLU B CG  1 
ATOM   903  C CD  . GLU B 1 33 ? 12.40572  -11.97820 9.29095   1.000 32.90000 ? 32  GLU B CD  1 
ATOM   904  O OE1 . GLU B 1 33 ? 11.84600  -12.86413 8.60583   1.000 39.04000 ? 32  GLU B OE1 1 
ATOM   905  O OE2 . GLU B 1 33 ? 11.89882  -11.49048 10.32220  1.000 40.71000 ? 32  GLU B OE2 1 
ATOM   906  N N   . GLU B 1 34 ? 16.37877  -12.28956 6.28181   1.000 19.37000 ? 33  GLU B N   1 
ATOM   907  C CA  . GLU B 1 34 ? 17.41988  -13.29747 6.46300   1.000 21.23000 ? 33  GLU B CA  1 
ATOM   908  C C   . GLU B 1 34 ? 18.81498  -12.68427 6.37401   1.000 25.99000 ? 33  GLU B C   1 
ATOM   909  O O   . GLU B 1 34 ? 19.72467  -13.08687 7.10920   1.000 27.93000 ? 33  GLU B O   1 
ATOM   910  C CB  . GLU B 1 34 ? 17.22502  -14.39724 5.41867   1.000 22.08000 ? 33  GLU B CB  1 
ATOM   911  C CG  . GLU B 1 34 ? 18.05888  -15.64573 5.58524   1.000 24.04000 ? 33  GLU B CG  1 
ATOM   912  C CD  . GLU B 1 34 ? 17.82479  -16.59803 4.44017   1.000 22.70000 ? 33  GLU B CD  1 
ATOM   913  O OE1 . GLU B 1 34 ? 18.48663  -16.45820 3.39145   1.000 25.12000 ? 33  GLU B OE1 1 
ATOM   914  O OE2 . GLU B 1 34 ? 16.94490  -17.47478 4.57061   1.000 22.78000 ? 33  GLU B OE2 1 
ATOM   915  N N   . LYS B 1 35 ? 18.99626  -11.69951 5.49145   1.000 24.24000 ? 34  LYS B N   1 
ATOM   916  C CA  . LYS B 1 35 ? 20.26971  -11.01458 5.29075   1.000 28.35000 ? 34  LYS B CA  1 
ATOM   917  C C   . LYS B 1 35 ? 20.53587  -9.91853  6.32479   1.000 26.74000 ? 34  LYS B C   1 
ATOM   918  O O   . LYS B 1 35 ? 21.61267  -9.31100  6.29604   1.000 36.28000 ? 34  LYS B O   1 
ATOM   919  C CB  . LYS B 1 35 ? 20.31525  -10.42464 3.87163   1.000 29.49000 ? 34  LYS B CB  1 
ATOM   920  C CG  . LYS B 1 35 ? 21.70007  -10.02663 3.35317   1.000 33.70000 ? 34  LYS B CG  1 
ATOM   921  C CD  . LYS B 1 35 ? 22.57358  -11.21875 3.04951   1.000 36.18000 ? 34  LYS B CD  1 
ATOM   922  C CE  . LYS B 1 35 ? 23.96082  -10.79370 2.57728   1.000 38.13000 ? 34  LYS B CE  1 
ATOM   923  N NZ  . LYS B 1 35 ? 24.73317  -10.09370 3.65567   1.000 46.13000 ? 34  LYS B NZ  1 
ATOM   924  N N   . GLY B 1 36 ? 19.59572  -9.63841  7.22420   1.000 23.73000 ? 35  GLY B N   1 
ATOM   925  C CA  . GLY B 1 36 ? 19.82296  -8.68322  8.29093   1.000 27.77000 ? 35  GLY B CA  1 
ATOM   926  C C   . GLY B 1 36 ? 19.40575  -7.25066  8.02417   1.000 27.94000 ? 35  GLY B C   1 
ATOM   927  O O   . GLY B 1 36 ? 19.72124  -6.37433  8.83778   1.000 29.94000 ? 35  GLY B O   1 
ATOM   928  N N   . TYR B 1 37 ? 18.69994  -6.97871  6.92852   1.000 26.83000 ? 36  TYR B N   1 
ATOM   929  C CA  . TYR B 1 37 ? 18.17517  -5.64338  6.68446   1.000 26.19000 ? 36  TYR B CA  1 
ATOM   930  C C   . TYR B 1 37 ? 16.89668  -5.40342  7.49771   1.000 25.73000 ? 36  TYR B C   1 
ATOM   931  O O   . TYR B 1 37 ? 16.31355  -6.32301  8.08314   1.000 24.94000 ? 36  TYR B O   1 
ATOM   932  C CB  . TYR B 1 37 ? 17.88740  -5.44185  5.19399   1.000 24.13000 ? 36  TYR B CB  1 
ATOM   933  C CG  . TYR B 1 37 ? 19.07513  -5.57486  4.25930   1.000 24.66000 ? 36  TYR B CG  1 
ATOM   934  C CD1 . TYR B 1 37 ? 19.40075  -6.79091  3.67441   1.000 25.42000 ? 36  TYR B CD1 1 
ATOM   935  C CD2 . TYR B 1 37 ? 19.85049  -4.46849  3.94027   1.000 30.32000 ? 36  TYR B CD2 1 
ATOM   936  C CE1 . TYR B 1 37 ? 20.47751  -6.90532  2.80798   1.000 28.05000 ? 36  TYR B CE1 1 
ATOM   937  C CE2 . TYR B 1 37 ? 20.92355  -4.57237  3.08655   1.000 30.26000 ? 36  TYR B CE2 1 
ATOM   938  C CZ  . TYR B 1 37 ? 21.23483  -5.78694  2.51822   1.000 27.62000 ? 36  TYR B CZ  1 
ATOM   939  O OH  . TYR B 1 37 ? 22.31379  -5.88246  1.66330   1.000 29.72000 ? 36  TYR B OH  1 
ATOM   940  N N   . ASN B 1 38 ? 16.45464  -4.13459  7.53660   1.000 25.24000 ? 37  ASN B N   1 
ATOM   941  C CA  . ASN B 1 38 ? 15.13745  -3.76900  8.05493   1.000 23.18000 ? 37  ASN B CA  1 
ATOM   942  C C   . ASN B 1 38 ? 14.14910  -3.93948  6.91183   1.000 24.27000 ? 37  ASN B C   1 
ATOM   943  O O   . ASN B 1 38 ? 14.10762  -3.09548  6.00801   1.000 21.37000 ? 37  ASN B O   1 
ATOM   944  C CB  . ASN B 1 38 ? 15.09782  -2.32448  8.56940   1.000 26.30000 ? 37  ASN B CB  1 
ATOM   945  C CG  . ASN B 1 38 ? 13.73487  -1.92214  9.16729   1.000 31.47000 ? 37  ASN B CG  1 
ATOM   946  O OD1 . ASN B 1 38 ? 12.65561  -2.32274  8.69453   1.000 29.77000 ? 37  ASN B OD1 1 
ATOM   947  N ND2 . ASN B 1 38 ? 13.78628  -1.09855  10.21066  1.000 38.72000 ? 37  ASN B ND2 1 
ATOM   948  N N   . PRO B 1 39 ? 13.33470  -4.98787  6.91668   1.000 20.17000 ? 38  PRO B N   1 
ATOM   949  C CA  . PRO B 1 39 ? 12.59906  -5.33842  5.69298   1.000 19.54000 ? 38  PRO B CA  1 
ATOM   950  C C   . PRO B 1 39 ? 11.50409  -4.34726  5.32563   1.000 19.17000 ? 38  PRO B C   1 
ATOM   951  O O   . PRO B 1 39 ? 11.40744  -3.94204  4.16171   1.000 18.23000 ? 38  PRO B O   1 
ATOM   952  C CB  . PRO B 1 39 ? 12.01418  -6.72699  6.00681   1.000 20.38000 ? 38  PRO B CB  1 
ATOM   953  C CG  . PRO B 1 39 ? 12.67279  -7.17571  7.27641   1.000 26.59000 ? 38  PRO B CG  1 
ATOM   954  C CD  . PRO B 1 39 ? 13.10938  -5.95041  8.00783   1.000 22.42000 ? 38  PRO B CD  1 
ATOM   955  N N   . ILE B 1 40 ? 10.67580  -3.93895  6.29447   1.000 18.83000 ? 39  ILE B N   1 
ATOM   956  C CA  . ILE B 1 40 ? 9.62014   -2.98086  5.98493   1.000 17.33000 ? 39  ILE B CA  1 
ATOM   957  C C   . ILE B 1 40 ? 10.21940  -1.67161  5.49107   1.000 18.10000 ? 39  ILE B C   1 
ATOM   958  O O   . ILE B 1 40 ? 9.72514   -1.07120  4.52769   1.000 18.51000 ? 39  ILE B O   1 
ATOM   959  C CB  . ILE B 1 40 ? 8.71054   -2.75900  7.20808   1.000 20.34000 ? 39  ILE B CB  1 
ATOM   960  C CG1 . ILE B 1 40 ? 8.07798   -4.07190  7.63981   1.000 24.94000 ? 39  ILE B CG1 1 
ATOM   961  C CG2 . ILE B 1 40 ? 7.61625   -1.75127  6.87214   1.000 21.67000 ? 39  ILE B CG2 1 
ATOM   962  C CD1 . ILE B 1 40 ? 7.11857   -4.62408  6.62880   1.000 24.09000 ? 39  ILE B CD1 1 
ATOM   963  N N   . ASN B 1 41 ? 11.29613  -1.20947  6.13505   1.000 18.56000 ? 40  ASN B N   1 
ATOM   964  C CA  . ASN B 1 41 ? 11.87815  0.08202   5.76540   1.000 19.27000 ? 40  ASN B CA  1 
ATOM   965  C C   . ASN B 1 41 ? 12.40311  0.07176   4.33188   1.000 18.31000 ? 40  ASN B C   1 
ATOM   966  O O   . ASN B 1 41 ? 12.19357  1.03736   3.58534   1.000 19.32000 ? 40  ASN B O   1 
ATOM   967  C CB  . ASN B 1 41 ? 12.98844  0.45110   6.75171   1.000 20.09000 ? 40  ASN B CB  1 
ATOM   968  C CG  . ASN B 1 41 ? 13.50637  1.86686   6.56123   1.000 25.98000 ? 40  ASN B CG  1 
ATOM   969  O OD1 . ASN B 1 41 ? 12.74164  2.82609   6.56879   1.000 27.88000 ? 40  ASN B OD1 1 
ATOM   970  N ND2 . ASN B 1 41 ? 14.82049  1.99757   6.40823   1.000 25.66000 ? 40  ASN B ND2 1 
ATOM   971  N N   . GLN B 1 42 ? 13.06694  -1.01625  3.92051   1.000 17.28000 ? 41  GLN B N   1 
ATOM   972  C CA  . GLN B 1 42 ? 13.61183  -1.08972  2.56242   1.000 15.52000 ? 41  GLN B CA  1 
ATOM   973  C C   . GLN B 1 42 ? 12.50356  -1.22465  1.52676   1.000 17.77000 ? 41  GLN B C   1 
ATOM   974  O O   . GLN B 1 42 ? 12.59355  -0.64081  0.43610   1.000 16.84000 ? 41  GLN B O   1 
ATOM   975  C CB  . GLN B 1 42 ? 14.61064  -2.24398  2.44408   1.000 16.71000 ? 41  GLN B CB  1 
ATOM   976  C CG  . GLN B 1 42 ? 15.94175  -1.99415  3.17251   1.000 18.91000 ? 41  GLN B CG  1 
ATOM   977  C CD  . GLN B 1 42 ? 16.63489  -0.70740  2.73180   1.000 21.82000 ? 41  GLN B CD  1 
ATOM   978  O OE1 . GLN B 1 42 ? 16.79202  0.22665   3.51959   1.000 26.01000 ? 41  GLN B OE1 1 
ATOM   979  N NE2 . GLN B 1 42 ? 17.04832  -0.65556  1.47061   1.000 22.68000 ? 41  GLN B NE2 1 
ATOM   980  N N   . ILE B 1 43 ? 11.45161  -1.99057  1.83674   1.000 16.59000 ? 42  ILE B N   1 
ATOM   981  C CA  . ILE B 1 43 ? 10.32955  -2.07832  0.90478   1.000 16.99000 ? 42  ILE B CA  1 
ATOM   982  C C   . ILE B 1 43 ? 9.65986   -0.71238  0.72297   1.000 16.93000 ? 42  ILE B C   1 
ATOM   983  O O   . ILE B 1 43 ? 9.32460   -0.32366  -0.40424  1.000 16.50000 ? 42  ILE B O   1 
ATOM   984  C CB  . ILE B 1 43 ? 9.34240   -3.17078  1.36051   1.000 16.63000 ? 42  ILE B CB  1 
ATOM   985  C CG1 . ILE B 1 43 ? 9.98407   -4.55220  1.17994   1.000 15.85000 ? 42  ILE B CG1 1 
ATOM   986  C CG2 . ILE B 1 43 ? 8.06239   -3.11631  0.54630   1.000 15.77000 ? 42  ILE B CG2 1 
ATOM   987  C CD1 . ILE B 1 43 ? 9.20877   -5.69959  1.85716   1.000 16.60000 ? 42  ILE B CD1 1 
ATOM   988  N N   . ILE B 1 44 ? 9.47575   0.04937   1.81448   1.000 16.03000 ? 43  ILE B N   1 
ATOM   989  C CA  . ILE B 1 44 ? 8.92208   1.40046   1.69632   1.000 16.97000 ? 43  ILE B CA  1 
ATOM   990  C C   . ILE B 1 44 ? 9.81977   2.26392   0.81555   1.000 16.60000 ? 43  ILE B C   1 
ATOM   991  O O   . ILE B 1 44 ? 9.33505   3.02669   -0.03187  1.000 17.40000 ? 43  ILE B O   1 
ATOM   992  C CB  . ILE B 1 44 ? 8.72098   2.03309   3.08957   1.000 16.78000 ? 43  ILE B CB  1 
ATOM   993  C CG1 . ILE B 1 44 ? 7.60994   1.31614   3.85875   1.000 18.05000 ? 43  ILE B CG1 1 
ATOM   994  C CG2 . ILE B 1 44 ? 8.37115   3.51079   2.96518   1.000 20.40000 ? 43  ILE B CG2 1 
ATOM   995  C CD1 . ILE B 1 44 ? 7.57198   1.71982   5.32255   1.000 22.14000 ? 43  ILE B CD1 1 
ATOM   996  N N   . GLY B 1 45 ? 11.13868  2.15645   1.00279   1.000 16.96000 ? 44  GLY B N   1 
ATOM   997  C CA  . GLY B 1 45 ? 12.06811  2.87978   0.14147   1.000 17.03000 ? 44  GLY B CA  1 
ATOM   998  C C   . GLY B 1 45 ? 11.85719  2.58302   -1.33102  1.000 16.41000 ? 44  GLY B C   1 
ATOM   999  O O   . GLY B 1 45 ? 11.83343  3.49676   -2.15847  1.000 17.31000 ? 44  GLY B O   1 
ATOM   1000 N N   . TYR B 1 46 ? 11.68413  1.30070   -1.67673  1.000 16.40000 ? 45  TYR B N   1 
ATOM   1001 C CA  . TYR B 1 46 ? 11.36074  0.94285   -3.05267  1.000 14.81000 ? 45  TYR B CA  1 
ATOM   1002 C C   . TYR B 1 46 ? 10.02068  1.54820   -3.48014  1.000 14.61000 ? 45  TYR B C   1 
ATOM   1003 O O   . TYR B 1 46 ? 9.89894   2.11127   -4.57595  1.000 15.94000 ? 45  TYR B O   1 
ATOM   1004 C CB  . TYR B 1 46 ? 11.33672  -0.59493  -3.23183  1.000 15.14000 ? 45  TYR B CB  1 
ATOM   1005 C CG  . TYR B 1 46 ? 10.71534  -0.90511  -4.55736  1.000 15.00000 ? 45  TYR B CG  1 
ATOM   1006 C CD1 . TYR B 1 46 ? 11.46102  -0.80721  -5.73639  1.000 14.28000 ? 45  TYR B CD1 1 
ATOM   1007 C CD2 . TYR B 1 46 ? 9.35350   -1.17871  -4.65196  1.000 16.86000 ? 45  TYR B CD2 1 
ATOM   1008 C CE1 . TYR B 1 46 ? 10.85605  -1.01670  -6.97743  1.000 15.49000 ? 45  TYR B CE1 1 
ATOM   1009 C CE2 . TYR B 1 46 ? 8.74707   -1.36476  -5.86769  1.000 16.22000 ? 45  TYR B CE2 1 
ATOM   1010 C CZ  . TYR B 1 46 ? 9.49205   -1.29755  -7.01939  1.000 18.32000 ? 45  TYR B CZ  1 
ATOM   1011 O OH  . TYR B 1 46 ? 8.84676   -1.50699  -8.21729  1.000 22.54000 ? 45  TYR B OH  1 
ATOM   1012 N N   . VAL B 1 47 ? 8.99138   1.42896   -2.63719  1.000 15.33000 ? 46  VAL B N   1 
ATOM   1013 C CA  . VAL B 1 47 ? 7.66232   1.86895   -3.06127  1.000 15.41000 ? 46  VAL B CA  1 
ATOM   1014 C C   . VAL B 1 47 ? 7.64171   3.37461   -3.30072  1.000 14.25000 ? 46  VAL B C   1 
ATOM   1015 O O   . VAL B 1 47 ? 6.98323   3.85882   -4.22692  1.000 16.05000 ? 46  VAL B O   1 
ATOM   1016 C CB  . VAL B 1 47 ? 6.59121   1.44902   -2.04181  1.000 16.02000 ? 46  VAL B CB  1 
ATOM   1017 C CG1 . VAL B 1 47 ? 5.24674   2.02927   -2.45304  1.000 18.45000 ? 46  VAL B CG1 1 
ATOM   1018 C CG2 . VAL B 1 47 ? 6.49778   -0.08677  -1.97095  1.000 18.29000 ? 46  VAL B CG2 1 
ATOM   1019 N N   . LEU B 1 48 ? 8.38156   4.13669   -2.48793  1.000 14.89000 ? 47  LEU B N   1 
ATOM   1020 C CA  . LEU B 1 48 ? 8.40334   5.59068   -2.66718  1.000 14.62000 ? 47  LEU B CA  1 
ATOM   1021 C C   . LEU B 1 48 ? 9.19913   6.02008   -3.89735  1.000 16.03000 ? 47  LEU B C   1 
ATOM   1022 O O   . LEU B 1 48 ? 8.88293   7.04781   -4.51196  1.000 16.07000 ? 47  LEU B O   1 
ATOM   1023 C CB  . LEU B 1 48 ? 8.99305   6.25814   -1.42253  1.000 15.75000 ? 47  LEU B CB  1 
ATOM   1024 C CG  . LEU B 1 48 ? 8.07727   6.34135   -0.20543  1.000 19.03000 ? 47  LEU B CG  1 
ATOM   1025 C CD1 . LEU B 1 48 ? 8.87665   6.78391   1.00870   1.000 21.17000 ? 47  LEU B CD1 1 
ATOM   1026 C CD2 . LEU B 1 48 ? 6.94520   7.32020   -0.47778  1.000 20.19000 ? 47  LEU B CD2 1 
ATOM   1027 N N   . SER B 1 49 ? 10.24836  5.27664   -4.25298  1.000 17.16000 ? 48  SER B N   1 
ATOM   1028 C CA  . SER B 1 49 ? 11.22541  5.72594   -5.24211  1.000 17.31000 ? 48  SER B CA  1 
ATOM   1029 C C   . SER B 1 49 ? 11.12340  5.02324   -6.58026  1.000 16.37000 ? 48  SER B C   1 
ATOM   1030 O O   . SER B 1 49 ? 11.55380  5.58746   -7.59056  1.000 17.90000 ? 48  SER B O   1 
ATOM   1031 C CB  . SER B 1 49 ? 12.65247  5.51595   -4.70878  1.000 19.30000 ? 48  SER B CB  1 
ATOM   1032 O OG  . SER B 1 49 ? 12.96567  4.12082   -4.65131  1.000 16.84000 ? 48  SER B OG  1 
ATOM   1033 N N   . GLY B 1 50 ? 10.59426  3.79881   -6.61420  1.000 15.75000 ? 49  GLY B N   1 
ATOM   1034 C CA  . GLY B 1 50 ? 10.69570  2.97644   -7.80403  1.000 16.45000 ? 49  GLY B CA  1 
ATOM   1035 C C   . GLY B 1 50 ? 12.07854  2.42583   -8.08864  1.000 15.28000 ? 49  GLY B C   1 
ATOM   1036 O O   . GLY B 1 50 ? 12.28605  1.83677   -9.15817  1.000 17.20000 ? 49  GLY B O   1 
ATOM   1037 N N   . ASP B 1 51 ? 13.02874  2.60153   -7.16433  1.000 14.68000 ? 50  ASP B N   1 
ATOM   1038 C CA  . ASP B 1 51 ? 14.42087  2.21908   -7.39512  1.000 16.62000 ? 50  ASP B CA  1 
ATOM   1039 C C   . ASP B 1 51 ? 14.66517  0.79424   -6.90352  1.000 16.02000 ? 50  ASP B C   1 
ATOM   1040 O O   . ASP B 1 51 ? 14.60682  0.55257   -5.68695  1.000 16.14000 ? 50  ASP B O   1 
ATOM   1041 C CB  . ASP B 1 51 ? 15.34822  3.18805   -6.67931  1.000 17.09000 ? 50  ASP B CB  1 
ATOM   1042 C CG  . ASP B 1 51 ? 16.80027  3.01579   -7.07216  1.000 21.27000 ? 50  ASP B CG  1 
ATOM   1043 O OD1 . ASP B 1 51 ? 17.17482  1.97185   -7.65440  1.000 19.31000 ? 50  ASP B OD1 1 
ATOM   1044 O OD2 . ASP B 1 51 ? 17.57043  3.95378   -6.78410  1.000 20.99000 ? 50  ASP B OD2 1 
ATOM   1045 N N   . PRO B 1 52 ? 14.97495  -0.16262  -7.78725  1.000 15.76000 ? 51  PRO B N   1 
ATOM   1046 C CA  . PRO B 1 52 ? 15.24693  -1.53960  -7.32083  1.000 15.97000 ? 51  PRO B CA  1 
ATOM   1047 C C   . PRO B 1 52 ? 16.46257  -1.65120  -6.41861  1.000 16.26000 ? 51  PRO B C   1 
ATOM   1048 O O   . PRO B 1 52 ? 16.63262  -2.68172  -5.74863  1.000 17.69000 ? 51  PRO B O   1 
ATOM   1049 C CB  . PRO B 1 52 ? 15.44996  -2.32139  -8.62439  1.000 16.40000 ? 51  PRO B CB  1 
ATOM   1050 C CG  . PRO B 1 52 ? 14.74675  -1.50028  -9.68467  1.000 20.45000 ? 51  PRO B CG  1 
ATOM   1051 C CD  . PRO B 1 52 ? 14.98316  -0.06853  -9.25767  1.000 17.09000 ? 51  PRO B CD  1 
ATOM   1052 N N   . ALA B 1 53 ? 17.33245  -0.63874  -6.38604  1.000 17.19000 ? 52  ALA B N   1 
ATOM   1053 C CA  . ALA B 1 53 ? 18.50968  -0.72126  -5.52987  1.000 17.90000 ? 52  ALA B CA  1 
ATOM   1054 C C   . ALA B 1 53 ? 18.18441  -0.72752  -4.03778  1.000 18.01000 ? 52  ALA B C   1 
ATOM   1055 O O   . ALA B 1 53 ? 19.07417  -1.02993  -3.23538  1.000 20.06000 ? 52  ALA B O   1 
ATOM   1056 C CB  . ALA B 1 53 ? 19.46700  0.43821   -5.84666  1.000 19.99000 ? 52  ALA B CB  1 
ATOM   1057 N N   . TYR B 1 54 ? 16.95343  -0.40246  -3.62983  1.000 14.79000 ? 53  TYR B N   1 
ATOM   1058 C CA  . TYR B 1 54 ? 16.59466  -0.56605  -2.22218  1.000 17.33000 ? 53  TYR B CA  1 
ATOM   1059 C C   . TYR B 1 54 ? 16.41798  -2.03724  -1.84483  1.000 17.60000 ? 53  TYR B C   1 
ATOM   1060 O O   . TYR B 1 54 ? 16.35287  -2.34625  -0.65279  1.000 16.70000 ? 53  TYR B O   1 
ATOM   1061 C CB  . TYR B 1 54 ? 15.31457  0.22478   -1.88754  1.000 16.76000 ? 53  TYR B CB  1 
ATOM   1062 C CG  . TYR B 1 54 ? 15.53196  1.73233   -1.78399  1.000 16.70000 ? 53  TYR B CG  1 
ATOM   1063 C CD1 . TYR B 1 54 ? 15.41903  2.54489   -2.90636  1.000 18.31000 ? 53  TYR B CD1 1 
ATOM   1064 C CD2 . TYR B 1 54 ? 15.86730  2.32275   -0.57196  1.000 20.36000 ? 53  TYR B CD2 1 
ATOM   1065 C CE1 . TYR B 1 54 ? 15.63018  3.92119   -2.81936  1.000 19.99000 ? 53  TYR B CE1 1 
ATOM   1066 C CE2 . TYR B 1 54 ? 16.09062  3.69324   -0.47808  1.000 19.51000 ? 53  TYR B CE2 1 
ATOM   1067 C CZ  . TYR B 1 54 ? 15.95992  4.48029   -1.60196  1.000 21.64000 ? 53  TYR B CZ  1 
ATOM   1068 O OH  . TYR B 1 54 ? 16.19074  5.83691   -1.49848  1.000 22.07000 ? 53  TYR B OH  1 
ATOM   1069 N N   . ILE B 1 55 ? 16.36916  -2.92728  -2.82411  1.000 14.89000 ? 54  ILE B N   1 
ATOM   1070 C CA  . ILE B 1 55 ? 16.20739  -4.37226  -2.62150  1.000 15.52000 ? 54  ILE B CA  1 
ATOM   1071 C C   . ILE B 1 55 ? 17.54026  -5.04626  -2.94336  1.000 17.35000 ? 54  ILE B C   1 
ATOM   1072 O O   . ILE B 1 55 ? 18.09364  -4.79880  -4.01593  1.000 17.37000 ? 54  ILE B O   1 
ATOM   1073 C CB  . ILE B 1 55 ? 15.09105  -4.93891  -3.52186  1.000 14.36000 ? 54  ILE B CB  1 
ATOM   1074 C CG1 . ILE B 1 55 ? 13.77176  -4.16368  -3.34903  1.000 14.51000 ? 54  ILE B CG1 1 
ATOM   1075 C CG2 . ILE B 1 55 ? 14.86475  -6.42978  -3.27494  1.000 15.25000 ? 54  ILE B CG2 1 
ATOM   1076 C CD1 . ILE B 1 55 ? 13.30232  -4.01195  -1.90708  1.000 15.97000 ? 54  ILE B CD1 1 
ATOM   1077 N N   . PRO B 1 56 ? 18.07750  -5.90635  -2.07555  1.000 16.08000 ? 55  PRO B N   1 
ATOM   1078 C CA  . PRO B 1 56 ? 19.34879  -6.56676  -2.40995  1.000 16.44000 ? 55  PRO B CA  1 
ATOM   1079 C C   . PRO B 1 56 ? 19.18776  -7.59585  -3.50968  1.000 17.24000 ? 55  PRO B C   1 
ATOM   1080 O O   . PRO B 1 56 ? 18.10934  -8.15832  -3.71620  1.000 16.89000 ? 55  PRO B O   1 
ATOM   1081 C CB  . PRO B 1 56 ? 19.75394  -7.24507  -1.09874  1.000 18.48000 ? 55  PRO B CB  1 
ATOM   1082 C CG  . PRO B 1 56 ? 18.43746  -7.53970  -0.43949  1.000 18.24000 ? 55  PRO B CG  1 
ATOM   1083 C CD  . PRO B 1 56 ? 17.55775  -6.34477  -0.77471  1.000 20.41000 ? 55  PRO B CD  1 
ATOM   1084 N N   . ARG B 1 57 ? 20.28913  -7.85054  -4.22188  1.000 19.48000 ? 56  ARG B N   1 
ATOM   1085 C CA  . ARG B 1 57 ? 20.27381  -8.92713  -5.20284  1.000 19.34000 ? 56  ARG B CA  1 
ATOM   1086 C C   . ARG B 1 57 ? 20.13272  -10.29041 -4.52743  1.000 16.39000 ? 56  ARG B C   1 
ATOM   1087 O O   . ARG B 1 57 ? 19.63037  -11.23220 -5.14939  1.000 18.60000 ? 56  ARG B O   1 
ATOM   1088 C CB  . ARG B 1 57 ? 21.54031  -8.86733  -6.06279  1.000 23.81000 ? 56  ARG B CB  1 
ATOM   1089 C CG  . ARG B 1 57 ? 21.57964  -7.63898  -6.97863  1.000 30.73000 ? 56  ARG B CG  1 
ATOM   1090 C CD  . ARG B 1 57 ? 22.75878  -7.67497  -7.94066  1.000 38.42000 ? 56  ARG B CD  1 
ATOM   1091 N NE  . ARG B 1 57 ? 22.54841  -6.81552  -9.10628  1.000 43.57000 ? 56  ARG B NE  1 
ATOM   1092 C CZ  . ARG B 1 57 ? 22.19678  -7.26312  -10.30785 1.000 38.02000 ? 56  ARG B CZ  1 
ATOM   1093 N NH1 . ARG B 1 57 ? 22.01851  -8.56360  -10.50779 1.000 42.35000 ? 56  ARG B NH1 1 
ATOM   1094 N NH2 . ARG B 1 57 ? 22.02832  -6.41594  -11.31237 1.000 44.96000 ? 56  ARG B NH2 1 
ATOM   1095 N N   . TYR B 1 58 ? 20.55583  -10.39420 -3.26595  1.000 17.13000 ? 57  TYR B N   1 
ATOM   1096 C CA  . TYR B 1 58 ? 20.55093  -11.63918 -2.49077  1.000 16.49000 ? 57  TYR B CA  1 
ATOM   1097 C C   . TYR B 1 58 ? 19.27120  -12.44926 -2.67632  1.000 16.50000 ? 57  TYR B C   1 
ATOM   1098 O O   . TYR B 1 58 ? 18.15947  -11.93127 -2.52346  1.000 17.28000 ? 57  TYR B O   1 
ATOM   1099 C CB  . TYR B 1 58 ? 20.73376  -11.28758 -1.01906  1.000 19.17000 ? 57  TYR B CB  1 
ATOM   1100 C CG  . TYR B 1 58 ? 20.71354  -12.45120 -0.06089  1.000 17.60000 ? 57  TYR B CG  1 
ATOM   1101 C CD1 . TYR B 1 58 ? 21.86439  -13.18775 0.17559   1.000 16.66000 ? 57  TYR B CD1 1 
ATOM   1102 C CD2 . TYR B 1 58 ? 19.55821  -12.78639 0.64076   1.000 17.09000 ? 57  TYR B CD2 1 
ATOM   1103 C CE1 . TYR B 1 58 ? 21.86595  -14.23755 1.07332   1.000 17.07000 ? 57  TYR B CE1 1 
ATOM   1104 C CE2 . TYR B 1 58 ? 19.55229  -13.84907 1.53793   1.000 18.49000 ? 57  TYR B CE2 1 
ATOM   1105 C CZ  . TYR B 1 58 ? 20.71100  -14.56835 1.74386   1.000 18.54000 ? 57  TYR B CZ  1 
ATOM   1106 O OH  . TYR B 1 58 ? 20.72654  -15.62073 2.64246   1.000 21.14000 ? 57  TYR B OH  1 
ATOM   1107 N N   . ASN B 1 59 ? 19.44439  -13.74185 -2.95732  1.000 16.84000 ? 58  ASN B N   1 
ATOM   1108 C CA  . ASN B 1 59 ? 18.34193  -14.70794 -3.07179  1.000 14.84000 ? 58  ASN B CA  1 
ATOM   1109 C C   . ASN B 1 59 ? 17.29208  -14.28455 -4.10224  1.000 16.76000 ? 58  ASN B C   1 
ATOM   1110 O O   . ASN B 1 59 ? 16.09773  -14.59088 -3.95143  1.000 16.25000 ? 58  ASN B O   1 
ATOM   1111 C CB  . ASN B 1 59 ? 17.68699  -14.96976 -1.70824  1.000 14.87000 ? 58  ASN B CB  1 
ATOM   1112 C CG  . ASN B 1 59 ? 16.86802  -16.24393 -1.69787  1.000 15.25000 ? 58  ASN B CG  1 
ATOM   1113 O OD1 . ASN B 1 59 ? 17.23571  -17.24056 -2.31491  1.000 13.45000 ? 58  ASN B OD1 1 
ATOM   1114 N ND2 . ASN B 1 59 ? 15.73158  -16.20617 -1.01307  1.000 15.83000 ? 58  ASN B ND2 1 
ATOM   1115 N N   . ASP B 1 60 ? 17.74427  -13.62541 -5.16935  1.000 15.05000 ? 59  ASP B N   1 
ATOM   1116 C CA  . ASP B 1 60 ? 16.91187  -13.19037 -6.29392  1.000 17.72000 ? 59  ASP B CA  1 
ATOM   1117 C C   . ASP B 1 60 ? 15.85171  -12.16537 -5.88988  1.000 16.87000 ? 59  ASP B C   1 
ATOM   1118 O O   . ASP B 1 60 ? 14.85738  -11.99344 -6.60310  1.000 19.37000 ? 59  ASP B O   1 
ATOM   1119 C CB  . ASP B 1 60 ? 16.25451  -14.38546 -6.98999  1.000 19.55000 ? 59  ASP B CB  1 
ATOM   1120 C CG  . ASP B 1 60 ? 17.26458  -15.24139 -7.72455  1.000 25.74000 ? 59  ASP B CG  1 
ATOM   1121 O OD1 . ASP B 1 60 ? 18.25589  -14.66736 -8.22964  1.000 28.68000 ? 59  ASP B OD1 1 
ATOM   1122 O OD2 . ASP B 1 60 ? 17.07120  -16.47489 -7.79358  1.000 28.48000 ? 59  ASP B OD2 1 
ATOM   1123 N N   . ALA B 1 61 ? 16.05668  -11.45290 -4.78307  1.000 15.76000 ? 60  ALA B N   1 
ATOM   1124 C CA  . ALA B 1 61 ? 15.07108  -10.45816 -4.35690  1.000 15.19000 ? 60  ALA B CA  1 
ATOM   1125 C C   . ALA B 1 61 ? 14.95289  -9.32247  -5.37315  1.000 14.58000 ? 60  ALA B C   1 
ATOM   1126 O O   . ALA B 1 61 ? 13.84536  -8.97936  -5.81255  1.000 14.98000 ? 60  ALA B O   1 
ATOM   1127 C CB  . ALA B 1 61 ? 15.42638  -9.92410  -2.97179  1.000 15.04000 ? 60  ALA B CB  1 
ATOM   1128 N N   . ARG B 1 62 ? 16.08238  -8.72364  -5.76339  1.000 14.71000 ? 61  ARG B N   1 
ATOM   1129 C CA  . ARG B 1 62 ? 16.01218  -7.62576  -6.73057  1.000 15.71000 ? 61  ARG B CA  1 
ATOM   1130 C C   . ARG B 1 62 ? 15.48131  -8.10709  -8.07707  1.000 16.13000 ? 61  ARG B C   1 
ATOM   1131 O O   . ARG B 1 62 ? 14.71104  -7.39471  -8.73507  1.000 16.65000 ? 61  ARG B O   1 
ATOM   1132 C CB  . ARG B 1 62 ? 17.37523  -6.95737  -6.89533  1.000 15.46000 ? 61  ARG B CB  1 
ATOM   1133 C CG  . ARG B 1 62 ? 17.28711  -5.67525  -7.75192  1.000 18.14000 ? 61  ARG B CG  1 
ATOM   1134 C CD  . ARG B 1 62 ? 18.64354  -5.00346  -7.90805  1.000 19.40000 ? 61  ARG B CD  1 
ATOM   1135 N NE  . ARG B 1 62 ? 19.11833  -4.52259  -6.62272  1.000 18.42000 ? 61  ARG B NE  1 
ATOM   1136 C CZ  . ARG B 1 62 ? 20.36225  -4.13270  -6.36362  1.000 23.02000 ? 61  ARG B CZ  1 
ATOM   1137 N NH1 . ARG B 1 62 ? 21.28793  -4.15138  -7.31599  1.000 30.12000 ? 61  ARG B NH1 1 
ATOM   1138 N NH2 . ARG B 1 62 ? 20.67414  -3.71372  -5.15163  1.000 21.91000 ? 61  ARG B NH2 1 
ATOM   1139 N N   . ASN B 1 63 ? 15.87702  -9.30732  -8.51093  1.000 16.87000 ? 62  ASN B N   1 
ATOM   1140 C CA  . ASN B 1 63 ? 15.38097  -9.82844  -9.78166  1.000 18.88000 ? 62  ASN B CA  1 
ATOM   1141 C C   . ASN B 1 63 ? 13.86197  -9.93146  -9.77243  1.000 18.25000 ? 62  ASN B C   1 
ATOM   1142 O O   . ASN B 1 63 ? 13.20633  -9.66427  -10.78806 1.000 19.33000 ? 62  ASN B O   1 
ATOM   1143 C CB  . ASN B 1 63 ? 16.00596  -11.19399 -10.07548 1.000 21.25000 ? 62  ASN B CB  1 
ATOM   1144 C CG  . ASN B 1 63 ? 17.37171  -11.08393 -10.73006 1.000 29.78000 ? 62  ASN B CG  1 
ATOM   1145 O OD1 . ASN B 1 63 ? 17.68401  -10.08914 -11.38750 1.000 33.86000 ? 62  ASN B OD1 1 
ATOM   1146 N ND2 . ASN B 1 63 ? 18.19075  -12.12106 -10.56223 1.000 29.57000 ? 62  ASN B ND2 1 
ATOM   1147 N N   . GLN B 1 64 ? 13.28403  -10.31924 -8.63075  1.000 16.40000 ? 63  GLN B N   1 
ATOM   1148 C CA  . GLN B 1 64 ? 11.83153  -10.42069 -8.55208  1.000 16.55000 ? 63  GLN B CA  1 
ATOM   1149 C C   . GLN B 1 64 ? 11.16435  -9.04546  -8.54887  1.000 17.37000 ? 63  GLN B C   1 
ATOM   1150 O O   . GLN B 1 64 ? 10.13625  -8.86314  -9.21322  1.000 17.33000 ? 63  GLN B O   1 
ATOM   1151 C CB  . GLN B 1 64 ? 11.42891  -11.23616 -7.32449  1.000 17.17000 ? 63  GLN B CB  1 
ATOM   1152 C CG  . GLN B 1 64 ? 11.64007  -12.73534 -7.52749  1.000 18.96000 ? 63  GLN B CG  1 
ATOM   1153 C CD  . GLN B 1 64 ? 11.29612  -13.52228 -6.29181  1.000 21.87000 ? 63  GLN B CD  1 
ATOM   1154 O OE1 . GLN B 1 64 ? 10.16150  -13.97532 -6.11043  1.000 21.49000 ? 63  GLN B OE1 1 
ATOM   1155 N NE2 . GLN B 1 64 ? 12.27063  -13.67825 -5.41972  1.000 21.26000 ? 63  GLN B NE2 1 
ATOM   1156 N N   . ILE B 1 65 ? 11.72098  -8.06334  -7.82768  1.000 14.64000 ? 64  ILE B N   1 
ATOM   1157 C CA  . ILE B 1 65 ? 11.06036  -6.75374  -7.81975  1.000 15.31000 ? 64  ILE B CA  1 
ATOM   1158 C C   . ILE B 1 65 ? 11.10478  -6.13614  -9.21334  1.000 16.81000 ? 64  ILE B C   1 
ATOM   1159 O O   . ILE B 1 65 ? 10.16979  -5.43078  -9.61123  1.000 18.44000 ? 64  ILE B O   1 
ATOM   1160 C CB  . ILE B 1 65 ? 11.65922  -5.81244  -6.74989  1.000 14.99000 ? 64  ILE B CB  1 
ATOM   1161 C CG1 . ILE B 1 65 ? 10.61347  -4.78651  -6.29392  1.000 17.62000 ? 64  ILE B CG1 1 
ATOM   1162 C CG2 . ILE B 1 65 ? 12.91109  -5.09531  -7.24142  1.000 19.11000 ? 64  ILE B CG2 1 
ATOM   1163 C CD1 . ILE B 1 65 ? 9.52629   -5.39327  -5.41556  1.000 19.78000 ? 64  ILE B CD1 1 
ATOM   1164 N N   . ARG B 1 66 ? 12.13897  -6.44363  -10.00149 1.000 17.56000 ? 65  ARG B N   1 
ATOM   1165 C CA  . ARG B 1 66 ? 12.24973  -5.87642  -11.34155 1.000 20.49000 ? 65  ARG B CA  1 
ATOM   1166 C C   . ARG B 1 66 ? 11.25064  -6.47572  -12.32299 1.000 19.17000 ? 65  ARG B C   1 
ATOM   1167 O O   . ARG B 1 66 ? 11.13446  -5.96410  -13.44466 1.000 23.12000 ? 65  ARG B O   1 
ATOM   1168 C CB  . ARG B 1 66 ? 13.68153  -6.04191  -11.85862 1.000 20.51000 ? 65  ARG B CB  1 
ATOM   1169 C CG  . ARG B 1 66 ? 14.64225  -5.01394  -11.26983 1.000 22.30000 ? 65  ARG B CG  1 
ATOM   1170 C CD  . ARG B 1 66 ? 16.00439  -5.03994  -11.95257 1.000 30.44000 ? 65  ARG B CD  1 
ATOM   1171 N NE  . ARG B 1 66 ? 16.74948  -6.22793  -11.56671 1.000 34.44000 ? 65  ARG B NE  1 
ATOM   1172 C CZ  . ARG B 1 66 ? 18.04138  -6.23676  -11.25673 1.000 36.55000 ? 65  ARG B CZ  1 
ATOM   1173 N NH1 . ARG B 1 66 ? 18.74863  -5.11487  -11.30075 1.000 39.43000 ? 65  ARG B NH1 1 
ATOM   1174 N NH2 . ARG B 1 66 ? 18.62506  -7.37511  -10.90048 1.000 33.25000 ? 65  ARG B NH2 1 
ATOM   1175 N N   . LYS B 1 67 ? 10.51928  -7.52292  -11.93777 1.000 19.67000 ? 66  LYS B N   1 
ATOM   1176 C CA  . LYS B 1 67 ? 9.46136   -8.05025  -12.79024 1.000 20.17000 ? 66  LYS B CA  1 
ATOM   1177 C C   . LYS B 1 67 ? 8.20175   -7.19474  -12.77120 1.000 19.78000 ? 66  LYS B C   1 
ATOM   1178 O O   . LYS B 1 67 ? 7.26387   -7.49312  -13.51907 1.000 24.21000 ? 66  LYS B O   1 
ATOM   1179 C CB  . LYS B 1 67 ? 9.11233   -9.47669  -12.37146 1.000 22.44000 ? 66  LYS B CB  1 
ATOM   1180 C CG  . LYS B 1 67 ? 10.27375  -10.44344 -12.50685 1.000 25.41000 ? 66  LYS B CG  1 
ATOM   1181 C CD  . LYS B 1 67 ? 9.80540   -11.87387 -12.39417 1.000 31.96000 ? 66  LYS B CD  1 
ATOM   1182 C CE  . LYS B 1 67 ? 10.97541  -12.81952 -12.20981 1.000 34.85000 ? 66  LYS B CE  1 
ATOM   1183 N NZ  . LYS B 1 67 ? 10.77787  -13.65212 -10.99433 1.000 35.81000 ? 66  LYS B NZ  1 
ATOM   1184 N N   . HIS B 1 68 ? 8.15124   -6.16850  -11.92115 1.000 16.62000 ? 67  HIS B N   1 
ATOM   1185 C CA  . HIS B 1 68 ? 6.98118   -5.32325  -11.75273 1.000 17.81000 ? 67  HIS B CA  1 
ATOM   1186 C C   . HIS B 1 68 ? 7.37747   -3.86360  -11.92194 1.000 16.93000 ? 67  HIS B C   1 
ATOM   1187 O O   . HIS B 1 68 ? 8.55137   -3.50008  -11.82102 1.000 21.11000 ? 67  HIS B O   1 
ATOM   1188 C CB  . HIS B 1 68 ? 6.35322   -5.51876  -10.36656 1.000 17.17000 ? 67  HIS B CB  1 
ATOM   1189 C CG  . HIS B 1 68 ? 6.21191   -6.95287  -9.97296  1.000 17.61000 ? 67  HIS B CG  1 
ATOM   1190 N ND1 . HIS B 1 68 ? 5.17158   -7.74097  -10.41050 1.000 17.90000 ? 67  HIS B ND1 1 
ATOM   1191 C CD2 . HIS B 1 68 ? 6.97611   -7.73927  -9.17726  1.000 17.20000 ? 67  HIS B CD2 1 
ATOM   1192 C CE1 . HIS B 1 68 ? 5.30497   -8.95859  -9.90914  1.000 18.45000 ? 67  HIS B CE1 1 
ATOM   1193 N NE2 . HIS B 1 68 ? 6.39440   -8.98370  -9.15946  1.000 18.65000 ? 67  HIS B NE2 1 
ATOM   1194 N N   . GLU B 1 69 ? 6.37883   -3.02758  -12.19695 1.000 19.05000 ? 68  GLU B N   1 
ATOM   1195 C CA  . GLU B 1 69 ? 6.55151   -1.58310  -12.15176 1.000 19.84000 ? 68  GLU B CA  1 
ATOM   1196 C C   . GLU B 1 69 ? 6.04603   -1.04833  -10.81555 1.000 16.69000 ? 68  GLU B C   1 
ATOM   1197 O O   . GLU B 1 69 ? 5.17160   -1.64610  -10.18067 1.000 16.94000 ? 68  GLU B O   1 
ATOM   1198 C CB  . GLU B 1 69 ? 5.79272   -0.90263  -13.29220 1.000 20.24000 ? 68  GLU B CB  1 
ATOM   1199 C CG  . GLU B 1 69 ? 6.28959   -1.25829  -14.68718 1.000 23.09000 ? 68  GLU B CG  1 
ATOM   1200 C CD  . GLU B 1 69 ? 7.75483   -0.94958  -14.89427 1.000 28.55000 ? 68  GLU B CD  1 
ATOM   1201 O OE1 . GLU B 1 69 ? 8.48429   -1.84864  -15.36666 1.000 33.57000 ? 68  GLU B OE1 1 
ATOM   1202 O OE2 . GLU B 1 69 ? 8.17905   0.19124   -14.59887 1.000 27.81000 ? 68  GLU B OE2 1 
ATOM   1203 N N   . ARG B 1 70 ? 6.58272   0.10693   -10.41237 1.000 17.15000 ? 69  ARG B N   1 
ATOM   1204 C CA  . ARG B 1 70 ? 6.18082   0.70596   -9.13746  1.000 15.77000 ? 69  ARG B CA  1 
ATOM   1205 C C   . ARG B 1 70 ? 4.67289   0.92111   -9.07087  1.000 18.28000 ? 69  ARG B C   1 
ATOM   1206 O O   . ARG B 1 70 ? 4.04431   0.66099   -8.02729  1.000 16.62000 ? 69  ARG B O   1 
ATOM   1207 C CB  . ARG B 1 70 ? 6.91558   2.03845   -8.91619  1.000 14.45000 ? 69  ARG B CB  1 
ATOM   1208 C CG  . ARG B 1 70 ? 6.69060   2.61184   -7.51689  1.000 15.74000 ? 69  ARG B CG  1 
ATOM   1209 C CD  . ARG B 1 70 ? 7.22805   4.03480   -7.38729  1.000 15.35000 ? 69  ARG B CD  1 
ATOM   1210 N NE  . ARG B 1 70 ? 6.30858   5.07220   -7.88129  1.000 16.16000 ? 69  ARG B NE  1 
ATOM   1211 C CZ  . ARG B 1 70 ? 5.75478   6.03431   -7.14167  1.000 16.28000 ? 69  ARG B CZ  1 
ATOM   1212 N NH1 . ARG B 1 70 ? 5.94413   6.09783   -5.82033  1.000 14.64000 ? 69  ARG B NH1 1 
ATOM   1213 N NH2 . ARG B 1 70 ? 4.99062   6.94996   -7.74220  1.000 14.86000 ? 69  ARG B NH2 1 
ATOM   1214 N N   . ASP B 1 71 ? 4.06419   1.40455   -10.16626 1.000 19.17000 ? 70  ASP B N   1 
ATOM   1215 C CA  . ASP B 1 71 ? 2.63656   1.69134   -10.10703 1.000 16.21000 ? 70  ASP B CA  1 
ATOM   1216 C C   . ASP B 1 71 ? 1.79567   0.41938   -10.04543 1.000 19.40000 ? 70  ASP B C   1 
ATOM   1217 O O   . ASP B 1 71 ? 0.69494   0.43477   -9.48820  1.000 18.88000 ? 70  ASP B O   1 
ATOM   1218 C CB  . ASP B 1 71 ? 2.20281   2.59990   -11.27397 1.000 23.31000 ? 70  ASP B CB  1 
ATOM   1219 C CG  . ASP B 1 71 ? 2.37527   1.97358   -12.65821 1.000 28.48000 ? 70  ASP B CG  1 
ATOM   1220 O OD1 . ASP B 1 71 ? 2.99011   0.89760   -12.81593 1.000 28.47000 ? 70  ASP B OD1 1 
ATOM   1221 O OD2 . ASP B 1 71 ? 1.88328   2.60448   -13.62410 1.000 32.52000 ? 70  ASP B OD2 1 
ATOM   1222 N N   . GLU B 1 72 ? 2.31282   -0.69832  -10.55991 1.000 18.65000 ? 71  GLU B N   1 
ATOM   1223 C CA  . GLU B 1 72 ? 1.60980   -1.96875  -10.43731 1.000 18.46000 ? 71  GLU B CA  1 
ATOM   1224 C C   . GLU B 1 72 ? 1.62494   -2.46528  -8.99949  1.000 16.00000 ? 71  GLU B C   1 
ATOM   1225 O O   . GLU B 1 72 ? 0.62795   -3.01115  -8.50823  1.000 17.59000 ? 71  GLU B O   1 
ATOM   1226 C CB  . GLU B 1 72 ? 2.25249   -3.00299  -11.36803 1.000 19.68000 ? 71  GLU B CB  1 
ATOM   1227 C CG  . GLU B 1 72 ? 2.10907   -2.63518  -12.83450 1.000 23.12000 ? 71  GLU B CG  1 
ATOM   1228 C CD  . GLU B 1 72 ? 3.02153   -3.42087  -13.76772 1.000 28.66000 ? 71  GLU B CD  1 
ATOM   1229 O OE1 . GLU B 1 72 ? 3.87245   -4.21617  -13.29467 1.000 27.03000 ? 71  GLU B OE1 1 
ATOM   1230 O OE2 . GLU B 1 72 ? 2.88566   -3.21453  -14.99563 1.000 33.15000 ? 71  GLU B OE2 1 
ATOM   1231 N N   . ILE B 1 73 ? 2.76157   -2.30358  -8.31891  1.000 15.79000 ? 72  ILE B N   1 
ATOM   1232 C CA  A ILE B 1 73 ? 2.83674   -2.69459  -6.91759  0.500 14.56000 ? 72  ILE B CA  1 
ATOM   1233 C CA  B ILE B 1 73 ? 2.89907   -2.67980  -6.84080  0.500 14.56000 ? 72  ILE B CA  1 
ATOM   1234 C C   . ILE B 1 73 ? 1.91529   -1.81995  -6.07104  1.000 15.97000 ? 72  ILE B C   1 
ATOM   1235 O O   . ILE B 1 73 ? 1.17102   -2.32588  -5.22610  1.000 16.13000 ? 72  ILE B O   1 
ATOM   1236 C CB  A ILE B 1 73 ? 4.30228   -2.65181  -6.44725  0.500 16.40000 ? 72  ILE B CB  1 
ATOM   1237 C CB  B ILE B 1 73 ? 4.36462   -2.63702  -6.37047  0.500 16.40000 ? 72  ILE B CB  1 
ATOM   1238 C CG1 A ILE B 1 73 ? 5.07188   -3.82194  -7.07973  0.500 22.25000 ? 72  ILE B CG1 1 
ATOM   1239 C CG1 B ILE B 1 73 ? 5.20723   -3.57351  -7.25050  0.500 22.25000 ? 72  ILE B CG1 1 
ATOM   1240 C CG2 A ILE B 1 73 ? 4.38655   -2.73829  -4.93616  0.500 15.55000 ? 72  ILE B CG2 1 
ATOM   1241 C CG2 B ILE B 1 73 ? 4.47763   -3.05681  -4.91878  0.500 15.55000 ? 72  ILE B CG2 1 
ATOM   1242 C CD1 A ILE B 1 73 ? 6.55265   -3.74937  -6.92444  0.500 28.96000 ? 72  ILE B CD1 1 
ATOM   1243 C CD1 B ILE B 1 73 ? 4.76852   -4.99801  -7.23985  0.500 28.96000 ? 72  ILE B CD1 1 
ATOM   1244 N N   . ILE B 1 74 ? 1.90907   -0.50045  -6.30846  1.000 14.05000 ? 73  ILE B N   1 
ATOM   1245 C CA  . ILE B 1 74 ? 1.04237   0.36064   -5.50896  1.000 15.13000 ? 73  ILE B CA  1 
ATOM   1246 C C   . ILE B 1 74 ? -0.42683  0.04928   -5.76309  1.000 16.99000 ? 73  ILE B C   1 
ATOM   1247 O O   . ILE B 1 74 ? -1.22614  -0.00519  -4.82239  1.000 15.35000 ? 73  ILE B O   1 
ATOM   1248 C CB  . ILE B 1 74 ? 1.36568   1.84212   -5.77420  1.000 15.38000 ? 73  ILE B CB  1 
ATOM   1249 C CG1 . ILE B 1 74 ? 2.64833   2.20388   -5.02930  1.000 18.26000 ? 73  ILE B CG1 1 
ATOM   1250 C CG2 . ILE B 1 74 ? 0.19324   2.73925   -5.34295  1.000 17.93000 ? 73  ILE B CG2 1 
ATOM   1251 C CD1 . ILE B 1 74 ? 3.30696   3.50936   -5.46774  1.000 18.23000 ? 73  ILE B CD1 1 
ATOM   1252 N N   . GLU B 1 75 ? -0.80649  -0.17696  -7.02753  1.000 17.30000 ? 74  GLU B N   1 
ATOM   1253 C CA  . GLU B 1 75 ? -2.19247  -0.54100  -7.32084  1.000 18.75000 ? 74  GLU B CA  1 
ATOM   1254 C C   . GLU B 1 75 ? -2.62197  -1.79556  -6.55857  1.000 17.47000 ? 74  GLU B C   1 
ATOM   1255 O O   . GLU B 1 75 ? -3.71142  -1.83554  -5.97770  1.000 17.77000 ? 74  GLU B O   1 
ATOM   1256 C CB  . GLU B 1 75 ? -2.39725  -0.73898  -8.82256  1.000 19.70000 ? 74  GLU B CB  1 
ATOM   1257 C CG  . GLU B 1 75 ? -3.76372  -1.33146  -9.15152  1.000 22.27000 ? 74  GLU B CG  1 
ATOM   1258 C CD  . GLU B 1 75 ? -4.15830  -1.16582  -10.60697 1.000 30.95000 ? 74  GLU B CD  1 
ATOM   1259 O OE1 . GLU B 1 75 ? -3.38132  -0.56435  -11.38486 1.000 34.35000 ? 74  GLU B OE1 1 
ATOM   1260 O OE2 . GLU B 1 75 ? -5.25240  -1.64934  -10.97226 1.000 37.08000 ? 74  GLU B OE2 1 
ATOM   1261 N N   . GLU B 1 76 ? -1.78230  -2.84062  -6.55053  1.000 16.60000 ? 75  GLU B N   1 
ATOM   1262 C CA  . GLU B 1 76 ? -2.15125  -4.05674  -5.82399  1.000 17.71000 ? 75  GLU B CA  1 
ATOM   1263 C C   . GLU B 1 76 ? -2.23150  -3.83303  -4.31202  1.000 15.18000 ? 75  GLU B C   1 
ATOM   1264 O O   . GLU B 1 76 ? -3.12218  -4.37464  -3.64351  1.000 16.16000 ? 75  GLU B O   1 
ATOM   1265 C CB  . GLU B 1 76 ? -1.16233  -5.17548  -6.14952  1.000 19.67000 ? 75  GLU B CB  1 
ATOM   1266 C CG  . GLU B 1 76 ? -1.52035  -6.52142  -5.52666  1.000 20.48000 ? 75  GLU B CG  1 
ATOM   1267 C CD  . GLU B 1 76 ? -2.93816  -7.00575  -5.86734  1.000 25.03000 ? 75  GLU B CD  1 
ATOM   1268 O OE1 . GLU B 1 76 ? -3.51940  -6.57720  -6.89500  1.000 30.27000 ? 75  GLU B OE1 1 
ATOM   1269 O OE2 . GLU B 1 76 ? -3.47612  -7.82648  -5.09538  1.000 29.23000 ? 75  GLU B OE2 1 
ATOM   1270 N N   . LEU B 1 77 ? -1.30183  -3.05050  -3.74582  1.000 14.81000 ? 76  LEU B N   1 
ATOM   1271 C CA  . LEU B 1 77 ? -1.35725  -2.76508  -2.31279  1.000 15.58000 ? 76  LEU B CA  1 
ATOM   1272 C C   . LEU B 1 77 ? -2.66342  -2.07289  -1.93926  1.000 14.52000 ? 76  LEU B C   1 
ATOM   1273 O O   . LEU B 1 77 ? -3.28712  -2.42783  -0.93347  1.000 15.48000 ? 76  LEU B O   1 
ATOM   1274 C CB  . LEU B 1 77 ? -0.16855  -1.89006  -1.89394  1.000 16.07000 ? 76  LEU B CB  1 
ATOM   1275 C CG  . LEU B 1 77 ? 1.23083   -2.50915  -1.87404  1.000 14.39000 ? 76  LEU B CG  1 
ATOM   1276 C CD1 . LEU B 1 77 ? 2.25257   -1.41017  -1.62587  1.000 17.52000 ? 76  LEU B CD1 1 
ATOM   1277 C CD2 . LEU B 1 77 ? 1.31389   -3.58970  -0.80733  1.000 16.84000 ? 76  LEU B CD2 1 
ATOM   1278 N N   . VAL B 1 78 ? -3.07916  -1.07538  -2.73423  1.000 15.12000 ? 77  VAL B N   1 
ATOM   1279 C CA  . VAL B 1 78 ? -4.32893  -0.36336  -2.46110  1.000 15.59000 ? 77  VAL B CA  1 
ATOM   1280 C C   . VAL B 1 78 ? -5.53008  -1.28927  -2.62431  1.000 15.45000 ? 77  VAL B C   1 
ATOM   1281 O O   . VAL B 1 78 ? -6.41111  -1.33980  -1.75868  1.000 16.72000 ? 77  VAL B O   1 
ATOM   1282 C CB  . VAL B 1 78 ? -4.45031  0.87272   -3.37038  1.000 15.10000 ? 77  VAL B CB  1 
ATOM   1283 C CG1 . VAL B 1 78 ? -5.88121  1.44578   -3.27899  1.000 18.10000 ? 77  VAL B CG1 1 
ATOM   1284 C CG2 . VAL B 1 78 ? -3.40216  1.90884   -2.98958  1.000 18.34000 ? 77  VAL B CG2 1 
ATOM   1285 N N   . ARG B 1 79 ? -5.59533  -2.02239  -3.74420  1.000 15.32000 ? 78  ARG B N   1 
ATOM   1286 C CA  . ARG B 1 79 ? -6.74407  -2.89323  -3.98271  1.000 17.95000 ? 78  ARG B CA  1 
ATOM   1287 C C   . ARG B 1 79 ? -6.87621  -3.95684  -2.89824  1.000 18.39000 ? 78  ARG B C   1 
ATOM   1288 O O   . ARG B 1 79 ? -7.98008  -4.21165  -2.39972  1.000 18.00000 ? 78  ARG B O   1 
ATOM   1289 C CB  . ARG B 1 79 ? -6.63445  -3.53811  -5.36444  1.000 20.20000 ? 78  ARG B CB  1 
ATOM   1290 C CG  . ARG B 1 79 ? -6.88144  -2.57353  -6.51016  1.000 22.31000 ? 78  ARG B CG  1 
ATOM   1291 C CD  . ARG B 1 79 ? -6.93843  -3.30114  -7.85271  1.000 26.96000 ? 78  ARG B CD  1 
ATOM   1292 N NE  . ARG B 1 79 ? -7.18411  -2.38475  -8.96546  1.000 28.99000 ? 78  ARG B NE  1 
ATOM   1293 C CZ  . ARG B 1 79 ? -8.39695  -2.00724  -9.36245  1.000 32.64000 ? 78  ARG B CZ  1 
ATOM   1294 N NH1 . ARG B 1 79 ? -9.47079  -2.47220  -8.74104  1.000 31.14000 ? 78  ARG B NH1 1 
ATOM   1295 N NH2 . ARG B 1 79 ? -8.53465  -1.16722  -10.38144 1.000 34.95000 ? 78  ARG B NH2 1 
ATOM   1296 N N   . TYR B 1 80 ? -5.75992  -4.58112  -2.50687  1.000 17.77000 ? 79  TYR B N   1 
ATOM   1297 C CA  . TYR B 1 80 ? -5.79400  -5.58888  -1.45415  1.000 18.93000 ? 79  TYR B CA  1 
ATOM   1298 C C   . TYR B 1 80 ? -6.29288  -5.00869  -0.13205  1.000 17.64000 ? 79  TYR B C   1 
ATOM   1299 O O   . TYR B 1 80 ? -7.04497  -5.66184  0.59912   1.000 19.00000 ? 79  TYR B O   1 
ATOM   1300 C CB  . TYR B 1 80 ? -4.39768  -6.19665  -1.28027  1.000 18.51000 ? 79  TYR B CB  1 
ATOM   1301 C CG  . TYR B 1 80 ? -4.36776  -7.39571  -0.35987  1.000 18.87000 ? 79  TYR B CG  1 
ATOM   1302 C CD1 . TYR B 1 80 ? -4.18418  -7.24272  1.01274   1.000 17.68000 ? 79  TYR B CD1 1 
ATOM   1303 C CD2 . TYR B 1 80 ? -4.52579  -8.67768  -0.86112  1.000 21.17000 ? 79  TYR B CD2 1 
ATOM   1304 C CE1 . TYR B 1 80 ? -4.16558  -8.33462  1.86437   1.000 20.40000 ? 79  TYR B CE1 1 
ATOM   1305 C CE2 . TYR B 1 80 ? -4.50242  -9.77803  -0.01824  1.000 20.65000 ? 79  TYR B CE2 1 
ATOM   1306 C CZ  . TYR B 1 80 ? -4.32696  -9.60346  1.33858   1.000 23.12000 ? 79  TYR B CZ  1 
ATOM   1307 O OH  . TYR B 1 80 ? -4.30359  -10.70700 2.17425   1.000 22.76000 ? 79  TYR B OH  1 
ATOM   1308 N N   . TYR B 1 81 ? -5.89433  -3.78592  0.19837   1.000 16.78000 ? 80  TYR B N   1 
ATOM   1309 C CA  . TYR B 1 81 ? -6.29469  -3.17788  1.49373   1.000 16.36000 ? 80  TYR B CA  1 
ATOM   1310 C C   . TYR B 1 81 ? -7.79358  -2.86669  1.48760   1.000 16.81000 ? 80  TYR B C   1 
ATOM   1311 O O   . TYR B 1 81 ? -8.47875  -3.18353  2.46431   1.000 18.86000 ? 80  TYR B O   1 
ATOM   1312 C CB  . TYR B 1 81 ? -5.51585  -1.88070  1.72118   1.000 15.48000 ? 80  TYR B CB  1 
ATOM   1313 C CG  . TYR B 1 81 ? -5.72322  -1.21522  3.05588   1.000 16.01000 ? 80  TYR B CG  1 
ATOM   1314 C CD1 . TYR B 1 81 ? -4.93876  -1.54714  4.14611   1.000 15.77000 ? 80  TYR B CD1 1 
ATOM   1315 C CD2 . TYR B 1 81 ? -6.67882  -0.22650  3.21923   1.000 19.53000 ? 80  TYR B CD2 1 
ATOM   1316 C CE1 . TYR B 1 81 ? -5.11309  -0.92963  5.37206   1.000 18.20000 ? 80  TYR B CE1 1 
ATOM   1317 C CE2 . TYR B 1 81 ? -6.87366  0.39294   4.43932   1.000 19.33000 ? 80  TYR B CE2 1 
ATOM   1318 C CZ  . TYR B 1 81 ? -6.08543  0.04313   5.51690   1.000 18.59000 ? 80  TYR B CZ  1 
ATOM   1319 O OH  . TYR B 1 81 ? -6.26968  0.66020   6.71583   1.000 21.48000 ? 80  TYR B OH  1 
ATOM   1320 N N   . LEU B 1 82 ? -8.27756  -2.25396  0.41060   1.000 17.14000 ? 81  LEU B N   1 
ATOM   1321 C CA  . LEU B 1 82 ? -9.70322  -1.83813  0.36003   1.000 17.15000 ? 81  LEU B CA  1 
ATOM   1322 C C   . LEU B 1 82 ? -10.60762 -3.07214  0.41248   1.000 23.15000 ? 81  LEU B C   1 
ATOM   1323 O O   . LEU B 1 82 ? -11.62659 -3.03017  1.10529   1.000 23.24000 ? 81  LEU B O   1 
ATOM   1324 C CB  . LEU B 1 82 ? -9.93023  -1.02266  -0.91514  1.000 18.21000 ? 81  LEU B CB  1 
ATOM   1325 C CG  . LEU B 1 82 ? -9.24975  0.34493   -0.95350  1.000 18.30000 ? 81  LEU B CG  1 
ATOM   1326 C CD1 . LEU B 1 82 ? -9.56575  1.06792   -2.24932  1.000 20.62000 ? 81  LEU B CD1 1 
ATOM   1327 C CD2 . LEU B 1 82 ? -9.65229  1.19512   0.23968   1.000 18.94000 ? 81  LEU B CD2 1 
ATOM   1328 N N   . LYS B 1 83 ? -10.22986 -4.12469  -0.30745  1.000 20.74000 ? 82  LYS B N   1 
ATOM   1329 C CA  . LYS B 1 83 ? -11.03897 -5.37058  -0.31443  1.000 21.60000 ? 82  LYS B CA  1 
ATOM   1330 C C   . LYS B 1 83 ? -10.98357 -6.05301  1.05228   1.000 23.67000 ? 82  LYS B C   1 
ATOM   1331 O O   . LYS B 1 83 ? -12.04212 -6.42527  1.56398   1.000 24.36000 ? 82  LYS B O   1 
ATOM   1332 C CB  . LYS B 1 83 ? -10.55884 -6.31095  -1.42038  1.000 23.56000 ? 82  LYS B CB  1 
ATOM   1333 C CG  . LYS B 1 83 ? -11.42362 -7.53882  -1.65655  1.000 30.62000 ? 82  LYS B CG  1 
ATOM   1334 C CD  . LYS B 1 83 ? -10.94254 -8.37695  -2.81422  1.000 37.37000 ? 82  LYS B CD  1 
ATOM   1335 C CE  . LYS B 1 83 ? -11.77204 -9.62536  -3.02297  1.000 44.17000 ? 82  LYS B CE  1 
ATOM   1336 N NZ  . LYS B 1 83 ? -11.18659 -10.50311 -4.06369  1.000 49.79000 ? 82  LYS B NZ  1 
ATOM   1337 N N   . GLY B 1 84 ? -9.79061  -6.19507  1.62193   1.000 22.42000 ? 83  GLY B N   1 
ATOM   1338 C CA  . GLY B 1 84 ? -9.65973  -6.92946  2.89179   1.000 23.09000 ? 83  GLY B CA  1 
ATOM   1339 C C   . GLY B 1 84 ? -10.35521 -6.23611  4.04304   1.000 25.81000 ? 83  GLY B C   1 
ATOM   1340 O O   . GLY B 1 84 ? -10.80319 -6.93716  4.95983   1.000 27.29000 ? 83  GLY B O   1 
ATOM   1341 N N   . ASN B 1 85 ? -10.43584 -4.90816  3.99724   1.000 21.72000 ? 84  ASN B N   1 
ATOM   1342 C CA  . ASN B 1 85 ? -11.02881 -4.13347  5.11602   1.000 22.21000 ? 84  ASN B CA  1 
ATOM   1343 C C   . ASN B 1 85 ? -12.52942 -3.92047  4.88405   1.000 23.31000 ? 84  ASN B C   1 
ATOM   1344 O O   . ASN B 1 85 ? -13.15791 -3.26894  5.72068   1.000 26.60000 ? 84  ASN B O   1 
ATOM   1345 C CB  . ASN B 1 85 ? -10.25949 -2.83354  5.34156   1.000 22.70000 ? 84  ASN B CB  1 
ATOM   1346 C CG  . ASN B 1 85 ? -8.92196  -3.06056  6.00946   1.000 25.05000 ? 84  ASN B CG  1 
ATOM   1347 O OD1 . ASN B 1 85 ? -8.85676  -3.28997  7.21063   1.000 27.56000 ? 84  ASN B OD1 1 
ATOM   1348 N ND2 . ASN B 1 85 ? -7.85202  -3.01142  5.23820   1.000 21.41000 ? 84  ASN B ND2 1 
ATOM   1349 N N   . GLY B 1 86 ? -13.06555 -4.44859  3.78526   1.000 24.50000 ? 85  GLY B N   1 
ATOM   1350 C CA  . GLY B 1 86 ? -14.51352 -4.35743  3.51579   1.000 28.41000 ? 85  GLY B CA  1 
ATOM   1351 C C   . GLY B 1 86 ? -14.94991 -2.98277  3.04523   1.000 32.08000 ? 85  GLY B C   1 
ATOM   1352 O O   . GLY B 1 86 ? -16.14366 -2.68153  3.14754   1.000 31.77000 ? 85  GLY B O   1 
ATOM   1353 N N   . ILE B 1 87 ? -14.01687 -2.18082  2.53963   1.000 28.61000 ? 86  ILE B N   1 
ATOM   1354 C CA  . ILE B 1 87 ? -14.34595 -0.78174  2.13743   1.000 25.71000 ? 86  ILE B CA  1 
ATOM   1355 C C   . ILE B 1 87 ? -14.94369 -0.79112  0.73086   1.000 29.77000 ? 86  ILE B C   1 
ATOM   1356 O O   . ILE B 1 87 ? -15.85698 0.00438   0.47641   1.000 31.21000 ? 86  ILE B O   1 
ATOM   1357 C CB  . ILE B 1 87 ? -13.07812 0.09445   2.24307   1.000 24.61000 ? 86  ILE B CB  1 
ATOM   1358 C CG1 . ILE B 1 87 ? -12.43851 -0.01704  3.62851   1.000 24.37000 ? 86  ILE B CG1 1 
ATOM   1359 C CG2 . ILE B 1 87 ? -13.36215 1.54023   1.87605   1.000 23.67000 ? 86  ILE B CG2 1 
ATOM   1360 C CD1 . ILE B 1 87 ? -11.14313 0.74321   3.77319   1.000 22.36000 ? 86  ILE B CD1 1 
ATOM   1361 N N   . ASP B 1 88 ? -14.49015 -1.69552  -0.13384  1.000 32.04000 ? 87  ASP B N   1 
ATOM   1362 C CA  . ASP B 1 88 ? -14.94800 -1.67351  -1.54802  1.000 37.22000 ? 87  ASP B CA  1 
ATOM   1363 C C   . ASP B 1 88 ? -16.30503 -2.37180  -1.71579  1.000 35.98000 ? 87  ASP B C   1 
ATOM   1364 O O   . ASP B 1 88 ? -17.01936 -2.01432  -2.66470  1.000 41.74000 ? 87  ASP B O   1 
ATOM   1365 C CB  . ASP B 1 88 ? -13.84575 -2.12319  -2.51381  1.000 41.94000 ? 87  ASP B CB  1 
ATOM   1366 C CG  . ASP B 1 88 ? -13.50420 -3.59805  -2.43664  1.000 46.06000 ? 87  ASP B CG  1 
ATOM   1367 O OD1 . ASP B 1 88 ? -13.91090 -4.24380  -1.45723  1.000 52.04000 ? 87  ASP B OD1 1 
ATOM   1368 O OD2 . ASP B 1 88 ? -12.83147 -4.08458  -3.36051  1.000 53.29000 ? 87  ASP B OD2 1 
ATOM   1369 N N   . LEU B 1 89 ? -16.63146 -3.33431  -0.85253  1.000 30.00000 ? 88  LEU B N   1 
ATOM   1370 C CA  . LEU B 1 89 ? -17.89844 -4.10576  -0.96600  1.000 30.00000 ? 88  LEU B CA  1 
ATOM   1371 C C   . LEU B 1 89 ? -18.45519 -4.37053  0.43692   1.000 30.00000 ? 88  LEU B C   1 
ATOM   1372 O O   . LEU B 1 89 ? -18.65038 -3.37889  1.16102   1.000 30.00000 ? 88  LEU B O   1 
ATOM   1373 C CB  . LEU B 1 89 ? -17.61569 -5.42775  -1.68583  1.000 30.00000 ? 88  LEU B CB  1 
ATOM   1374 C CG  . LEU B 1 89 ? -17.39257 -5.33076  -3.19583  1.000 30.00000 ? 88  LEU B CG  1 
ATOM   1375 C CD1 . LEU B 1 89 ? -16.32561 -6.31053  -3.65707  1.000 30.00000 ? 88  LEU B CD1 1 
ATOM   1376 C CD2 . LEU B 1 89 ? -18.69174 -5.54364  -3.95600  1.000 30.00000 ? 88  LEU B CD2 1 
ATOM   1377 O OXT . LEU B 1 89 ? -18.69199 -5.51758  0.81496   1.000 30.00000 ? 88  LEU B OXT 1 
HETATM 1378 O O   . HOH C 2 .  ? -9.93563  16.19751  17.85490  1.000 37.70000 ? 101 HOH A O   1 
HETATM 1379 O O   . HOH C 2 .  ? -8.06011  12.93668  15.81179  1.000 33.92000 ? 102 HOH A O   1 
HETATM 1380 O O   . HOH C 2 .  ? -5.22048  -0.72564  8.73577   1.000 25.49000 ? 103 HOH A O   1 
HETATM 1381 O O   . HOH C 2 .  ? -1.78791  13.43830  3.03829   1.000 28.24000 ? 104 HOH A O   1 
HETATM 1382 O O   . HOH C 2 .  ? -2.33905  19.92187  -4.18915  1.000 32.79000 ? 105 HOH A O   1 
HETATM 1383 O O   . HOH C 2 .  ? -1.12804  6.10759   11.81233  1.000 26.49000 ? 106 HOH A O   1 
HETATM 1384 O O   . HOH C 2 .  ? -8.93974  -6.98833  7.66485   1.000 34.33000 ? 107 HOH A O   1 
HETATM 1385 O O   . HOH C 2 .  ? -19.25497 11.05699  2.50193   1.000 36.10000 ? 108 HOH A O   1 
HETATM 1386 O O   . HOH C 2 .  ? -15.08259 12.35842  3.63718   1.000 24.72000 ? 109 HOH A O   1 
HETATM 1387 O O   . HOH C 2 .  ? -15.99856 24.84023  20.95179  1.000 48.57000 ? 110 HOH A O   1 
HETATM 1388 O O   . HOH C 2 .  ? -16.76324 12.04071  6.81836   1.000 36.33000 ? 111 HOH A O   1 
HETATM 1389 O O   . HOH C 2 .  ? -14.57062 17.54690  -8.11223  1.000 22.15000 ? 112 HOH A O   1 
HETATM 1390 O O   . HOH C 2 .  ? 6.65593   11.84888  5.71688   1.000 39.36000 ? 113 HOH A O   1 
HETATM 1391 O O   . HOH C 2 .  ? 2.61463   14.12721  0.33824   1.000 27.55000 ? 114 HOH A O   1 
HETATM 1392 O O   . HOH C 2 .  ? -13.05484 9.81282   9.09482   1.000 31.55000 ? 115 HOH A O   1 
HETATM 1393 O O   . HOH C 2 .  ? -0.19367  14.49229  -10.52281 1.000 29.61000 ? 116 HOH A O   1 
HETATM 1394 O O   . HOH C 2 .  ? -23.69921 13.76456  -5.20184  1.000 34.37000 ? 117 HOH A O   1 
HETATM 1395 O O   . HOH C 2 .  ? -5.75146  -0.80381  12.83763  1.000 39.32000 ? 118 HOH A O   1 
HETATM 1396 O O   . HOH C 2 .  ? -3.55572  5.87556   12.93183  1.000 29.63000 ? 119 HOH A O   1 
HETATM 1397 O O   . HOH C 2 .  ? 1.83903   13.82588  11.70925  1.000 28.27000 ? 120 HOH A O   1 
HETATM 1398 O O   . HOH C 2 .  ? -2.03690  -3.96466  9.33049   1.000 34.96000 ? 121 HOH A O   1 
HETATM 1399 O O   . HOH C 2 .  ? -6.18444  1.41814   10.30874  1.000 23.99000 ? 122 HOH A O   1 
HETATM 1400 O O   . HOH C 2 .  ? -14.68529 0.42603   7.10190   1.000 33.50000 ? 123 HOH A O   1 
HETATM 1401 O O   . HOH C 2 .  ? 0.33402   -13.91460 8.55669   1.000 33.66000 ? 124 HOH A O   1 
HETATM 1402 O O   . HOH C 2 .  ? -11.97197 16.17055  -11.51305 1.000 37.60000 ? 125 HOH A O   1 
HETATM 1403 O O   . HOH C 2 .  ? -5.07563  -13.86558 4.73268   1.000 36.98000 ? 126 HOH A O   1 
HETATM 1404 O O   . HOH C 2 .  ? -17.28060 6.51285   6.69092   1.000 32.18000 ? 127 HOH A O   1 
HETATM 1405 O O   . HOH C 2 .  ? -16.67400 8.20471   -12.81902 1.000 36.99000 ? 128 HOH A O   1 
HETATM 1406 O O   . HOH C 2 .  ? 4.17531   4.70065   9.99072   1.000 36.71000 ? 129 HOH A O   1 
HETATM 1407 O O   . HOH C 2 .  ? 9.68418   -2.48751  10.92104  1.000 39.34000 ? 130 HOH A O   1 
HETATM 1408 O O   . HOH C 2 .  ? -15.15430 0.35662   -6.51093  1.000 40.86000 ? 131 HOH A O   1 
HETATM 1409 O O   . HOH C 2 .  ? -0.32597  14.84243  3.91742   1.000 28.43000 ? 132 HOH A O   1 
HETATM 1410 O O   . HOH C 2 .  ? -10.71172 14.07026  24.24877  1.000 45.15000 ? 133 HOH A O   1 
HETATM 1411 O O   . HOH C 2 .  ? 1.67728   0.86022   9.86202   1.000 24.08000 ? 134 HOH A O   1 
HETATM 1412 O O   . HOH C 2 .  ? 1.82550   3.62231   9.36459   1.000 21.79000 ? 135 HOH A O   1 
HETATM 1413 O O   . HOH C 2 .  ? 3.38215   -4.49281  12.10479  1.000 37.65000 ? 136 HOH A O   1 
HETATM 1414 O O   . HOH C 2 .  ? -8.25986  11.67315  8.90848   1.000 20.60000 ? 137 HOH A O   1 
HETATM 1415 O O   . HOH C 2 .  ? -2.82110  -11.91906 -2.62473  1.000 28.92000 ? 138 HOH A O   1 
HETATM 1416 O O   . HOH C 2 .  ? -13.89610 14.83646  9.27627   1.000 35.65000 ? 139 HOH A O   1 
HETATM 1417 O O   . HOH C 2 .  ? -1.06648  14.06385  15.92361  1.000 18.62000 ? 140 HOH A O   1 
HETATM 1418 O O   . HOH C 2 .  ? 5.03692   10.05596  8.58390   1.000 38.27000 ? 141 HOH A O   1 
HETATM 1419 O O   . HOH C 2 .  ? -2.80597  7.83372   16.67355  1.000 34.74000 ? 142 HOH A O   1 
HETATM 1420 O O   . HOH C 2 .  ? -13.72766 1.74925   -7.93869  1.000 33.14000 ? 143 HOH A O   1 
HETATM 1421 O O   . HOH C 2 .  ? -2.41445  15.19288  11.97125  1.000 19.32000 ? 144 HOH A O   1 
HETATM 1422 O O   . HOH C 2 .  ? -3.85689  -8.41392  6.68223   1.000 26.10000 ? 145 HOH A O   1 
HETATM 1423 O O   . HOH C 2 .  ? -10.79718 6.99510   -13.16330 1.000 37.47000 ? 146 HOH A O   1 
HETATM 1424 O O   . HOH C 2 .  ? 4.06721   14.99158  -3.47939  1.000 28.16000 ? 147 HOH A O   1 
HETATM 1425 O O   . HOH C 2 .  ? 4.22725   -15.69724 3.03577   1.000 20.87000 ? 148 HOH A O   1 
HETATM 1426 O O   . HOH C 2 .  ? -11.74869 8.52143   -11.07645 1.000 29.51000 ? 149 HOH A O   1 
HETATM 1427 O O   . HOH C 2 .  ? -5.73344  9.74440   21.63060  1.000 45.11000 ? 150 HOH A O   1 
HETATM 1428 O O   . HOH C 2 .  ? -6.37542  11.25277  11.45790  1.000 29.09000 ? 151 HOH A O   1 
HETATM 1429 O O   . HOH C 2 .  ? -19.15142 18.95642  2.09691   1.000 31.62000 ? 152 HOH A O   1 
HETATM 1430 O O   . HOH C 2 .  ? 1.98929   13.38529  2.96712   1.000 23.61000 ? 153 HOH A O   1 
HETATM 1431 O O   . HOH C 2 .  ? -4.01147  3.35906   11.40847  1.000 26.25000 ? 154 HOH A O   1 
HETATM 1432 O O   . HOH C 2 .  ? 9.47923   9.09329   3.80462   1.000 36.63000 ? 155 HOH A O   1 
HETATM 1433 O O   . HOH C 2 .  ? 0.92416   15.72693  -8.44477  1.000 25.76000 ? 156 HOH A O   1 
HETATM 1434 O O   . HOH C 2 .  ? -15.09724 6.08530   8.28405   1.000 27.69000 ? 157 HOH A O   1 
HETATM 1435 O O   . HOH C 2 .  ? -23.72495 15.67729  -2.94078  1.000 32.07000 ? 158 HOH A O   1 
HETATM 1436 O O   . HOH C 2 .  ? -9.88086  5.78506   14.72794  1.000 31.51000 ? 159 HOH A O   1 
HETATM 1437 O O   . HOH C 2 .  ? -15.90710 19.67428  3.41295   1.000 35.14000 ? 160 HOH A O   1 
HETATM 1438 O O   . HOH C 2 .  ? 2.54362   8.84159   12.31492  1.000 39.84000 ? 161 HOH A O   1 
HETATM 1439 O O   . HOH C 2 .  ? -21.08649 7.02097   -0.90943  1.000 33.96000 ? 162 HOH A O   1 
HETATM 1440 O O   . HOH C 2 .  ? 0.23542   -2.51720  11.08799  1.000 36.45000 ? 163 HOH A O   1 
HETATM 1441 O O   . HOH C 2 .  ? -1.58505  1.79990   11.45293  1.000 36.68000 ? 164 HOH A O   1 
HETATM 1442 O O   . HOH C 2 .  ? 8.94743   3.21293   8.08979   1.000 40.01000 ? 165 HOH A O   1 
HETATM 1443 O O   . HOH C 2 .  ? -10.21393 16.12980  8.76112   1.000 28.62000 ? 166 HOH A O   1 
HETATM 1444 O O   . HOH C 2 .  ? -11.86254 18.55980  2.61162   1.000 21.68000 ? 167 HOH A O   1 
HETATM 1445 O O   . HOH C 2 .  ? -15.78032 8.23049   9.74854   1.000 36.32000 ? 168 HOH A O   1 
HETATM 1446 O O   . HOH C 2 .  ? 5.16550   11.16074  2.89703   1.000 23.82000 ? 169 HOH A O   1 
HETATM 1447 O O   . HOH C 2 .  ? 7.62758   -5.52539  11.95032  1.000 41.03000 ? 170 HOH A O   1 
HETATM 1448 O O   . HOH C 2 .  ? -17.86030 9.98884   4.16459   1.000 38.40000 ? 171 HOH A O   1 
HETATM 1449 O O   . HOH C 2 .  ? -9.74083  19.49257  10.52412  1.000 32.58000 ? 172 HOH A O   1 
HETATM 1450 O O   . HOH C 2 .  ? -7.22631  22.99608  5.01300   1.000 38.80000 ? 173 HOH A O   1 
HETATM 1451 O O   . HOH C 2 .  ? -3.25103  -1.36903  11.93116  1.000 39.88000 ? 174 HOH A O   1 
HETATM 1452 O O   . HOH C 2 .  ? 7.05655   -14.83679 8.61396   1.000 33.44000 ? 175 HOH A O   1 
HETATM 1453 O O   . HOH C 2 .  ? -7.81741  -0.81823  11.44531  1.000 37.81000 ? 176 HOH A O   1 
HETATM 1454 O O   . HOH C 2 .  ? 6.74003   5.35886   6.86757   1.000 36.73000 ? 177 HOH A O   1 
HETATM 1455 O O   . HOH C 2 .  ? -12.45385 1.69025   10.18858  1.000 35.25000 ? 178 HOH A O   1 
HETATM 1456 O O   . HOH C 2 .  ? -13.59561 22.44050  -4.67867  1.000 19.50000 ? 179 HOH A O   1 
HETATM 1457 O O   . HOH C 2 .  ? -1.85299  -16.11254 3.56388   1.000 35.41000 ? 180 HOH A O   1 
HETATM 1458 O O   . HOH C 2 .  ? -15.73847 18.22637  -3.77344  1.000 18.68000 ? 181 HOH A O   1 
HETATM 1459 O O   . HOH C 2 .  ? -10.76544 2.04797   -14.47092 1.000 39.99000 ? 182 HOH A O   1 
HETATM 1460 O O   . HOH C 2 .  ? -2.10675  -15.13272 6.07126   1.000 36.80000 ? 183 HOH A O   1 
HETATM 1461 O O   . HOH C 2 .  ? -13.94102 4.47110   -14.23381 1.000 44.24000 ? 184 HOH A O   1 
HETATM 1462 O O   . HOH C 2 .  ? -4.93286  20.40544  -3.03096  1.000 35.22000 ? 185 HOH A O   1 
HETATM 1463 O O   . HOH C 2 .  ? -6.14099  -9.60898  4.87786   1.000 36.48000 ? 186 HOH A O   1 
HETATM 1464 O O   . HOH C 2 .  ? 2.34744   17.25821  -2.61887  1.000 32.48000 ? 187 HOH A O   1 
HETATM 1465 O O   . HOH C 2 .  ? -18.32096 9.02566   6.52527   1.000 42.76000 ? 188 HOH A O   1 
HETATM 1466 O O   . HOH C 2 .  ? -6.73425  12.99993  13.04841  1.000 27.79000 ? 189 HOH A O   1 
HETATM 1467 O O   . HOH C 2 .  ? -13.70005 9.40518   -12.42356 1.000 31.05000 ? 190 HOH A O   1 
HETATM 1468 O O   . HOH C 2 .  ? 0.92744   17.02769  0.70639   1.000 33.96000 ? 191 HOH A O   1 
HETATM 1469 O O   . HOH C 2 .  ? -11.10761 21.55535  2.22004   1.000 39.79000 ? 192 HOH A O   1 
HETATM 1470 O O   . HOH C 2 .  ? -12.82243 12.50997  10.55371  1.000 32.99000 ? 193 HOH A O   1 
HETATM 1471 O O   . HOH C 2 .  ? 8.76695   -3.55470  13.20226  1.000 44.69000 ? 194 HOH A O   1 
HETATM 1472 O O   . HOH C 2 .  ? -1.35767  -3.02191  13.20003  1.000 44.92000 ? 195 HOH A O   1 
HETATM 1473 O O   . HOH C 2 .  ? -3.78312  -10.81128 8.24067   1.000 34.32000 ? 196 HOH A O   1 
HETATM 1474 O O   . HOH C 2 .  ? -27.96138 10.81120  -2.44912  1.000 41.03000 ? 197 HOH A O   1 
HETATM 1475 O O   . HOH C 2 .  ? 2.74006   0.42010   12.37771  1.000 36.78000 ? 198 HOH A O   1 
HETATM 1476 O O   . HOH C 2 .  ? -11.45491 8.04815   15.57893  1.000 38.60000 ? 199 HOH A O   1 
HETATM 1477 O O   . HOH C 2 .  ? 7.92744   10.25863  2.02289   1.000 33.49000 ? 200 HOH A O   1 
HETATM 1478 O O   . HOH C 2 .  ? -8.18497  5.82188   16.83833  1.000 37.25000 ? 201 HOH A O   1 
HETATM 1479 O O   . HOH C 2 .  ? -15.96837 3.52262   -14.10875 1.000 50.24000 ? 202 HOH A O   1 
HETATM 1480 O O   . HOH C 2 .  ? -17.12103 20.99950  -0.46852  1.000 40.02000 ? 203 HOH A O   1 
HETATM 1481 O O   . HOH C 2 .  ? -9.99694  13.38614  10.24786  1.000 29.57000 ? 204 HOH A O   1 
HETATM 1482 O O   . HOH C 2 .  ? 2.18280   10.89758  14.77353  1.000 36.78000 ? 205 HOH A O   1 
HETATM 1483 O O   . HOH C 2 .  ? -10.66486 17.25338  12.06638  1.000 37.15000 ? 206 HOH A O   1 
HETATM 1484 O O   . HOH C 2 .  ? -21.84111 8.07271   1.46195   1.000 40.25000 ? 207 HOH A O   1 
HETATM 1485 O O   . HOH C 2 .  ? -5.76397  -12.01173 6.20808   1.000 42.88000 ? 208 HOH A O   1 
HETATM 1486 O O   . HOH C 2 .  ? -27.70385 14.64460  -1.77260  1.000 38.98000 ? 209 HOH A O   1 
HETATM 1487 O O   . HOH C 2 .  ? -9.25504  13.87983  12.53940  1.000 35.98000 ? 210 HOH A O   1 
HETATM 1488 O O   . HOH C 2 .  ? -27.51600 9.37888   -4.22003  1.000 46.38000 ? 211 HOH A O   1 
HETATM 1489 O O   . HOH C 2 .  ? -15.28960 3.59082   9.66961   1.000 35.32000 ? 212 HOH A O   1 
HETATM 1490 O O   . HOH C 2 .  ? -0.02236  3.81124   11.40657  1.000 29.49000 ? 213 HOH A O   1 
HETATM 1491 O O   . HOH C 2 .  ? -4.29576  -7.42095  9.39205   1.000 36.64000 ? 214 HOH A O   1 
HETATM 1492 O O   . HOH C 2 .  ? 4.62979   14.04229  4.05185   1.000 39.41000 ? 215 HOH A O   1 
HETATM 1493 O O   . HOH C 2 .  ? -5.42196  -4.83305  10.21283  1.000 37.11000 ? 216 HOH A O   1 
HETATM 1494 O O   . HOH C 2 .  ? -16.03859 4.54362   12.29119  1.000 47.63000 ? 217 HOH A O   1 
HETATM 1495 O O   . HOH C 2 .  ? -11.51014 3.50938   13.99496  1.000 38.70000 ? 218 HOH A O   1 
HETATM 1496 O O   . HOH C 2 .  ? -0.26838  7.79302   15.35456  1.000 43.56000 ? 219 HOH A O   1 
HETATM 1497 O O   . HOH D 2 .  ? -8.64632  -28.31793 5.02242   1.000 38.73000 ? 101 HOH B O   1 
HETATM 1498 O O   . HOH D 2 .  ? 21.45129  -4.36956  -10.46583 1.000 43.69000 ? 102 HOH B O   1 
HETATM 1499 O O   . HOH D 2 .  ? -5.93305  -2.98686  -12.78371 1.000 46.13000 ? 103 HOH B O   1 
HETATM 1500 O O   . HOH D 2 .  ? 20.30010  -9.87579  -9.53720  1.000 36.29000 ? 104 HOH B O   1 
HETATM 1501 O O   . HOH D 2 .  ? -1.22363  0.43224   -11.98315 1.000 36.48000 ? 105 HOH B O   1 
HETATM 1502 O O   . HOH D 2 .  ? 8.95229   -20.41689 -11.03657 1.000 46.37000 ? 106 HOH B O   1 
HETATM 1503 O O   . HOH D 2 .  ? -3.79490  -5.00206  -8.85800  1.000 29.41000 ? 107 HOH B O   1 
HETATM 1504 O O   . HOH D 2 .  ? -1.10012  -14.16660 -6.57782  1.000 38.08000 ? 108 HOH B O   1 
HETATM 1505 O O   . HOH D 2 .  ? 10.90487  -4.11792  9.32597   1.000 29.55000 ? 109 HOH B O   1 
HETATM 1506 O O   . HOH D 2 .  ? 9.79232   1.79921   -15.84713 1.000 40.05000 ? 110 HOH B O   1 
HETATM 1507 O O   . HOH D 2 .  ? 15.64557  7.15205   0.67817   1.000 29.49000 ? 111 HOH B O   1 
HETATM 1508 O O   . HOH D 2 .  ? -1.95221  -9.85125  -4.50336  1.000 26.43000 ? 112 HOH B O   1 
HETATM 1509 O O   . HOH D 2 .  ? 14.00906  -13.06145 -2.65593  1.000 16.91000 ? 113 HOH B O   1 
HETATM 1510 O O   . HOH D 2 .  ? 15.89290  7.30083   -3.65504  1.000 21.78000 ? 114 HOH B O   1 
HETATM 1511 O O   . HOH D 2 .  ? 13.21952  5.14146   7.71701   1.000 37.43000 ? 115 HOH B O   1 
HETATM 1512 O O   . HOH D 2 .  ? 6.61237   -17.06956 7.93299   1.000 36.54000 ? 116 HOH B O   1 
HETATM 1513 O O   . HOH D 2 .  ? 16.98942  0.22518   6.17534   1.000 33.22000 ? 117 HOH B O   1 
HETATM 1514 O O   . HOH D 2 .  ? -10.10967 0.74773   -11.36274 1.000 40.13000 ? 118 HOH B O   1 
HETATM 1515 O O   . HOH D 2 .  ? 9.14886   -16.17402 -4.99113  1.000 23.68000 ? 119 HOH B O   1 
HETATM 1516 O O   . HOH D 2 .  ? 2.99799   0.15733   -15.37952 1.000 39.71000 ? 120 HOH B O   1 
HETATM 1517 O O   . HOH D 2 .  ? 0.70950   -16.25044 -3.50785  1.000 34.45000 ? 121 HOH B O   1 
HETATM 1518 O O   . HOH D 2 .  ? -14.40888 -6.29849  0.24930   1.000 36.27000 ? 122 HOH B O   1 
HETATM 1519 O O   . HOH D 2 .  ? 16.57480  -8.50038  9.67752   1.000 33.79000 ? 123 HOH B O   1 
HETATM 1520 O O   . HOH D 2 .  ? -6.14512  -7.11262  -7.31448  1.000 39.24000 ? 124 HOH B O   1 
HETATM 1521 O O   . HOH D 2 .  ? 6.98129   -17.64711 -12.86390 1.000 49.43000 ? 125 HOH B O   1 
HETATM 1522 O O   . HOH D 2 .  ? 19.22842  -18.03958 -8.32005  1.000 23.42000 ? 126 HOH B O   1 
HETATM 1523 O O   . HOH D 2 .  ? 16.84110  -18.67356 7.00606   1.000 24.13000 ? 127 HOH B O   1 
HETATM 1524 O O   . HOH D 2 .  ? 3.06952   -6.53309  -12.09753 1.000 27.14000 ? 128 HOH B O   1 
HETATM 1525 O O   . HOH D 2 .  ? 19.04615  1.20341   -9.49310  1.000 27.94000 ? 129 HOH B O   1 
HETATM 1526 O O   . HOH D 2 .  ? 5.42207   -5.31372  -15.26202 1.000 33.38000 ? 130 HOH B O   1 
HETATM 1527 O O   . HOH D 2 .  ? -6.92487  -2.81785  9.09377   1.000 26.19000 ? 131 HOH B O   1 
HETATM 1528 O O   . HOH D 2 .  ? 20.60732  -12.06711 -11.85851 1.000 43.14000 ? 132 HOH B O   1 
HETATM 1529 O O   . HOH D 2 .  ? 9.08434   -11.35449 10.54525  1.000 35.87000 ? 133 HOH B O   1 
HETATM 1530 O O   . HOH D 2 .  ? 16.32952  -8.16888  -13.46573 1.000 39.98000 ? 134 HOH B O   1 
HETATM 1531 O O   . HOH D 2 .  ? 9.81233   -6.76057  10.36645  1.000 37.09000 ? 135 HOH B O   1 
HETATM 1532 O O   . HOH D 2 .  ? 11.85611  -16.96756 -3.69158  1.000 27.96000 ? 136 HOH B O   1 
HETATM 1533 O O   . HOH D 2 .  ? 18.36752  -10.57053 -7.51408  1.000 18.46000 ? 137 HOH B O   1 
HETATM 1534 O O   . HOH D 2 .  ? -4.58885  -13.14414 0.90354   1.000 32.33000 ? 138 HOH B O   1 
HETATM 1535 O O   . HOH D 2 .  ? 13.91971  -9.40892  -13.44677 1.000 29.27000 ? 139 HOH B O   1 
HETATM 1536 O O   . HOH D 2 .  ? 8.55070   -15.19081 -13.00143 1.000 45.61000 ? 140 HOH B O   1 
HETATM 1537 O O   . HOH D 2 .  ? 10.65944  -2.45574  -10.08695 1.000 26.20000 ? 141 HOH B O   1 
HETATM 1538 O O   . HOH D 2 .  ? -1.19339  -18.71194 -9.27182  1.000 42.33000 ? 142 HOH B O   1 
HETATM 1539 O O   . HOH D 2 .  ? 6.84271   -16.42707 -0.76110  1.000 18.09000 ? 143 HOH B O   1 
HETATM 1540 O O   . HOH D 2 .  ? 10.27949  -5.93798  -16.09098 1.000 41.51000 ? 144 HOH B O   1 
HETATM 1541 O O   . HOH D 2 .  ? -11.17042 -3.01162  8.73313   1.000 36.97000 ? 145 HOH B O   1 
HETATM 1542 O O   . HOH D 2 .  ? 5.49193   -19.73519 -8.88355  1.000 29.57000 ? 146 HOH B O   1 
HETATM 1543 O O   . HOH D 2 .  ? 10.84172  -3.22287  -13.96820 1.000 35.72000 ? 147 HOH B O   1 
HETATM 1544 O O   . HOH D 2 .  ? 10.54535  8.16282   -8.09892  1.000 23.66000 ? 148 HOH B O   1 
HETATM 1545 O O   . HOH D 2 .  ? 12.68734  6.07828   -1.43972  1.000 29.07000 ? 149 HOH B O   1 
HETATM 1546 O O   . HOH D 2 .  ? 9.64949   -17.12348 7.50818   1.000 36.03000 ? 150 HOH B O   1 
HETATM 1547 O O   . HOH D 2 .  ? 13.62372  -14.80338 6.58027   1.000 23.91000 ? 151 HOH B O   1 
HETATM 1548 O O   . HOH D 2 .  ? 8.29060   -4.66825  -15.22497 1.000 35.54000 ? 152 HOH B O   1 
HETATM 1549 O O   . HOH D 2 .  ? 8.90117   9.69700   -3.50942  1.000 19.98000 ? 153 HOH B O   1 
HETATM 1550 O O   . HOH D 2 .  ? -10.11922 -4.26466  -6.63599  1.000 32.22000 ? 154 HOH B O   1 
HETATM 1551 O O   . HOH D 2 .  ? -17.20531 1.73045   2.29341   1.000 37.40000 ? 155 HOH B O   1 
HETATM 1552 O O   . HOH D 2 .  ? 8.64539   1.35421   -12.03933 1.000 23.76000 ? 156 HOH B O   1 
HETATM 1553 O O   . HOH D 2 .  ? -1.33935  -4.29697  -10.14206 1.000 25.18000 ? 157 HOH B O   1 
HETATM 1554 O O   . HOH D 2 .  ? -0.37368  -17.97003 -5.25362  1.000 40.78000 ? 158 HOH B O   1 
HETATM 1555 O O   . HOH D 2 .  ? 19.14963  -3.79836  9.97772   1.000 41.09000 ? 159 HOH B O   1 
HETATM 1556 O O   . HOH D 2 .  ? -2.52554  -3.85122  1.44962   1.000 17.15000 ? 160 HOH B O   1 
HETATM 1557 O O   . HOH D 2 .  ? 6.55012   2.56916   -14.74258 1.000 34.12000 ? 161 HOH B O   1 
HETATM 1558 O O   . HOH D 2 .  ? 22.78096  -6.46956  -3.69771  1.000 27.66000 ? 162 HOH B O   1 
HETATM 1559 O O   . HOH D 2 .  ? 9.94532   -16.38047 -9.35787  1.000 40.18000 ? 163 HOH B O   1 
HETATM 1560 O O   . HOH D 2 .  ? 14.31166  6.38634   -8.06235  1.000 18.02000 ? 164 HOH B O   1 
HETATM 1561 O O   . HOH D 2 .  ? -10.17105 -3.18587  -4.13318  1.000 27.62000 ? 165 HOH B O   1 
HETATM 1562 O O   . HOH D 2 .  ? -17.67670 -3.36595  5.53718   1.000 47.43000 ? 166 HOH B O   1 
HETATM 1563 O O   . HOH D 2 .  ? 23.11527  -8.50373  0.62548   1.000 34.59000 ? 167 HOH B O   1 
HETATM 1564 O O   . HOH D 2 .  ? 3.01098   -26.22566 -9.88181  1.000 41.81000 ? 168 HOH B O   1 
HETATM 1565 O O   . HOH D 2 .  ? -0.44160  -11.41589 -6.29436  1.000 24.15000 ? 169 HOH B O   1 
HETATM 1566 O O   . HOH D 2 .  ? 22.65957  -15.19875 4.82867   1.000 37.63000 ? 170 HOH B O   1 
HETATM 1567 O O   . HOH D 2 .  ? 10.87935  -20.92157 -8.77118  1.000 35.37000 ? 171 HOH B O   1 
HETATM 1568 O O   . HOH D 2 .  ? 5.64873   -15.44359 -9.04834  1.000 32.52000 ? 172 HOH B O   1 
HETATM 1569 O O   . HOH D 2 .  ? -0.73572  -19.28270 0.25518   1.000 40.26000 ? 173 HOH B O   1 
HETATM 1570 O O   . HOH D 2 .  ? 22.81849  -8.82698  -2.13708  1.000 22.62000 ? 174 HOH B O   1 
HETATM 1571 O O   . HOH D 2 .  ? -12.86895 -8.87339  3.04934   1.000 42.09000 ? 175 HOH B O   1 
HETATM 1572 O O   . HOH D 2 .  ? -7.90245  -8.51977  0.36109   1.000 27.74000 ? 176 HOH B O   1 
HETATM 1573 O O   . HOH D 2 .  ? 18.36838  -2.19545  6.26584   1.000 31.27000 ? 177 HOH B O   1 
HETATM 1574 O O   . HOH D 2 .  ? 1.15929   5.52701   -13.48343 1.000 37.19000 ? 178 HOH B O   1 
HETATM 1575 O O   . HOH D 2 .  ? 23.81597  -4.11190  -9.51786  1.000 46.42000 ? 179 HOH B O   1 
HETATM 1576 O O   . HOH D 2 .  ? 0.40928   -20.38763 -6.05517  1.000 28.37000 ? 180 HOH B O   1 
HETATM 1577 O O   . HOH D 2 .  ? 0.37449   -17.91155 2.80150   1.000 36.19000 ? 181 HOH B O   1 
HETATM 1578 O O   . HOH D 2 .  ? -10.12094 -9.88357  5.23143   1.000 40.14000 ? 182 HOH B O   1 
HETATM 1579 O O   . HOH D 2 .  ? 22.83535  -6.51717  6.16268   1.000 42.16000 ? 183 HOH B O   1 
HETATM 1580 O O   . HOH D 2 .  ? -0.13548  -10.25823 -8.94475  1.000 27.82000 ? 184 HOH B O   1 
HETATM 1581 O O   . HOH D 2 .  ? -1.57825  -18.78506 -2.28369  1.000 44.46000 ? 185 HOH B O   1 
HETATM 1582 O O   . HOH D 2 .  ? -7.73921  -18.89453 4.70946   1.000 50.11000 ? 186 HOH B O   1 
HETATM 1583 O O   . HOH D 2 .  ? -6.54537  -7.50752  -4.30744  1.000 34.02000 ? 187 HOH B O   1 
HETATM 1584 O O   . HOH D 2 .  ? 14.32775  -17.76826 -6.81757  1.000 31.80000 ? 188 HOH B O   1 
HETATM 1585 O O   . HOH D 2 .  ? 23.59977  -5.06099  -5.18078  1.000 40.74000 ? 189 HOH B O   1 
HETATM 1586 O O   . HOH D 2 .  ? -1.73436  -3.14667  -12.39896 1.000 35.97000 ? 190 HOH B O   1 
HETATM 1587 O O   . HOH D 2 .  ? 12.81361  -7.97139  -15.50471 1.000 38.19000 ? 191 HOH B O   1 
HETATM 1588 O O   . HOH D 2 .  ? 7.03066   -12.26784 -15.24911 1.000 30.00000 ? 192 HOH B O   1 
HETATM 1589 O O   . HOH D 2 .  ? -7.68884  -10.09555 2.11789   1.000 38.78000 ? 193 HOH B O   1 
HETATM 1590 O O   . HOH D 2 .  ? 15.59487  -17.40460 -10.85183 1.000 40.11000 ? 194 HOH B O   1 
HETATM 1591 O O   . HOH D 2 .  ? 7.78175   -16.98515 -7.50970  1.000 33.42000 ? 195 HOH B O   1 
HETATM 1592 O O   . HOH D 2 .  ? -5.74281  -5.27753  -10.88584 1.000 38.91000 ? 196 HOH B O   1 
HETATM 1593 O O   . HOH D 2 .  ? 12.59154  -15.89206 -8.68030  1.000 38.43000 ? 197 HOH B O   1 
HETATM 1594 O O   . HOH D 2 .  ? 9.62998   -20.95770 -6.56090  1.000 38.52000 ? 198 HOH B O   1 
HETATM 1595 O O   . HOH D 2 .  ? 17.92955  -16.01219 -11.80420 1.000 42.79000 ? 199 HOH B O   1 
HETATM 1596 O O   . HOH D 2 .  ? 15.84625  -6.50086  -15.32874 1.000 45.22000 ? 200 HOH B O   1 
HETATM 1597 O O   . HOH D 2 .  ? 12.12112  -1.91608  -12.24751 1.000 36.83000 ? 201 HOH B O   1 
HETATM 1598 O O   . HOH D 2 .  ? 15.25349  -15.06835 8.82462   1.000 31.73000 ? 202 HOH B O   1 
HETATM 1599 O O   . HOH D 2 .  ? 5.36624   -17.83002 -10.63974 1.000 37.97000 ? 203 HOH B O   1 
HETATM 1600 O O   . HOH D 2 .  ? -7.41660  -9.76328  -2.94030  1.000 39.72000 ? 204 HOH B O   1 
HETATM 1601 O O   . HOH D 2 .  ? 0.75054   -7.54754  -12.07595 1.000 42.07000 ? 205 HOH B O   1 
HETATM 1602 O O   . HOH D 2 .  ? 22.67067  -4.35549  6.83459   1.000 45.13000 ? 206 HOH B O   1 
HETATM 1603 O O   . HOH D 2 .  ? 13.91794  -6.18564  -16.47824 1.000 48.45000 ? 207 HOH B O   1 
HETATM 1604 O O   . HOH D 2 .  ? 12.07384  -7.16509  11.47495  1.000 46.64000 ? 208 HOH B O   1 
HETATM 1605 O O   . HOH D 2 .  ? 20.50888  -2.34118  7.69231   1.000 41.50000 ? 209 HOH B O   1 
HETATM 1606 O O   . HOH D 2 .  ? -1.43003  -6.82483  -10.70932 1.000 37.56000 ? 210 HOH B O   1 
HETATM 1607 O O   . HOH D 2 .  ? -3.37936  -21.33053 -6.20483  1.000 43.92000 ? 211 HOH B O   1 
HETATM 1608 O O   . HOH D 2 .  ? -5.83755  -11.45472 -3.20351  1.000 39.44000 ? 212 HOH B O   1 
HETATM 1609 O O   . HOH D 2 .  ? -1.53262  -21.30737 -8.01717  1.000 41.20000 ? 213 HOH B O   1 
HETATM 1610 O O   . HOH D 2 .  ? 0.30238   -25.89516 -10.21587 1.000 45.44000 ? 214 HOH B O   1 
HETATM 1611 O O   . HOH D 2 .  ? -1.21851  -23.55544 -9.90987  1.000 42.05000 ? 215 HOH B O   1 
# 
loop_
_pdbx_poly_seq_scheme.asym_id 
_pdbx_poly_seq_scheme.entity_id 
_pdbx_poly_seq_scheme.seq_id 
_pdbx_poly_seq_scheme.mon_id 
_pdbx_poly_seq_scheme.ndb_seq_num 
_pdbx_poly_seq_scheme.pdb_seq_num 
_pdbx_poly_seq_scheme.auth_seq_num 
_pdbx_poly_seq_scheme.pdb_mon_id 
_pdbx_poly_seq_scheme.auth_mon_id 
_pdbx_poly_seq_scheme.pdb_strand_id 
_pdbx_poly_seq_scheme.pdb_ins_code 
_pdbx_poly_seq_scheme.hetero 
A 1 1  GLY 1  0  ?  ?   ?   A . n 
A 1 2  MET 2  1  ?  ?   ?   A . n 
A 1 3  GLY 3  2  ?  ?   ?   A . n 
A 1 4  PHE 4  3  ?  ?   ?   A . n 
A 1 5  GLU 5  4  ?  ?   ?   A . n 
A 1 6  GLU 6  5  ?  ?   ?   A . n 
A 1 7  GLU 7  6  ?  ?   ?   A . n 
A 1 8  GLU 8  7  ?  ?   ?   A . n 
A 1 9  VAL 9  8  8  VAL VAL A . n 
A 1 10 ARG 10 9  9  ARG ARG A . n 
A 1 11 PHE 11 10 10 PHE PHE A . n 
A 1 12 ARG 12 11 11 ARG ARG A . n 
A 1 13 LEU 13 12 12 LEU LEU A . n 
A 1 14 ASP 14 13 13 ASP ASP A . n 
A 1 15 ASP 15 14 14 ASP ASP A . n 
A 1 16 THR 16 15 15 THR THR A . n 
A 1 17 ASP 17 16 16 ASP ASP A . n 
A 1 18 LYS 18 17 17 LYS LYS A . n 
A 1 19 GLN 19 18 18 GLN GLN A . n 
A 1 20 GLU 20 19 19 GLU GLU A . n 
A 1 21 ILE 21 20 20 ILE ILE A . n 
A 1 22 SER 22 21 21 SER SER A . n 
A 1 23 LYS 23 22 22 LYS LYS A . n 
A 1 24 THR 24 23 23 THR THR A . n 
A 1 25 LEU 25 24 24 LEU LEU A . n 
A 1 26 THR 26 25 25 THR THR A . n 
A 1 27 SER 27 26 26 SER SER A . n 
A 1 28 VAL 28 27 27 VAL VAL A . n 
A 1 29 TYR 29 28 28 TYR TYR A . n 
A 1 30 ARG 30 29 29 ARG ARG A . n 
A 1 31 SER 31 30 30 SER SER A . n 
A 1 32 LEU 32 31 31 LEU LEU A . n 
A 1 33 GLU 33 32 32 GLU GLU A . n 
A 1 34 GLU 34 33 33 GLU GLU A . n 
A 1 35 LYS 35 34 34 LYS LYS A . n 
A 1 36 GLY 36 35 35 GLY GLY A . n 
A 1 37 TYR 37 36 36 TYR TYR A . n 
A 1 38 ASN 38 37 37 ASN ASN A . n 
A 1 39 PRO 39 38 38 PRO PRO A . n 
A 1 40 ILE 40 39 39 ILE ILE A . n 
A 1 41 ASN 41 40 40 ASN ASN A . n 
A 1 42 GLN 42 41 41 GLN GLN A . n 
A 1 43 ILE 43 42 42 ILE ILE A . n 
A 1 44 ILE 44 43 43 ILE ILE A . n 
A 1 45 GLY 45 44 44 GLY GLY A . n 
A 1 46 TYR 46 45 45 TYR TYR A . n 
A 1 47 VAL 47 46 46 VAL VAL A . n 
A 1 48 LEU 48 47 47 LEU LEU A . n 
A 1 49 SER 49 48 48 SER SER A . n 
A 1 50 GLY 50 49 49 GLY GLY A . n 
A 1 51 ASP 51 50 50 ASP ASP A . n 
A 1 52 PRO 52 51 51 PRO PRO A . n 
A 1 53 ALA 53 52 52 ALA ALA A . n 
A 1 54 TYR 54 53 53 TYR TYR A . n 
A 1 55 ILE 55 54 54 ILE ILE A . n 
A 1 56 PRO 56 55 55 PRO PRO A . n 
A 1 57 ARG 57 56 56 ARG ARG A . n 
A 1 58 TYR 58 57 57 TYR TYR A . n 
A 1 59 ASN 59 58 58 ASN ASN A . n 
A 1 60 ASP 60 59 59 ASP ASP A . n 
A 1 61 ALA 61 60 60 ALA ALA A . n 
A 1 62 ARG 62 61 61 ARG ARG A . n 
A 1 63 ASN 63 62 62 ASN ASN A . n 
A 1 64 GLN 64 63 63 GLN GLN A . n 
A 1 65 ILE 65 64 64 ILE ILE A . n 
A 1 66 ARG 66 65 65 ARG ARG A . n 
A 1 67 LYS 67 66 66 LYS LYS A . n 
A 1 68 HIS 68 67 67 HIS HIS A . n 
A 1 69 GLU 69 68 68 GLU GLU A . n 
A 1 70 ARG 70 69 69 ARG ARG A . n 
A 1 71 ASP 71 70 70 ASP ASP A . n 
A 1 72 GLU 72 71 71 GLU GLU A . n 
A 1 73 ILE 73 72 72 ILE ILE A . n 
A 1 74 ILE 74 73 73 ILE ILE A . n 
A 1 75 GLU 75 74 74 GLU GLU A . n 
A 1 76 GLU 76 75 75 GLU GLU A . n 
A 1 77 LEU 77 76 76 LEU LEU A . n 
A 1 78 VAL 78 77 77 VAL VAL A . n 
A 1 79 ARG 79 78 78 ARG ARG A . n 
A 1 80 TYR 80 79 79 TYR TYR A . n 
A 1 81 TYR 81 80 80 TYR TYR A . n 
A 1 82 LEU 82 81 81 LEU LEU A . n 
A 1 83 LYS 83 82 82 LYS LYS A . n 
A 1 84 GLY 84 83 83 GLY GLY A . n 
A 1 85 ASN 85 84 84 ASN ASN A . n 
A 1 86 GLY 86 85 85 GLY GLY A . n 
A 1 87 ILE 87 86 86 ILE ILE A . n 
A 1 88 ASP 88 87 87 ASP ASP A . n 
A 1 89 LEU 89 88 88 LEU LEU A . n 
B 1 1  GLY 1  0  ?  ?   ?   B . n 
B 1 2  MET 2  1  ?  ?   ?   B . n 
B 1 3  GLY 3  2  ?  ?   ?   B . n 
B 1 4  PHE 4  3  ?  ?   ?   B . n 
B 1 5  GLU 5  4  ?  ?   ?   B . n 
B 1 6  GLU 6  5  ?  ?   ?   B . n 
B 1 7  GLU 7  6  6  GLU GLU B . n 
B 1 8  GLU 8  7  7  GLU GLU B . n 
B 1 9  VAL 9  8  8  VAL VAL B . n 
B 1 10 ARG 10 9  9  ARG ARG B . n 
B 1 11 PHE 11 10 10 PHE PHE B . n 
B 1 12 ARG 12 11 11 ARG ARG B . n 
B 1 13 LEU 13 12 12 LEU LEU B . n 
B 1 14 ASP 14 13 13 ASP ASP B . n 
B 1 15 ASP 15 14 14 ASP ASP B . n 
B 1 16 THR 16 15 15 THR THR B . n 
B 1 17 ASP 17 16 16 ASP ASP B . n 
B 1 18 LYS 18 17 17 LYS LYS B . n 
B 1 19 GLN 19 18 18 GLN GLN B . n 
B 1 20 GLU 20 19 19 GLU GLU B . n 
B 1 21 ILE 21 20 20 ILE ILE B . n 
B 1 22 SER 22 21 21 SER SER B . n 
B 1 23 LYS 23 22 22 LYS LYS B . n 
B 1 24 THR 24 23 23 THR THR B . n 
B 1 25 LEU 25 24 24 LEU LEU B . n 
B 1 26 THR 26 25 25 THR THR B . n 
B 1 27 SER 27 26 26 SER SER B . n 
B 1 28 VAL 28 27 27 VAL VAL B . n 
B 1 29 TYR 29 28 28 TYR TYR B . n 
B 1 30 ARG 30 29 29 ARG ARG B . n 
B 1 31 SER 31 30 30 SER SER B . n 
B 1 32 LEU 32 31 31 LEU LEU B . n 
B 1 33 GLU 33 32 32 GLU GLU B . n 
B 1 34 GLU 34 33 33 GLU GLU B . n 
B 1 35 LYS 35 34 34 LYS LYS B . n 
B 1 36 GLY 36 35 35 GLY GLY B . n 
B 1 37 TYR 37 36 36 TYR TYR B . n 
B 1 38 ASN 38 37 37 ASN ASN B . n 
B 1 39 PRO 39 38 38 PRO PRO B . n 
B 1 40 ILE 40 39 39 ILE ILE B . n 
B 1 41 ASN 41 40 40 ASN ASN B . n 
B 1 42 GLN 42 41 41 GLN GLN B . n 
B 1 43 ILE 43 42 42 ILE ILE B . n 
B 1 44 ILE 44 43 43 ILE ILE B . n 
B 1 45 GLY 45 44 44 GLY GLY B . n 
B 1 46 TYR 46 45 45 TYR TYR B . n 
B 1 47 VAL 47 46 46 VAL VAL B . n 
B 1 48 LEU 48 47 47 LEU LEU B . n 
B 1 49 SER 49 48 48 SER SER B . n 
B 1 50 GLY 50 49 49 GLY GLY B . n 
B 1 51 ASP 51 50 50 ASP ASP B . n 
B 1 52 PRO 52 51 51 PRO PRO B . n 
B 1 53 ALA 53 52 52 ALA ALA B . n 
B 1 54 TYR 54 53 53 TYR TYR B . n 
B 1 55 ILE 55 54 54 ILE ILE B . n 
B 1 56 PRO 56 55 55 PRO PRO B . n 
B 1 57 ARG 57 56 56 ARG ARG B . n 
B 1 58 TYR 58 57 57 TYR TYR B . n 
B 1 59 ASN 59 58 58 ASN ASN B . n 
B 1 60 ASP 60 59 59 ASP ASP B . n 
B 1 61 ALA 61 60 60 ALA ALA B . n 
B 1 62 ARG 62 61 61 ARG ARG B . n 
B 1 63 ASN 63 62 62 ASN ASN B . n 
B 1 64 GLN 64 63 63 GLN GLN B . n 
B 1 65 ILE 65 64 64 ILE ILE B . n 
B 1 66 ARG 66 65 65 ARG ARG B . n 
B 1 67 LYS 67 66 66 LYS LYS B . n 
B 1 68 HIS 68 67 67 HIS HIS B . n 
B 1 69 GLU 69 68 68 GLU GLU B . n 
B 1 70 ARG 70 69 69 ARG ARG B . n 
B 1 71 ASP 71 70 70 ASP ASP B . n 
B 1 72 GLU 72 71 71 GLU GLU B . n 
B 1 73 ILE 73 72 72 ILE ILE B . n 
B 1 74 ILE 74 73 73 ILE ILE B . n 
B 1 75 GLU 75 74 74 GLU GLU B . n 
B 1 76 GLU 76 75 75 GLU GLU B . n 
B 1 77 LEU 77 76 76 LEU LEU B . n 
B 1 78 VAL 78 77 77 VAL VAL B . n 
B 1 79 ARG 79 78 78 ARG ARG B . n 
B 1 80 TYR 80 79 79 TYR TYR B . n 
B 1 81 TYR 81 80 80 TYR TYR B . n 
B 1 82 LEU 82 81 81 LEU LEU B . n 
B 1 83 LYS 83 82 82 LYS LYS B . n 
B 1 84 GLY 84 83 83 GLY GLY B . n 
B 1 85 ASN 85 84 84 ASN ASN B . n 
B 1 86 GLY 86 85 85 GLY GLY B . n 
B 1 87 ILE 87 86 86 ILE ILE B . n 
B 1 88 ASP 88 87 87 ASP ASP B . n 
B 1 89 LEU 89 88 88 LEU LEU B . n 
# 
_pdbx_contact_author.id                 2 
_pdbx_contact_author.email              wwwang@njau.edu.cn 
_pdbx_contact_author.name_first         Weiwu 
_pdbx_contact_author.name_last          Wang 
_pdbx_contact_author.name_mi            ? 
_pdbx_contact_author.role               'principal investigator/group leader' 
_pdbx_contact_author.identifier_ORCID   0000-0001-6922-9207 
# 
loop_
_pdbx_nonpoly_scheme.asym_id 
_pdbx_nonpoly_scheme.entity_id 
_pdbx_nonpoly_scheme.mon_id 
_pdbx_nonpoly_scheme.ndb_seq_num 
_pdbx_nonpoly_scheme.pdb_seq_num 
_pdbx_nonpoly_scheme.auth_seq_num 
_pdbx_nonpoly_scheme.pdb_mon_id 
_pdbx_nonpoly_scheme.auth_mon_id 
_pdbx_nonpoly_scheme.pdb_strand_id 
_pdbx_nonpoly_scheme.pdb_ins_code 
C 2 HOH 1   101 79  HOH HOH A . 
C 2 HOH 2   102 95  HOH HOH A . 
C 2 HOH 3   103 48  HOH HOH A . 
C 2 HOH 4   104 56  HOH HOH A . 
C 2 HOH 5   105 210 HOH HOH A . 
C 2 HOH 6   106 32  HOH HOH A . 
C 2 HOH 7   107 126 HOH HOH A . 
C 2 HOH 8   108 97  HOH HOH A . 
C 2 HOH 9   109 23  HOH HOH A . 
C 2 HOH 10  110 152 HOH HOH A . 
C 2 HOH 11  111 178 HOH HOH A . 
C 2 HOH 12  112 12  HOH HOH A . 
C 2 HOH 13  113 182 HOH HOH A . 
C 2 HOH 14  114 77  HOH HOH A . 
C 2 HOH 15  115 102 HOH HOH A . 
C 2 HOH 16  116 68  HOH HOH A . 
C 2 HOH 17  117 124 HOH HOH A . 
C 2 HOH 18  118 163 HOH HOH A . 
C 2 HOH 19  119 31  HOH HOH A . 
C 2 HOH 20  120 78  HOH HOH A . 
C 2 HOH 21  121 234 HOH HOH A . 
C 2 HOH 22  122 34  HOH HOH A . 
C 2 HOH 23  123 140 HOH HOH A . 
C 2 HOH 24  124 151 HOH HOH A . 
C 2 HOH 25  125 117 HOH HOH A . 
C 2 HOH 26  126 115 HOH HOH A . 
C 2 HOH 27  127 84  HOH HOH A . 
C 2 HOH 28  128 141 HOH HOH A . 
C 2 HOH 29  129 138 HOH HOH A . 
C 2 HOH 30  130 136 HOH HOH A . 
C 2 HOH 31  131 149 HOH HOH A . 
C 2 HOH 32  132 76  HOH HOH A . 
C 2 HOH 33  133 116 HOH HOH A . 
C 2 HOH 34  134 36  HOH HOH A . 
C 2 HOH 35  135 22  HOH HOH A . 
C 2 HOH 36  136 120 HOH HOH A . 
C 2 HOH 37  137 15  HOH HOH A . 
C 2 HOH 38  138 40  HOH HOH A . 
C 2 HOH 39  139 175 HOH HOH A . 
C 2 HOH 40  140 1   HOH HOH A . 
C 2 HOH 41  141 98  HOH HOH A . 
C 2 HOH 42  142 134 HOH HOH A . 
C 2 HOH 43  143 91  HOH HOH A . 
C 2 HOH 44  144 4   HOH HOH A . 
C 2 HOH 45  145 17  HOH HOH A . 
C 2 HOH 46  146 128 HOH HOH A . 
C 2 HOH 47  147 67  HOH HOH A . 
C 2 HOH 48  148 13  HOH HOH A . 
C 2 HOH 49  149 42  HOH HOH A . 
C 2 HOH 50  150 204 HOH HOH A . 
C 2 HOH 51  151 54  HOH HOH A . 
C 2 HOH 52  152 90  HOH HOH A . 
C 2 HOH 53  153 21  HOH HOH A . 
C 2 HOH 54  154 37  HOH HOH A . 
C 2 HOH 55  155 66  HOH HOH A . 
C 2 HOH 56  156 46  HOH HOH A . 
C 2 HOH 57  157 53  HOH HOH A . 
C 2 HOH 58  158 73  HOH HOH A . 
C 2 HOH 59  159 41  HOH HOH A . 
C 2 HOH 60  160 105 HOH HOH A . 
C 2 HOH 61  161 155 HOH HOH A . 
C 2 HOH 62  162 113 HOH HOH A . 
C 2 HOH 63  163 99  HOH HOH A . 
C 2 HOH 64  164 103 HOH HOH A . 
C 2 HOH 65  165 230 HOH HOH A . 
C 2 HOH 66  166 44  HOH HOH A . 
C 2 HOH 67  167 8   HOH HOH A . 
C 2 HOH 68  168 144 HOH HOH A . 
C 2 HOH 69  169 47  HOH HOH A . 
C 2 HOH 70  170 125 HOH HOH A . 
C 2 HOH 71  171 146 HOH HOH A . 
C 2 HOH 72  172 92  HOH HOH A . 
C 2 HOH 73  173 213 HOH HOH A . 
C 2 HOH 74  174 148 HOH HOH A . 
C 2 HOH 75  175 65  HOH HOH A . 
C 2 HOH 76  176 100 HOH HOH A . 
C 2 HOH 77  177 82  HOH HOH A . 
C 2 HOH 78  178 172 HOH HOH A . 
C 2 HOH 79  179 209 HOH HOH A . 
C 2 HOH 80  180 123 HOH HOH A . 
C 2 HOH 81  181 5   HOH HOH A . 
C 2 HOH 82  182 132 HOH HOH A . 
C 2 HOH 83  183 231 HOH HOH A . 
C 2 HOH 84  184 193 HOH HOH A . 
C 2 HOH 85  185 219 HOH HOH A . 
C 2 HOH 86  186 186 HOH HOH A . 
C 2 HOH 87  187 59  HOH HOH A . 
C 2 HOH 88  188 94  HOH HOH A . 
C 2 HOH 89  189 64  HOH HOH A . 
C 2 HOH 90  190 35  HOH HOH A . 
C 2 HOH 91  191 224 HOH HOH A . 
C 2 HOH 92  192 181 HOH HOH A . 
C 2 HOH 93  193 93  HOH HOH A . 
C 2 HOH 94  194 203 HOH HOH A . 
C 2 HOH 95  195 220 HOH HOH A . 
C 2 HOH 96  196 135 HOH HOH A . 
C 2 HOH 97  197 139 HOH HOH A . 
C 2 HOH 98  198 159 HOH HOH A . 
C 2 HOH 99  199 195 HOH HOH A . 
C 2 HOH 100 200 129 HOH HOH A . 
C 2 HOH 101 201 162 HOH HOH A . 
C 2 HOH 102 202 207 HOH HOH A . 
C 2 HOH 103 203 202 HOH HOH A . 
C 2 HOH 104 204 52  HOH HOH A . 
C 2 HOH 105 205 225 HOH HOH A . 
C 2 HOH 106 206 227 HOH HOH A . 
C 2 HOH 107 207 160 HOH HOH A . 
C 2 HOH 108 208 184 HOH HOH A . 
C 2 HOH 109 209 206 HOH HOH A . 
C 2 HOH 110 210 158 HOH HOH A . 
C 2 HOH 111 211 200 HOH HOH A . 
C 2 HOH 112 212 130 HOH HOH A . 
C 2 HOH 113 213 49  HOH HOH A . 
C 2 HOH 114 214 75  HOH HOH A . 
C 2 HOH 115 215 80  HOH HOH A . 
C 2 HOH 116 216 131 HOH HOH A . 
C 2 HOH 117 217 165 HOH HOH A . 
C 2 HOH 118 218 145 HOH HOH A . 
C 2 HOH 119 219 157 HOH HOH A . 
D 2 HOH 1   101 233 HOH HOH B . 
D 2 HOH 2   102 216 HOH HOH B . 
D 2 HOH 3   103 232 HOH HOH B . 
D 2 HOH 4   104 177 HOH HOH B . 
D 2 HOH 5   105 112 HOH HOH B . 
D 2 HOH 6   106 161 HOH HOH B . 
D 2 HOH 7   107 55  HOH HOH B . 
D 2 HOH 8   108 218 HOH HOH B . 
D 2 HOH 9   109 25  HOH HOH B . 
D 2 HOH 10  110 168 HOH HOH B . 
D 2 HOH 11  111 39  HOH HOH B . 
D 2 HOH 12  112 33  HOH HOH B . 
D 2 HOH 13  113 2   HOH HOH B . 
D 2 HOH 14  114 24  HOH HOH B . 
D 2 HOH 15  115 143 HOH HOH B . 
D 2 HOH 16  116 83  HOH HOH B . 
D 2 HOH 17  117 121 HOH HOH B . 
D 2 HOH 18  118 166 HOH HOH B . 
D 2 HOH 19  119 27  HOH HOH B . 
D 2 HOH 20  120 85  HOH HOH B . 
D 2 HOH 21  121 173 HOH HOH B . 
D 2 HOH 22  122 87  HOH HOH B . 
D 2 HOH 23  123 69  HOH HOH B . 
D 2 HOH 24  124 180 HOH HOH B . 
D 2 HOH 25  125 205 HOH HOH B . 
D 2 HOH 26  126 26  HOH HOH B . 
D 2 HOH 27  127 29  HOH HOH B . 
D 2 HOH 28  128 28  HOH HOH B . 
D 2 HOH 29  129 58  HOH HOH B . 
D 2 HOH 30  130 70  HOH HOH B . 
D 2 HOH 31  131 19  HOH HOH B . 
D 2 HOH 32  132 164 HOH HOH B . 
D 2 HOH 33  133 57  HOH HOH B . 
D 2 HOH 34  134 104 HOH HOH B . 
D 2 HOH 35  135 62  HOH HOH B . 
D 2 HOH 36  136 50  HOH HOH B . 
D 2 HOH 37  137 11  HOH HOH B . 
D 2 HOH 38  138 63  HOH HOH B . 
D 2 HOH 39  139 86  HOH HOH B . 
D 2 HOH 40  140 242 HOH HOH B . 
D 2 HOH 41  141 20  HOH HOH B . 
D 2 HOH 42  142 201 HOH HOH B . 
D 2 HOH 43  143 3   HOH HOH B . 
D 2 HOH 44  144 222 HOH HOH B . 
D 2 HOH 45  145 239 HOH HOH B . 
D 2 HOH 46  146 45  HOH HOH B . 
D 2 HOH 47  147 89  HOH HOH B . 
D 2 HOH 48  148 18  HOH HOH B . 
D 2 HOH 49  149 88  HOH HOH B . 
D 2 HOH 50  150 185 HOH HOH B . 
D 2 HOH 51  151 14  HOH HOH B . 
D 2 HOH 52  152 147 HOH HOH B . 
D 2 HOH 53  153 30  HOH HOH B . 
D 2 HOH 54  154 179 HOH HOH B . 
D 2 HOH 55  155 192 HOH HOH B . 
D 2 HOH 56  156 10  HOH HOH B . 
D 2 HOH 57  157 9   HOH HOH B . 
D 2 HOH 58  158 194 HOH HOH B . 
D 2 HOH 59  159 188 HOH HOH B . 
D 2 HOH 60  160 6   HOH HOH B . 
D 2 HOH 61  161 110 HOH HOH B . 
D 2 HOH 62  162 61  HOH HOH B . 
D 2 HOH 63  163 237 HOH HOH B . 
D 2 HOH 64  164 16  HOH HOH B . 
D 2 HOH 65  165 174 HOH HOH B . 
D 2 HOH 66  166 142 HOH HOH B . 
D 2 HOH 67  167 72  HOH HOH B . 
D 2 HOH 68  168 241 HOH HOH B . 
D 2 HOH 69  169 169 HOH HOH B . 
D 2 HOH 70  170 96  HOH HOH B . 
D 2 HOH 71  171 60  HOH HOH B . 
D 2 HOH 72  172 211 HOH HOH B . 
D 2 HOH 73  173 176 HOH HOH B . 
D 2 HOH 74  174 7   HOH HOH B . 
D 2 HOH 75  175 167 HOH HOH B . 
D 2 HOH 76  176 38  HOH HOH B . 
D 2 HOH 77  177 51  HOH HOH B . 
D 2 HOH 78  178 133 HOH HOH B . 
D 2 HOH 79  179 111 HOH HOH B . 
D 2 HOH 80  180 170 HOH HOH B . 
D 2 HOH 81  181 71  HOH HOH B . 
D 2 HOH 82  182 198 HOH HOH B . 
D 2 HOH 83  183 196 HOH HOH B . 
D 2 HOH 84  184 171 HOH HOH B . 
D 2 HOH 85  185 235 HOH HOH B . 
D 2 HOH 86  186 238 HOH HOH B . 
D 2 HOH 87  187 107 HOH HOH B . 
D 2 HOH 88  188 118 HOH HOH B . 
D 2 HOH 89  189 228 HOH HOH B . 
D 2 HOH 90  190 137 HOH HOH B . 
D 2 HOH 91  191 108 HOH HOH B . 
D 2 HOH 92  192 243 HOH HOH B . 
D 2 HOH 93  193 156 HOH HOH B . 
D 2 HOH 94  194 183 HOH HOH B . 
D 2 HOH 95  195 81  HOH HOH B . 
D 2 HOH 96  196 114 HOH HOH B . 
D 2 HOH 97  197 229 HOH HOH B . 
D 2 HOH 98  198 119 HOH HOH B . 
D 2 HOH 99  199 187 HOH HOH B . 
D 2 HOH 100 200 240 HOH HOH B . 
D 2 HOH 101 201 197 HOH HOH B . 
D 2 HOH 102 202 43  HOH HOH B . 
D 2 HOH 103 203 127 HOH HOH B . 
D 2 HOH 104 204 221 HOH HOH B . 
D 2 HOH 105 205 153 HOH HOH B . 
D 2 HOH 106 206 208 HOH HOH B . 
D 2 HOH 107 207 191 HOH HOH B . 
D 2 HOH 108 208 190 HOH HOH B . 
D 2 HOH 109 209 106 HOH HOH B . 
D 2 HOH 110 210 226 HOH HOH B . 
D 2 HOH 111 211 212 HOH HOH B . 
D 2 HOH 112 212 199 HOH HOH B . 
D 2 HOH 113 213 223 HOH HOH B . 
D 2 HOH 114 214 236 HOH HOH B . 
D 2 HOH 115 215 214 HOH HOH B . 
# 
_pdbx_struct_assembly.id                   1 
_pdbx_struct_assembly.details              author_and_software_defined_assembly 
_pdbx_struct_assembly.method_details       PISA 
_pdbx_struct_assembly.oligomeric_details   dimeric 
_pdbx_struct_assembly.oligomeric_count     2 
# 
_pdbx_struct_assembly_gen.assembly_id       1 
_pdbx_struct_assembly_gen.oper_expression   1 
_pdbx_struct_assembly_gen.asym_id_list      A,B,C,D 
# 
loop_
_pdbx_struct_assembly_prop.biol_id 
_pdbx_struct_assembly_prop.type 
_pdbx_struct_assembly_prop.value 
_pdbx_struct_assembly_prop.details 
1 'ABSA (A^2)' 2670  ? 
1 MORE         -24   ? 
1 'SSA (A^2)'  10440 ? 
# 
_pdbx_struct_oper_list.id                   1 
_pdbx_struct_oper_list.type                 'identity operation' 
_pdbx_struct_oper_list.name                 1_555 
_pdbx_struct_oper_list.symmetry_operation   x,y,z 
_pdbx_struct_oper_list.matrix[1][1]         1.0000000000 
_pdbx_struct_oper_list.matrix[1][2]         0.0000000000 
_pdbx_struct_oper_list.matrix[1][3]         0.0000000000 
_pdbx_struct_oper_list.vector[1]            0.0000000000 
_pdbx_struct_oper_list.matrix[2][1]         0.0000000000 
_pdbx_struct_oper_list.matrix[2][2]         1.0000000000 
_pdbx_struct_oper_list.matrix[2][3]         0.0000000000 
_pdbx_struct_oper_list.vector[2]            0.0000000000 
_pdbx_struct_oper_list.matrix[3][1]         0.0000000000 
_pdbx_struct_oper_list.matrix[3][2]         0.0000000000 
_pdbx_struct_oper_list.matrix[3][3]         1.0000000000 
_pdbx_struct_oper_list.vector[3]            0.0000000000 
# 
loop_
_pdbx_audit_revision_history.ordinal 
_pdbx_audit_revision_history.data_content_type 
_pdbx_audit_revision_history.major_revision 
_pdbx_audit_revision_history.minor_revision 
_pdbx_audit_revision_history.revision_date 
1 'Structure model' 1 0 2023-05-10 
2 'Structure model' 1 1 2023-11-29 
# 
_pdbx_audit_revision_details.ordinal             1 
_pdbx_audit_revision_details.revision_ordinal    1 
_pdbx_audit_revision_details.data_content_type   'Structure model' 
_pdbx_audit_revision_details.provider            repository 
_pdbx_audit_revision_details.type                'Initial release' 
_pdbx_audit_revision_details.description         ? 
_pdbx_audit_revision_details.details             ? 
# 
loop_
_pdbx_audit_revision_group.ordinal 
_pdbx_audit_revision_group.revision_ordinal 
_pdbx_audit_revision_group.data_content_type 
_pdbx_audit_revision_group.group 
1 2 'Structure model' 'Data collection'        
2 2 'Structure model' 'Refinement description' 
# 
loop_
_pdbx_audit_revision_category.ordinal 
_pdbx_audit_revision_category.revision_ordinal 
_pdbx_audit_revision_category.data_content_type 
_pdbx_audit_revision_category.category 
1 2 'Structure model' chem_comp_atom                
2 2 'Structure model' chem_comp_bond                
3 2 'Structure model' pdbx_initial_refinement_model 
# 
loop_
_space_group_symop.id 
_space_group_symop.operation_xyz 
1 x,y,z           
2 x+1/2,-y+1/2,-z 
3 -x,y+1/2,-z+1/2 
4 -x+1/2,-y,z+1/2 
# 
loop_
_software.citation_id 
_software.classification 
_software.compiler_name 
_software.compiler_version 
_software.contact_author 
_software.contact_author_email 
_software.date 
_software.description 
_software.dependencies 
_software.hardware 
_software.language 
_software.location 
_software.mods 
_software.name 
_software.os 
_software.os_version 
_software.type 
_software.version 
_software.pdbx_ordinal 
? refinement       ? ? ? ? ? ? ? ? ? ? ? PHENIX   ? ? ? 1.16 1 
? 'data reduction' ? ? ? ? ? ? ? ? ? ? ? autoPROC ? ? ? .    2 
? 'data scaling'   ? ? ? ? ? ? ? ? ? ? ? Aimless  ? ? ? .    3 
? phasing          ? ? ? ? ? ? ? ? ? ? ? PHASER   ? ? ? .    4 
# 
_pdbx_validate_torsion.id              1 
_pdbx_validate_torsion.PDB_model_num   1 
_pdbx_validate_torsion.auth_comp_id    PHE 
_pdbx_validate_torsion.auth_asym_id    A 
_pdbx_validate_torsion.auth_seq_id     10 
_pdbx_validate_torsion.PDB_ins_code    ? 
_pdbx_validate_torsion.label_alt_id    ? 
_pdbx_validate_torsion.phi             -107.96 
_pdbx_validate_torsion.psi             40.41 
# 
_pdbx_distant_solvent_atoms.id                                1 
_pdbx_distant_solvent_atoms.PDB_model_num                     1 
_pdbx_distant_solvent_atoms.auth_atom_id                      O 
_pdbx_distant_solvent_atoms.label_alt_id                      ? 
_pdbx_distant_solvent_atoms.auth_asym_id                      B 
_pdbx_distant_solvent_atoms.auth_comp_id                      HOH 
_pdbx_distant_solvent_atoms.auth_seq_id                       215 
_pdbx_distant_solvent_atoms.PDB_ins_code                      ? 
_pdbx_distant_solvent_atoms.neighbor_macromolecule_distance   5.96 
_pdbx_distant_solvent_atoms.neighbor_ligand_distance          . 
# 
loop_
_pdbx_unobs_or_zero_occ_residues.id 
_pdbx_unobs_or_zero_occ_residues.PDB_model_num 
_pdbx_unobs_or_zero_occ_residues.polymer_flag 
_pdbx_unobs_or_zero_occ_residues.occupancy_flag 
_pdbx_unobs_or_zero_occ_residues.auth_asym_id 
_pdbx_unobs_or_zero_occ_residues.auth_comp_id 
_pdbx_unobs_or_zero_occ_residues.auth_seq_id 
_pdbx_unobs_or_zero_occ_residues.PDB_ins_code 
_pdbx_unobs_or_zero_occ_residues.label_asym_id 
_pdbx_unobs_or_zero_occ_residues.label_comp_id 
_pdbx_unobs_or_zero_occ_residues.label_seq_id 
1  1 Y 1 A GLY 0 ? A GLY 1 
2  1 Y 1 A MET 1 ? A MET 2 
3  1 Y 1 A GLY 2 ? A GLY 3 
4  1 Y 1 A PHE 3 ? A PHE 4 
5  1 Y 1 A GLU 4 ? A GLU 5 
6  1 Y 1 A GLU 5 ? A GLU 6 
7  1 Y 1 A GLU 6 ? A GLU 7 
8  1 Y 1 A GLU 7 ? A GLU 8 
9  1 Y 1 B GLY 0 ? B GLY 1 
10 1 Y 1 B MET 1 ? B MET 2 
11 1 Y 1 B GLY 2 ? B GLY 3 
12 1 Y 1 B PHE 3 ? B PHE 4 
13 1 Y 1 B GLU 4 ? B GLU 5 
14 1 Y 1 B GLU 5 ? B GLU 6 
# 
loop_
_chem_comp_atom.comp_id 
_chem_comp_atom.atom_id 
_chem_comp_atom.type_symbol 
_chem_comp_atom.pdbx_aromatic_flag 
_chem_comp_atom.pdbx_stereo_config 
_chem_comp_atom.pdbx_ordinal 
ALA N    N N N 1   
ALA CA   C N S 2   
ALA C    C N N 3   
ALA O    O N N 4   
ALA CB   C N N 5   
ALA OXT  O N N 6   
ALA H    H N N 7   
ALA H2   H N N 8   
ALA HA   H N N 9   
ALA HB1  H N N 10  
ALA HB2  H N N 11  
ALA HB3  H N N 12  
ALA HXT  H N N 13  
ARG N    N N N 14  
ARG CA   C N S 15  
ARG C    C N N 16  
ARG O    O N N 17  
ARG CB   C N N 18  
ARG CG   C N N 19  
ARG CD   C N N 20  
ARG NE   N N N 21  
ARG CZ   C N N 22  
ARG NH1  N N N 23  
ARG NH2  N N N 24  
ARG OXT  O N N 25  
ARG H    H N N 26  
ARG H2   H N N 27  
ARG HA   H N N 28  
ARG HB2  H N N 29  
ARG HB3  H N N 30  
ARG HG2  H N N 31  
ARG HG3  H N N 32  
ARG HD2  H N N 33  
ARG HD3  H N N 34  
ARG HE   H N N 35  
ARG HH11 H N N 36  
ARG HH12 H N N 37  
ARG HH21 H N N 38  
ARG HH22 H N N 39  
ARG HXT  H N N 40  
ASN N    N N N 41  
ASN CA   C N S 42  
ASN C    C N N 43  
ASN O    O N N 44  
ASN CB   C N N 45  
ASN CG   C N N 46  
ASN OD1  O N N 47  
ASN ND2  N N N 48  
ASN OXT  O N N 49  
ASN H    H N N 50  
ASN H2   H N N 51  
ASN HA   H N N 52  
ASN HB2  H N N 53  
ASN HB3  H N N 54  
ASN HD21 H N N 55  
ASN HD22 H N N 56  
ASN HXT  H N N 57  
ASP N    N N N 58  
ASP CA   C N S 59  
ASP C    C N N 60  
ASP O    O N N 61  
ASP CB   C N N 62  
ASP CG   C N N 63  
ASP OD1  O N N 64  
ASP OD2  O N N 65  
ASP OXT  O N N 66  
ASP H    H N N 67  
ASP H2   H N N 68  
ASP HA   H N N 69  
ASP HB2  H N N 70  
ASP HB3  H N N 71  
ASP HD2  H N N 72  
ASP HXT  H N N 73  
GLN N    N N N 74  
GLN CA   C N S 75  
GLN C    C N N 76  
GLN O    O N N 77  
GLN CB   C N N 78  
GLN CG   C N N 79  
GLN CD   C N N 80  
GLN OE1  O N N 81  
GLN NE2  N N N 82  
GLN OXT  O N N 83  
GLN H    H N N 84  
GLN H2   H N N 85  
GLN HA   H N N 86  
GLN HB2  H N N 87  
GLN HB3  H N N 88  
GLN HG2  H N N 89  
GLN HG3  H N N 90  
GLN HE21 H N N 91  
GLN HE22 H N N 92  
GLN HXT  H N N 93  
GLU N    N N N 94  
GLU CA   C N S 95  
GLU C    C N N 96  
GLU O    O N N 97  
GLU CB   C N N 98  
GLU CG   C N N 99  
GLU CD   C N N 100 
GLU OE1  O N N 101 
GLU OE2  O N N 102 
GLU OXT  O N N 103 
GLU H    H N N 104 
GLU H2   H N N 105 
GLU HA   H N N 106 
GLU HB2  H N N 107 
GLU HB3  H N N 108 
GLU HG2  H N N 109 
GLU HG3  H N N 110 
GLU HE2  H N N 111 
GLU HXT  H N N 112 
GLY N    N N N 113 
GLY CA   C N N 114 
GLY C    C N N 115 
GLY O    O N N 116 
GLY OXT  O N N 117 
GLY H    H N N 118 
GLY H2   H N N 119 
GLY HA2  H N N 120 
GLY HA3  H N N 121 
GLY HXT  H N N 122 
HIS N    N N N 123 
HIS CA   C N S 124 
HIS C    C N N 125 
HIS O    O N N 126 
HIS CB   C N N 127 
HIS CG   C Y N 128 
HIS ND1  N Y N 129 
HIS CD2  C Y N 130 
HIS CE1  C Y N 131 
HIS NE2  N Y N 132 
HIS OXT  O N N 133 
HIS H    H N N 134 
HIS H2   H N N 135 
HIS HA   H N N 136 
HIS HB2  H N N 137 
HIS HB3  H N N 138 
HIS HD1  H N N 139 
HIS HD2  H N N 140 
HIS HE1  H N N 141 
HIS HE2  H N N 142 
HIS HXT  H N N 143 
HOH O    O N N 144 
HOH H1   H N N 145 
HOH H2   H N N 146 
ILE N    N N N 147 
ILE CA   C N S 148 
ILE C    C N N 149 
ILE O    O N N 150 
ILE CB   C N S 151 
ILE CG1  C N N 152 
ILE CG2  C N N 153 
ILE CD1  C N N 154 
ILE OXT  O N N 155 
ILE H    H N N 156 
ILE H2   H N N 157 
ILE HA   H N N 158 
ILE HB   H N N 159 
ILE HG12 H N N 160 
ILE HG13 H N N 161 
ILE HG21 H N N 162 
ILE HG22 H N N 163 
ILE HG23 H N N 164 
ILE HD11 H N N 165 
ILE HD12 H N N 166 
ILE HD13 H N N 167 
ILE HXT  H N N 168 
LEU N    N N N 169 
LEU CA   C N S 170 
LEU C    C N N 171 
LEU O    O N N 172 
LEU CB   C N N 173 
LEU CG   C N N 174 
LEU CD1  C N N 175 
LEU CD2  C N N 176 
LEU OXT  O N N 177 
LEU H    H N N 178 
LEU H2   H N N 179 
LEU HA   H N N 180 
LEU HB2  H N N 181 
LEU HB3  H N N 182 
LEU HG   H N N 183 
LEU HD11 H N N 184 
LEU HD12 H N N 185 
LEU HD13 H N N 186 
LEU HD21 H N N 187 
LEU HD22 H N N 188 
LEU HD23 H N N 189 
LEU HXT  H N N 190 
LYS N    N N N 191 
LYS CA   C N S 192 
LYS C    C N N 193 
LYS O    O N N 194 
LYS CB   C N N 195 
LYS CG   C N N 196 
LYS CD   C N N 197 
LYS CE   C N N 198 
LYS NZ   N N N 199 
LYS OXT  O N N 200 
LYS H    H N N 201 
LYS H2   H N N 202 
LYS HA   H N N 203 
LYS HB2  H N N 204 
LYS HB3  H N N 205 
LYS HG2  H N N 206 
LYS HG3  H N N 207 
LYS HD2  H N N 208 
LYS HD3  H N N 209 
LYS HE2  H N N 210 
LYS HE3  H N N 211 
LYS HZ1  H N N 212 
LYS HZ2  H N N 213 
LYS HZ3  H N N 214 
LYS HXT  H N N 215 
MET N    N N N 216 
MET CA   C N S 217 
MET C    C N N 218 
MET O    O N N 219 
MET CB   C N N 220 
MET CG   C N N 221 
MET SD   S N N 222 
MET CE   C N N 223 
MET OXT  O N N 224 
MET H    H N N 225 
MET H2   H N N 226 
MET HA   H N N 227 
MET HB2  H N N 228 
MET HB3  H N N 229 
MET HG2  H N N 230 
MET HG3  H N N 231 
MET HE1  H N N 232 
MET HE2  H N N 233 
MET HE3  H N N 234 
MET HXT  H N N 235 
PHE N    N N N 236 
PHE CA   C N S 237 
PHE C    C N N 238 
PHE O    O N N 239 
PHE CB   C N N 240 
PHE CG   C Y N 241 
PHE CD1  C Y N 242 
PHE CD2  C Y N 243 
PHE CE1  C Y N 244 
PHE CE2  C Y N 245 
PHE CZ   C Y N 246 
PHE OXT  O N N 247 
PHE H    H N N 248 
PHE H2   H N N 249 
PHE HA   H N N 250 
PHE HB2  H N N 251 
PHE HB3  H N N 252 
PHE HD1  H N N 253 
PHE HD2  H N N 254 
PHE HE1  H N N 255 
PHE HE2  H N N 256 
PHE HZ   H N N 257 
PHE HXT  H N N 258 
PRO N    N N N 259 
PRO CA   C N S 260 
PRO C    C N N 261 
PRO O    O N N 262 
PRO CB   C N N 263 
PRO CG   C N N 264 
PRO CD   C N N 265 
PRO OXT  O N N 266 
PRO H    H N N 267 
PRO HA   H N N 268 
PRO HB2  H N N 269 
PRO HB3  H N N 270 
PRO HG2  H N N 271 
PRO HG3  H N N 272 
PRO HD2  H N N 273 
PRO HD3  H N N 274 
PRO HXT  H N N 275 
SER N    N N N 276 
SER CA   C N S 277 
SER C    C N N 278 
SER O    O N N 279 
SER CB   C N N 280 
SER OG   O N N 281 
SER OXT  O N N 282 
SER H    H N N 283 
SER H2   H N N 284 
SER HA   H N N 285 
SER HB2  H N N 286 
SER HB3  H N N 287 
SER HG   H N N 288 
SER HXT  H N N 289 
THR N    N N N 290 
THR CA   C N S 291 
THR C    C N N 292 
THR O    O N N 293 
THR CB   C N R 294 
THR OG1  O N N 295 
THR CG2  C N N 296 
THR OXT  O N N 297 
THR H    H N N 298 
THR H2   H N N 299 
THR HA   H N N 300 
THR HB   H N N 301 
THR HG1  H N N 302 
THR HG21 H N N 303 
THR HG22 H N N 304 
THR HG23 H N N 305 
THR HXT  H N N 306 
TYR N    N N N 307 
TYR CA   C N S 308 
TYR C    C N N 309 
TYR O    O N N 310 
TYR CB   C N N 311 
TYR CG   C Y N 312 
TYR CD1  C Y N 313 
TYR CD2  C Y N 314 
TYR CE1  C Y N 315 
TYR CE2  C Y N 316 
TYR CZ   C Y N 317 
TYR OH   O N N 318 
TYR OXT  O N N 319 
TYR H    H N N 320 
TYR H2   H N N 321 
TYR HA   H N N 322 
TYR HB2  H N N 323 
TYR HB3  H N N 324 
TYR HD1  H N N 325 
TYR HD2  H N N 326 
TYR HE1  H N N 327 
TYR HE2  H N N 328 
TYR HH   H N N 329 
TYR HXT  H N N 330 
VAL N    N N N 331 
VAL CA   C N S 332 
VAL C    C N N 333 
VAL O    O N N 334 
VAL CB   C N N 335 
VAL CG1  C N N 336 
VAL CG2  C N N 337 
VAL OXT  O N N 338 
VAL H    H N N 339 
VAL H2   H N N 340 
VAL HA   H N N 341 
VAL HB   H N N 342 
VAL HG11 H N N 343 
VAL HG12 H N N 344 
VAL HG13 H N N 345 
VAL HG21 H N N 346 
VAL HG22 H N N 347 
VAL HG23 H N N 348 
VAL HXT  H N N 349 
# 
loop_
_chem_comp_bond.comp_id 
_chem_comp_bond.atom_id_1 
_chem_comp_bond.atom_id_2 
_chem_comp_bond.value_order 
_chem_comp_bond.pdbx_aromatic_flag 
_chem_comp_bond.pdbx_stereo_config 
_chem_comp_bond.pdbx_ordinal 
ALA N   CA   sing N N 1   
ALA N   H    sing N N 2   
ALA N   H2   sing N N 3   
ALA CA  C    sing N N 4   
ALA CA  CB   sing N N 5   
ALA CA  HA   sing N N 6   
ALA C   O    doub N N 7   
ALA C   OXT  sing N N 8   
ALA CB  HB1  sing N N 9   
ALA CB  HB2  sing N N 10  
ALA CB  HB3  sing N N 11  
ALA OXT HXT  sing N N 12  
ARG N   CA   sing N N 13  
ARG N   H    sing N N 14  
ARG N   H2   sing N N 15  
ARG CA  C    sing N N 16  
ARG CA  CB   sing N N 17  
ARG CA  HA   sing N N 18  
ARG C   O    doub N N 19  
ARG C   OXT  sing N N 20  
ARG CB  CG   sing N N 21  
ARG CB  HB2  sing N N 22  
ARG CB  HB3  sing N N 23  
ARG CG  CD   sing N N 24  
ARG CG  HG2  sing N N 25  
ARG CG  HG3  sing N N 26  
ARG CD  NE   sing N N 27  
ARG CD  HD2  sing N N 28  
ARG CD  HD3  sing N N 29  
ARG NE  CZ   sing N N 30  
ARG NE  HE   sing N N 31  
ARG CZ  NH1  sing N N 32  
ARG CZ  NH2  doub N N 33  
ARG NH1 HH11 sing N N 34  
ARG NH1 HH12 sing N N 35  
ARG NH2 HH21 sing N N 36  
ARG NH2 HH22 sing N N 37  
ARG OXT HXT  sing N N 38  
ASN N   CA   sing N N 39  
ASN N   H    sing N N 40  
ASN N   H2   sing N N 41  
ASN CA  C    sing N N 42  
ASN CA  CB   sing N N 43  
ASN CA  HA   sing N N 44  
ASN C   O    doub N N 45  
ASN C   OXT  sing N N 46  
ASN CB  CG   sing N N 47  
ASN CB  HB2  sing N N 48  
ASN CB  HB3  sing N N 49  
ASN CG  OD1  doub N N 50  
ASN CG  ND2  sing N N 51  
ASN ND2 HD21 sing N N 52  
ASN ND2 HD22 sing N N 53  
ASN OXT HXT  sing N N 54  
ASP N   CA   sing N N 55  
ASP N   H    sing N N 56  
ASP N   H2   sing N N 57  
ASP CA  C    sing N N 58  
ASP CA  CB   sing N N 59  
ASP CA  HA   sing N N 60  
ASP C   O    doub N N 61  
ASP C   OXT  sing N N 62  
ASP CB  CG   sing N N 63  
ASP CB  HB2  sing N N 64  
ASP CB  HB3  sing N N 65  
ASP CG  OD1  doub N N 66  
ASP CG  OD2  sing N N 67  
ASP OD2 HD2  sing N N 68  
ASP OXT HXT  sing N N 69  
GLN N   CA   sing N N 70  
GLN N   H    sing N N 71  
GLN N   H2   sing N N 72  
GLN CA  C    sing N N 73  
GLN CA  CB   sing N N 74  
GLN CA  HA   sing N N 75  
GLN C   O    doub N N 76  
GLN C   OXT  sing N N 77  
GLN CB  CG   sing N N 78  
GLN CB  HB2  sing N N 79  
GLN CB  HB3  sing N N 80  
GLN CG  CD   sing N N 81  
GLN CG  HG2  sing N N 82  
GLN CG  HG3  sing N N 83  
GLN CD  OE1  doub N N 84  
GLN CD  NE2  sing N N 85  
GLN NE2 HE21 sing N N 86  
GLN NE2 HE22 sing N N 87  
GLN OXT HXT  sing N N 88  
GLU N   CA   sing N N 89  
GLU N   H    sing N N 90  
GLU N   H2   sing N N 91  
GLU CA  C    sing N N 92  
GLU CA  CB   sing N N 93  
GLU CA  HA   sing N N 94  
GLU C   O    doub N N 95  
GLU C   OXT  sing N N 96  
GLU CB  CG   sing N N 97  
GLU CB  HB2  sing N N 98  
GLU CB  HB3  sing N N 99  
GLU CG  CD   sing N N 100 
GLU CG  HG2  sing N N 101 
GLU CG  HG3  sing N N 102 
GLU CD  OE1  doub N N 103 
GLU CD  OE2  sing N N 104 
GLU OE2 HE2  sing N N 105 
GLU OXT HXT  sing N N 106 
GLY N   CA   sing N N 107 
GLY N   H    sing N N 108 
GLY N   H2   sing N N 109 
GLY CA  C    sing N N 110 
GLY CA  HA2  sing N N 111 
GLY CA  HA3  sing N N 112 
GLY C   O    doub N N 113 
GLY C   OXT  sing N N 114 
GLY OXT HXT  sing N N 115 
HIS N   CA   sing N N 116 
HIS N   H    sing N N 117 
HIS N   H2   sing N N 118 
HIS CA  C    sing N N 119 
HIS CA  CB   sing N N 120 
HIS CA  HA   sing N N 121 
HIS C   O    doub N N 122 
HIS C   OXT  sing N N 123 
HIS CB  CG   sing N N 124 
HIS CB  HB2  sing N N 125 
HIS CB  HB3  sing N N 126 
HIS CG  ND1  sing Y N 127 
HIS CG  CD2  doub Y N 128 
HIS ND1 CE1  doub Y N 129 
HIS ND1 HD1  sing N N 130 
HIS CD2 NE2  sing Y N 131 
HIS CD2 HD2  sing N N 132 
HIS CE1 NE2  sing Y N 133 
HIS CE1 HE1  sing N N 134 
HIS NE2 HE2  sing N N 135 
HIS OXT HXT  sing N N 136 
HOH O   H1   sing N N 137 
HOH O   H2   sing N N 138 
ILE N   CA   sing N N 139 
ILE N   H    sing N N 140 
ILE N   H2   sing N N 141 
ILE CA  C    sing N N 142 
ILE CA  CB   sing N N 143 
ILE CA  HA   sing N N 144 
ILE C   O    doub N N 145 
ILE C   OXT  sing N N 146 
ILE CB  CG1  sing N N 147 
ILE CB  CG2  sing N N 148 
ILE CB  HB   sing N N 149 
ILE CG1 CD1  sing N N 150 
ILE CG1 HG12 sing N N 151 
ILE CG1 HG13 sing N N 152 
ILE CG2 HG21 sing N N 153 
ILE CG2 HG22 sing N N 154 
ILE CG2 HG23 sing N N 155 
ILE CD1 HD11 sing N N 156 
ILE CD1 HD12 sing N N 157 
ILE CD1 HD13 sing N N 158 
ILE OXT HXT  sing N N 159 
LEU N   CA   sing N N 160 
LEU N   H    sing N N 161 
LEU N   H2   sing N N 162 
LEU CA  C    sing N N 163 
LEU CA  CB   sing N N 164 
LEU CA  HA   sing N N 165 
LEU C   O    doub N N 166 
LEU C   OXT  sing N N 167 
LEU CB  CG   sing N N 168 
LEU CB  HB2  sing N N 169 
LEU CB  HB3  sing N N 170 
LEU CG  CD1  sing N N 171 
LEU CG  CD2  sing N N 172 
LEU CG  HG   sing N N 173 
LEU CD1 HD11 sing N N 174 
LEU CD1 HD12 sing N N 175 
LEU CD1 HD13 sing N N 176 
LEU CD2 HD21 sing N N 177 
LEU CD2 HD22 sing N N 178 
LEU CD2 HD23 sing N N 179 
LEU OXT HXT  sing N N 180 
LYS N   CA   sing N N 181 
LYS N   H    sing N N 182 
LYS N   H2   sing N N 183 
LYS CA  C    sing N N 184 
LYS CA  CB   sing N N 185 
LYS CA  HA   sing N N 186 
LYS C   O    doub N N 187 
LYS C   OXT  sing N N 188 
LYS CB  CG   sing N N 189 
LYS CB  HB2  sing N N 190 
LYS CB  HB3  sing N N 191 
LYS CG  CD   sing N N 192 
LYS CG  HG2  sing N N 193 
LYS CG  HG3  sing N N 194 
LYS CD  CE   sing N N 195 
LYS CD  HD2  sing N N 196 
LYS CD  HD3  sing N N 197 
LYS CE  NZ   sing N N 198 
LYS CE  HE2  sing N N 199 
LYS CE  HE3  sing N N 200 
LYS NZ  HZ1  sing N N 201 
LYS NZ  HZ2  sing N N 202 
LYS NZ  HZ3  sing N N 203 
LYS OXT HXT  sing N N 204 
MET N   CA   sing N N 205 
MET N   H    sing N N 206 
MET N   H2   sing N N 207 
MET CA  C    sing N N 208 
MET CA  CB   sing N N 209 
MET CA  HA   sing N N 210 
MET C   O    doub N N 211 
MET C   OXT  sing N N 212 
MET CB  CG   sing N N 213 
MET CB  HB2  sing N N 214 
MET CB  HB3  sing N N 215 
MET CG  SD   sing N N 216 
MET CG  HG2  sing N N 217 
MET CG  HG3  sing N N 218 
MET SD  CE   sing N N 219 
MET CE  HE1  sing N N 220 
MET CE  HE2  sing N N 221 
MET CE  HE3  sing N N 222 
MET OXT HXT  sing N N 223 
PHE N   CA   sing N N 224 
PHE N   H    sing N N 225 
PHE N   H2   sing N N 226 
PHE CA  C    sing N N 227 
PHE CA  CB   sing N N 228 
PHE CA  HA   sing N N 229 
PHE C   O    doub N N 230 
PHE C   OXT  sing N N 231 
PHE CB  CG   sing N N 232 
PHE CB  HB2  sing N N 233 
PHE CB  HB3  sing N N 234 
PHE CG  CD1  doub Y N 235 
PHE CG  CD2  sing Y N 236 
PHE CD1 CE1  sing Y N 237 
PHE CD1 HD1  sing N N 238 
PHE CD2 CE2  doub Y N 239 
PHE CD2 HD2  sing N N 240 
PHE CE1 CZ   doub Y N 241 
PHE CE1 HE1  sing N N 242 
PHE CE2 CZ   sing Y N 243 
PHE CE2 HE2  sing N N 244 
PHE CZ  HZ   sing N N 245 
PHE OXT HXT  sing N N 246 
PRO N   CA   sing N N 247 
PRO N   CD   sing N N 248 
PRO N   H    sing N N 249 
PRO CA  C    sing N N 250 
PRO CA  CB   sing N N 251 
PRO CA  HA   sing N N 252 
PRO C   O    doub N N 253 
PRO C   OXT  sing N N 254 
PRO CB  CG   sing N N 255 
PRO CB  HB2  sing N N 256 
PRO CB  HB3  sing N N 257 
PRO CG  CD   sing N N 258 
PRO CG  HG2  sing N N 259 
PRO CG  HG3  sing N N 260 
PRO CD  HD2  sing N N 261 
PRO CD  HD3  sing N N 262 
PRO OXT HXT  sing N N 263 
SER N   CA   sing N N 264 
SER N   H    sing N N 265 
SER N   H2   sing N N 266 
SER CA  C    sing N N 267 
SER CA  CB   sing N N 268 
SER CA  HA   sing N N 269 
SER C   O    doub N N 270 
SER C   OXT  sing N N 271 
SER CB  OG   sing N N 272 
SER CB  HB2  sing N N 273 
SER CB  HB3  sing N N 274 
SER OG  HG   sing N N 275 
SER OXT HXT  sing N N 276 
THR N   CA   sing N N 277 
THR N   H    sing N N 278 
THR N   H2   sing N N 279 
THR CA  C    sing N N 280 
THR CA  CB   sing N N 281 
THR CA  HA   sing N N 282 
THR C   O    doub N N 283 
THR C   OXT  sing N N 284 
THR CB  OG1  sing N N 285 
THR CB  CG2  sing N N 286 
THR CB  HB   sing N N 287 
THR OG1 HG1  sing N N 288 
THR CG2 HG21 sing N N 289 
THR CG2 HG22 sing N N 290 
THR CG2 HG23 sing N N 291 
THR OXT HXT  sing N N 292 
TYR N   CA   sing N N 293 
TYR N   H    sing N N 294 
TYR N   H2   sing N N 295 
TYR CA  C    sing N N 296 
TYR CA  CB   sing N N 297 
TYR CA  HA   sing N N 298 
TYR C   O    doub N N 299 
TYR C   OXT  sing N N 300 
TYR CB  CG   sing N N 301 
TYR CB  HB2  sing N N 302 
TYR CB  HB3  sing N N 303 
TYR CG  CD1  doub Y N 304 
TYR CG  CD2  sing Y N 305 
TYR CD1 CE1  sing Y N 306 
TYR CD1 HD1  sing N N 307 
TYR CD2 CE2  doub Y N 308 
TYR CD2 HD2  sing N N 309 
TYR CE1 CZ   doub Y N 310 
TYR CE1 HE1  sing N N 311 
TYR CE2 CZ   sing Y N 312 
TYR CE2 HE2  sing N N 313 
TYR CZ  OH   sing N N 314 
TYR OH  HH   sing N N 315 
TYR OXT HXT  sing N N 316 
VAL N   CA   sing N N 317 
VAL N   H    sing N N 318 
VAL N   H2   sing N N 319 
VAL CA  C    sing N N 320 
VAL CA  CB   sing N N 321 
VAL CA  HA   sing N N 322 
VAL C   O    doub N N 323 
VAL C   OXT  sing N N 324 
VAL CB  CG1  sing N N 325 
VAL CB  CG2  sing N N 326 
VAL CB  HB   sing N N 327 
VAL CG1 HG11 sing N N 328 
VAL CG1 HG12 sing N N 329 
VAL CG1 HG13 sing N N 330 
VAL CG2 HG21 sing N N 331 
VAL CG2 HG22 sing N N 332 
VAL CG2 HG23 sing N N 333 
VAL OXT HXT  sing N N 334 
# 
_pdbx_audit_support.funding_organization   'National Natural Science Foundation of China (NSFC)' 
_pdbx_audit_support.country                China 
_pdbx_audit_support.grant_number           31770074 
_pdbx_audit_support.ordinal                1 
# 
_pdbx_entity_nonpoly.entity_id   2 
_pdbx_entity_nonpoly.name        water 
_pdbx_entity_nonpoly.comp_id     HOH 
# 
_pdbx_initial_refinement_model.id               1 
_pdbx_initial_refinement_model.entity_id_list   ? 
_pdbx_initial_refinement_model.type             'experimental model' 
_pdbx_initial_refinement_model.source_name      PDB 
_pdbx_initial_refinement_model.accession_code   5US5 
_pdbx_initial_refinement_model.details          ? 
# 
_pdbx_struct_assembly_auth_evidence.id                     1 
_pdbx_struct_assembly_auth_evidence.assembly_id            1 
_pdbx_struct_assembly_auth_evidence.experimental_support   'gel filtration' 
_pdbx_struct_assembly_auth_evidence.details                ? 
# 
_space_group.crystal_system   orthorhombic 
_space_group.name_H-M_alt     'P 21 21 21' 
_space_group.IT_number        19 
_space_group.name_Hall        'P 2ac 2ab' 
_space_group.id               1 
# 
